data_7O4H
#
_entry.id   7O4H
#
_cell.length_a   1.00
_cell.length_b   1.00
_cell.length_c   1.00
_cell.angle_alpha   90.00
_cell.angle_beta   90.00
_cell.angle_gamma   90.00
#
_symmetry.space_group_name_H-M   'P 1'
#
loop_
_entity.id
_entity.type
_entity.pdbx_description
1 polymer 'cGMP-gated cation channel alpha-1'
2 polymer 'Cyclic nucleotide-gated cation channel beta-1'
#
loop_
_entity_poly.entity_id
_entity_poly.type
_entity_poly.pdbx_seq_one_letter_code
_entity_poly.pdbx_strand_id
1 'polypeptide(L)'
;MKKVIINTWHSFVNIPNVVGPDVEKEITRMENGACSSFSGDDDDSASMFEESETENPHARDSFRSNTHGSGQPSQREQYL
PGAIALFNVNNSSNKEQEPKEKKKKKKEKKSKPDDKNENKKDPEKKKKKEKDKDKKKKEEKGKDKKEEEKKEVVVIDPSG
NTYYNWLFCITLPVMYNWTMIIARACFDELQSDYLEYWLAFDYLSDVVYLLDMFVRTRTGYLEQGLLVKEERKLIDKYKS
TFQFKLDVLSVIPTDLLYIKFGWNYPEIRLNRLLRISRMFEFFQRTETRTNYPNIFRISNLVMYIIIIIHWNACVYFSIS
KAIGFGNDTWVYPDVNDPDFGRLARKYVYSLYWSTLTLTTIGETPPPVRDSEYFFVVADFLIGVLIFATIVGNIGSMISN
MNAARAEFQARIDAIKQYMHFRNVSKDMEKRVIKWFDYLWTNKKTVDEREVLKYLPDKLRAEIAINVHLDTLKKVRIFAD
CEAGLLVELVLKLQPQVYSPGDYICKKGDIGREMYIIKEGKLAVVADDGITQFVVLSDGSYFGEISILNIKGSKAGNRRT
ANIKSIGYSDLFCLSKDDLMEALTEYPDAKGMLEEKGKQILMKDGLLDINIANAGSDPKDLEEKVTRMESSVDLLQTRFA
RILAEYESMQQKLKQRLTKVEKFLKPLIDTEFSAIEGSGTESGPTDSTQD
;
A,B,C
2 'polypeptide(L)'
;MLGWVQRVLPQPPGTPQKTKQEEEGTEPEPELEPKPETAPEETELEEVSLPPEEPCVGKEVAAVTLGPQGTQETALTPPT
SLQAQVSVAPEAHSSPRGWVLTWLRKGVEKVVPQPAHSSRPSQNIAAGLESPDQQAGAQILGQCGTGGSDEPSEPSRAED
PGPGPWLLRWFEQNLEKMLPQPPKISEGWRDEPTDAALGPEPPGPALEIKPMLQAQESPSLPAPGPPEPEEEPIPEPQPT
IQASSLPPPQDSARLMAWILHRLEMALPQPVIRGKGGEQESDAPVTCDVQTISILPGEQEESHLILEEVDPHWEEDEHQE
GSTSTSPRTSEAAPADEEKGKVVEQTPRELPRIQEEKEDEEEEKEDGEEEEEEGREKEEEEGEEKEEEEGREKEEEEGEK
KEEEGREKEEEEGGEKEDEEGREKEEEEGRGKEEEEGGEKEEEEGRGKEEVEGREEEEDEEEEQDHSVLLDSYLVPQSEE
DRSEESETQDQSEVGGAQAQGEVGGAQALSEESETQDQSEVGGAQDQSEVGGAQAQGEVGGAQEQDGVGGAQDQSTSHQE
LQEEALADSSGVPATEEHPELQVEDADADSRPLIAEENPPSPVQLPLSPAKSDTLAVPGSATGSLRKRLPSQDDEAEELK
MLSPAASPVVAWSDPTSPQGTDDQDRATSTASQNSAIINDRLQELVKLFKERTEKVKEKLIDPDVTSDEESPKPSPAKKA
PEPAPEVKPAEAGQVEEEHYCEMLCCKFKRRPWKKYQFPQSIDPLTNLMYILWLFFVVLAWNWNCWLIPVRWAFPYQTPD
NIHLWLLMDYLCDLIYLLDITVFQMRLQFVRGGDIITDKKEMRNNYVKSQRFKMDMLCLLPLDLLYLKFGVNPLLRLPRC
LKYMAFFEFNNRLESILSKAYVYRVIRTTAYLLYSLHLNSCLYYWASAYEGLGSTHWVYDGVGNSYIRCYYWAVKTLITI
GGLPDPRTLFEIVFQGLNYFTGVFAFSVMIGQMRDVVGAATAGQTYYRSCMDSTVKYMNFYKIPRSVQNRVKTWYEYTWH
SQGMLDESELMVQLPDKMRLDLAIDVNYSIVSKVALFQGCDRQMIFDMLKRLRSVVYLPNDYVCKKGEIGREMYIIQAGQ
VQVLGGPDGKSVLVTLKAGSVFGEISLLAVGGGNRRTANVVAHGFTNLFILDKKDLNEILVHYPESQKLLRKKARRMLRN
NNKPKEKSVLILPPRAGTPKLFNAALAAAGKMGAKGGRGGRLALLRARLKELAALEAAARQQQLLEQAKSSEDAAVGEEG
SASPEQPPRPEPPAPEAPAPEPTAPEPLAPEAPAPEAPAPSSPPPASQERPEGDKDAARPEEHPVRIHVTLGPDPSEQIL
LVEVPEKQEEKEKKEEETEEKEEGEEARKEKEEE
;
D
#
# COMPACT_ATOMS: atom_id res chain seq x y z
N VAL A 154 -11.82 33.33 -34.23
CA VAL A 154 -12.32 32.43 -33.19
C VAL A 154 -11.14 31.74 -32.51
N VAL A 155 -11.26 31.54 -31.20
CA VAL A 155 -10.22 30.86 -30.43
C VAL A 155 -10.83 30.28 -29.16
N ILE A 156 -10.52 29.01 -28.88
CA ILE A 156 -11.06 28.30 -27.73
C ILE A 156 -9.92 27.68 -26.96
N ASP A 157 -10.15 27.47 -25.65
CA ASP A 157 -9.19 26.82 -24.78
C ASP A 157 -9.60 25.37 -24.53
N PRO A 158 -8.67 24.43 -24.57
CA PRO A 158 -9.04 23.02 -24.52
C PRO A 158 -9.47 22.54 -23.14
N SER A 159 -9.77 23.47 -22.23
CA SER A 159 -10.28 23.10 -20.90
C SER A 159 -11.36 24.12 -20.51
N GLY A 160 -12.62 23.78 -20.81
CA GLY A 160 -13.73 24.68 -20.54
C GLY A 160 -15.08 24.01 -20.59
N ASN A 161 -16.01 24.48 -19.76
CA ASN A 161 -17.31 23.83 -19.65
C ASN A 161 -18.05 23.82 -20.98
N THR A 162 -17.95 24.90 -21.74
CA THR A 162 -18.57 24.95 -23.05
C THR A 162 -18.02 23.85 -23.96
N TYR A 163 -16.71 23.62 -23.88
CA TYR A 163 -16.10 22.56 -24.66
C TYR A 163 -16.66 21.19 -24.27
N TYR A 164 -16.88 20.96 -22.98
CA TYR A 164 -17.54 19.73 -22.55
C TYR A 164 -18.95 19.63 -23.11
N ASN A 165 -19.70 20.73 -23.09
CA ASN A 165 -21.06 20.67 -23.59
C ASN A 165 -21.09 20.31 -25.08
N TRP A 166 -20.18 20.90 -25.86
CA TRP A 166 -20.13 20.51 -27.25
C TRP A 166 -19.64 19.08 -27.43
N LEU A 167 -18.77 18.60 -26.53
CA LEU A 167 -18.38 17.19 -26.59
C LEU A 167 -19.58 16.28 -26.38
N PHE A 168 -20.44 16.63 -25.43
CA PHE A 168 -21.64 15.83 -25.21
C PHE A 168 -22.54 15.85 -26.44
N CYS A 169 -22.69 17.02 -27.05
CA CYS A 169 -23.52 17.12 -28.25
C CYS A 169 -22.96 16.27 -29.39
N ILE A 170 -21.63 16.28 -29.57
CA ILE A 170 -21.03 15.48 -30.64
C ILE A 170 -21.13 14.00 -30.33
N THR A 171 -21.01 13.62 -29.05
CA THR A 171 -21.03 12.20 -28.73
C THR A 171 -22.43 11.63 -28.68
N LEU A 172 -23.46 12.47 -28.61
CA LEU A 172 -24.82 11.95 -28.60
C LEU A 172 -25.16 11.16 -29.87
N PRO A 173 -25.00 11.68 -31.08
CA PRO A 173 -25.43 10.93 -32.26
C PRO A 173 -24.37 10.05 -32.89
N VAL A 174 -23.25 9.82 -32.20
CA VAL A 174 -22.19 8.99 -32.77
C VAL A 174 -22.40 7.51 -32.47
N MET A 175 -23.44 7.16 -31.72
CA MET A 175 -23.78 5.77 -31.45
C MET A 175 -24.89 5.23 -32.36
N TYR A 176 -25.69 6.11 -32.96
CA TYR A 176 -26.62 5.67 -33.99
C TYR A 176 -25.88 4.88 -35.06
N ASN A 177 -24.80 5.46 -35.56
CA ASN A 177 -23.97 4.83 -36.57
C ASN A 177 -23.40 3.52 -36.04
N TRP A 178 -23.35 3.34 -34.73
CA TRP A 178 -22.77 2.13 -34.18
C TRP A 178 -23.78 1.02 -33.96
N THR A 179 -25.05 1.36 -33.78
CA THR A 179 -26.06 0.34 -33.54
C THR A 179 -27.03 0.18 -34.70
N MET A 180 -27.73 1.25 -35.09
CA MET A 180 -28.89 1.08 -35.96
C MET A 180 -28.50 0.50 -37.32
N ILE A 181 -27.26 0.74 -37.76
CA ILE A 181 -26.87 0.32 -39.10
C ILE A 181 -26.94 -1.20 -39.21
N ILE A 182 -26.51 -1.91 -38.17
CA ILE A 182 -26.46 -3.36 -38.28
C ILE A 182 -27.88 -3.94 -38.34
N ALA A 183 -28.77 -3.43 -37.50
CA ALA A 183 -30.15 -3.89 -37.50
C ALA A 183 -30.80 -3.64 -38.85
N ARG A 184 -30.61 -2.45 -39.41
CA ARG A 184 -31.21 -2.19 -40.71
C ARG A 184 -30.52 -2.97 -41.83
N ALA A 185 -29.27 -3.38 -41.63
CA ALA A 185 -28.59 -4.16 -42.65
C ALA A 185 -29.08 -5.59 -42.70
N CYS A 186 -29.26 -6.22 -41.54
CA CYS A 186 -29.58 -7.65 -41.51
C CYS A 186 -31.07 -7.94 -41.31
N PHE A 187 -31.73 -7.23 -40.39
CA PHE A 187 -33.18 -7.40 -40.19
C PHE A 187 -33.91 -6.61 -41.26
N ASP A 188 -33.97 -7.20 -42.45
CA ASP A 188 -34.66 -6.56 -43.56
C ASP A 188 -36.12 -6.33 -43.23
N GLU A 189 -36.78 -5.56 -44.10
CA GLU A 189 -38.17 -5.13 -43.98
C GLU A 189 -38.46 -4.50 -42.62
N LEU A 190 -37.42 -4.15 -41.88
CA LEU A 190 -37.61 -3.29 -40.71
C LEU A 190 -37.48 -1.83 -41.11
N GLN A 191 -36.54 -1.53 -42.01
CA GLN A 191 -36.46 -0.20 -42.59
C GLN A 191 -37.73 0.14 -43.34
N SER A 192 -38.32 -0.85 -44.01
CA SER A 192 -39.56 -0.62 -44.74
C SER A 192 -40.69 -0.14 -43.84
N ASP A 193 -40.61 -0.45 -42.54
CA ASP A 193 -41.60 0.06 -41.61
C ASP A 193 -41.54 1.59 -41.55
N TYR A 194 -40.33 2.14 -41.42
CA TYR A 194 -40.15 3.59 -41.34
C TYR A 194 -38.92 3.96 -42.16
N LEU A 195 -39.12 4.23 -43.45
CA LEU A 195 -38.10 4.94 -44.21
C LEU A 195 -38.18 6.43 -44.01
N GLU A 196 -39.27 6.92 -43.42
CA GLU A 196 -39.44 8.31 -43.05
C GLU A 196 -38.63 8.69 -41.81
N TYR A 197 -37.81 7.78 -41.31
CA TYR A 197 -36.88 8.05 -40.22
C TYR A 197 -35.44 7.78 -40.57
N TRP A 198 -35.18 6.78 -41.42
CA TRP A 198 -33.82 6.42 -41.81
C TRP A 198 -33.04 7.63 -42.35
N LEU A 199 -33.51 8.20 -43.46
CA LEU A 199 -32.84 9.38 -44.00
C LEU A 199 -33.09 10.61 -43.15
N ALA A 200 -34.27 10.69 -42.53
CA ALA A 200 -34.61 11.84 -41.69
C ALA A 200 -33.67 12.01 -40.52
N PHE A 201 -32.96 10.95 -40.14
CA PHE A 201 -31.88 11.07 -39.18
C PHE A 201 -30.50 10.93 -39.79
N ASP A 202 -30.38 10.31 -40.97
CA ASP A 202 -29.10 10.28 -41.66
C ASP A 202 -28.61 11.68 -42.00
N TYR A 203 -29.52 12.56 -42.45
CA TYR A 203 -29.11 13.93 -42.72
C TYR A 203 -28.59 14.63 -41.45
N LEU A 204 -29.30 14.49 -40.33
CA LEU A 204 -28.84 15.12 -39.10
C LEU A 204 -27.47 14.60 -38.69
N SER A 205 -27.30 13.28 -38.79
CA SER A 205 -26.01 12.67 -38.47
C SER A 205 -24.90 13.27 -39.30
N ASP A 206 -25.10 13.39 -40.61
CA ASP A 206 -24.03 13.91 -41.46
C ASP A 206 -23.80 15.40 -41.22
N VAL A 207 -24.87 16.15 -40.94
CA VAL A 207 -24.72 17.58 -40.62
C VAL A 207 -23.76 17.76 -39.45
N VAL A 208 -24.07 17.12 -38.32
CA VAL A 208 -23.19 17.31 -37.16
C VAL A 208 -21.82 16.68 -37.41
N TYR A 209 -21.80 15.53 -38.09
CA TYR A 209 -20.58 14.79 -38.37
C TYR A 209 -19.59 15.63 -39.17
N LEU A 210 -20.07 16.60 -39.94
CA LEU A 210 -19.17 17.51 -40.63
C LEU A 210 -19.05 18.87 -39.98
N LEU A 211 -20.04 19.29 -39.18
CA LEU A 211 -19.93 20.53 -38.42
C LEU A 211 -18.88 20.41 -37.32
N ASP A 212 -18.47 19.19 -36.98
CA ASP A 212 -17.40 19.04 -35.99
C ASP A 212 -16.13 19.81 -36.38
N MET A 213 -15.79 19.85 -37.67
CA MET A 213 -14.60 20.61 -38.08
C MET A 213 -14.72 22.11 -37.84
N PHE A 214 -15.82 22.59 -37.26
CA PHE A 214 -15.91 23.98 -36.82
C PHE A 214 -14.93 24.30 -35.71
N VAL A 215 -14.35 23.29 -35.07
CA VAL A 215 -13.42 23.53 -33.98
C VAL A 215 -12.00 23.07 -34.28
N ARG A 216 -11.78 22.18 -35.25
CA ARG A 216 -10.42 21.78 -35.57
C ARG A 216 -9.59 22.92 -36.13
N THR A 217 -10.23 24.02 -36.54
CA THR A 217 -9.52 25.22 -36.90
C THR A 217 -9.46 26.24 -35.77
N ARG A 218 -10.36 26.12 -34.79
CA ARG A 218 -10.26 26.90 -33.57
C ARG A 218 -9.50 26.06 -32.53
N THR A 219 -9.57 26.46 -31.25
CA THR A 219 -8.98 25.70 -30.14
C THR A 219 -7.47 25.51 -30.36
N GLY A 220 -6.76 26.63 -30.30
CA GLY A 220 -5.34 26.61 -30.57
C GLY A 220 -4.54 25.82 -29.55
N TYR A 221 -3.27 25.60 -29.89
CA TYR A 221 -2.34 24.84 -29.07
C TYR A 221 -1.45 25.78 -28.26
N LEU A 222 -1.15 25.38 -27.03
CA LEU A 222 -0.34 26.18 -26.13
C LEU A 222 1.12 26.18 -26.60
N GLU A 223 1.83 27.29 -26.34
CA GLU A 223 3.19 27.41 -26.84
C GLU A 223 4.04 28.23 -25.89
N GLN A 224 5.14 27.64 -25.44
CA GLN A 224 6.19 28.33 -24.68
C GLN A 224 5.59 29.09 -23.49
N GLY A 225 4.65 28.45 -22.81
CA GLY A 225 4.03 29.11 -21.67
C GLY A 225 3.24 30.35 -22.00
N LEU A 226 2.79 30.48 -23.24
CA LEU A 226 1.97 31.61 -23.67
C LEU A 226 0.64 31.10 -24.22
N LEU A 227 -0.41 31.89 -23.97
CA LEU A 227 -1.78 31.47 -24.26
C LEU A 227 -1.96 31.19 -25.75
N VAL A 228 -2.91 30.30 -26.04
CA VAL A 228 -3.29 29.98 -27.41
C VAL A 228 -3.86 31.23 -28.08
N LYS A 229 -3.13 31.80 -29.03
CA LYS A 229 -3.56 33.05 -29.65
C LYS A 229 -3.26 33.06 -31.15
N GLU A 230 -3.53 31.97 -31.85
CA GLU A 230 -3.21 31.87 -33.26
C GLU A 230 -4.48 31.86 -34.10
N GLU A 231 -4.39 32.38 -35.33
CA GLU A 231 -5.52 32.45 -36.24
C GLU A 231 -5.29 31.76 -37.58
N ARG A 232 -4.06 31.41 -37.94
CA ARG A 232 -3.80 30.75 -39.22
C ARG A 232 -2.88 29.54 -39.14
N LYS A 233 -2.03 29.44 -38.11
CA LYS A 233 -1.15 28.27 -38.01
C LYS A 233 -1.89 27.03 -37.53
N LEU A 234 -3.11 27.19 -37.01
CA LEU A 234 -3.86 26.03 -36.53
C LEU A 234 -4.25 25.11 -37.68
N ILE A 235 -4.73 25.69 -38.79
CA ILE A 235 -5.26 24.87 -39.87
C ILE A 235 -4.15 24.05 -40.52
N ASP A 236 -3.05 24.70 -40.87
CA ASP A 236 -1.95 23.95 -41.47
C ASP A 236 -1.23 23.06 -40.46
N LYS A 237 -1.27 23.41 -39.17
CA LYS A 237 -0.83 22.47 -38.15
C LYS A 237 -1.63 21.18 -38.23
N TYR A 238 -2.96 21.30 -38.23
CA TYR A 238 -3.81 20.11 -38.30
C TYR A 238 -3.55 19.34 -39.59
N LYS A 239 -3.42 20.05 -40.71
CA LYS A 239 -3.22 19.38 -41.99
C LYS A 239 -1.89 18.61 -42.02
N SER A 240 -0.81 19.25 -41.58
CA SER A 240 0.48 18.58 -41.55
C SER A 240 0.45 17.38 -40.62
N THR A 241 -0.24 17.52 -39.49
CA THR A 241 -0.31 16.43 -38.52
C THR A 241 -1.33 15.40 -38.98
N PHE A 242 -1.61 14.43 -38.12
CA PHE A 242 -2.49 13.31 -38.46
C PHE A 242 -3.93 13.69 -38.18
N GLN A 243 -4.82 12.69 -38.20
CA GLN A 243 -6.22 12.83 -37.81
C GLN A 243 -6.99 13.69 -38.80
N PHE A 244 -6.32 14.19 -39.81
CA PHE A 244 -7.03 14.86 -40.91
C PHE A 244 -7.37 13.87 -42.01
N LYS A 245 -6.60 12.79 -42.14
CA LYS A 245 -6.86 11.81 -43.17
C LYS A 245 -8.23 11.16 -42.98
N LEU A 246 -8.49 10.65 -41.78
CA LEU A 246 -9.78 10.04 -41.52
C LEU A 246 -10.90 11.07 -41.59
N ASP A 247 -10.62 12.28 -41.11
CA ASP A 247 -11.59 13.36 -41.01
C ASP A 247 -12.24 13.67 -42.35
N VAL A 248 -11.64 13.20 -43.43
CA VAL A 248 -12.22 13.30 -44.76
C VAL A 248 -12.51 11.93 -45.35
N LEU A 249 -11.66 10.94 -45.10
CA LEU A 249 -11.90 9.61 -45.66
C LEU A 249 -13.24 9.05 -45.24
N SER A 250 -13.77 9.50 -44.11
CA SER A 250 -15.10 9.09 -43.71
C SER A 250 -16.20 9.85 -44.47
N VAL A 251 -15.85 10.79 -45.33
CA VAL A 251 -16.81 11.79 -45.77
C VAL A 251 -17.04 11.70 -47.29
N ILE A 252 -16.99 10.49 -47.83
CA ILE A 252 -17.49 10.38 -49.21
C ILE A 252 -18.98 10.71 -49.20
N PRO A 253 -19.52 11.38 -50.22
CA PRO A 253 -20.95 11.71 -50.20
C PRO A 253 -21.86 10.49 -50.16
N THR A 254 -21.40 9.32 -50.60
CA THR A 254 -22.05 8.02 -50.48
C THR A 254 -23.31 7.87 -51.33
N ASP A 255 -23.73 8.91 -52.05
CA ASP A 255 -24.98 8.85 -52.80
C ASP A 255 -24.79 8.43 -54.26
N LEU A 256 -23.57 8.08 -54.66
CA LEU A 256 -23.28 7.77 -56.06
C LEU A 256 -23.10 6.28 -56.31
N LEU A 257 -23.36 5.43 -55.32
CA LEU A 257 -23.28 3.99 -55.51
C LEU A 257 -24.60 3.28 -55.26
N TYR A 258 -25.33 3.66 -54.21
CA TYR A 258 -26.62 3.05 -53.94
C TYR A 258 -27.68 3.45 -54.96
N ILE A 259 -27.41 4.48 -55.78
CA ILE A 259 -28.31 4.78 -56.90
C ILE A 259 -28.40 3.57 -57.82
N LYS A 260 -27.31 2.82 -57.96
CA LYS A 260 -27.33 1.54 -58.65
C LYS A 260 -28.12 0.49 -57.90
N PHE A 261 -28.50 0.75 -56.64
CA PHE A 261 -29.16 -0.24 -55.81
C PHE A 261 -30.39 0.27 -55.07
N GLY A 262 -30.65 1.57 -55.08
CA GLY A 262 -31.88 2.12 -54.55
C GLY A 262 -31.66 2.98 -53.31
N TRP A 263 -32.74 3.64 -52.92
CA TRP A 263 -32.80 4.43 -51.68
C TRP A 263 -33.34 3.60 -50.53
N ASN A 264 -32.78 2.42 -50.31
CA ASN A 264 -33.36 1.58 -49.29
C ASN A 264 -32.38 1.06 -48.25
N TYR A 265 -31.16 0.68 -48.66
CA TYR A 265 -30.38 -0.04 -47.65
C TYR A 265 -29.13 0.71 -47.25
N PRO A 266 -28.70 0.56 -45.99
CA PRO A 266 -27.49 1.24 -45.49
C PRO A 266 -26.21 0.42 -45.45
N GLU A 267 -26.16 -0.79 -46.01
CA GLU A 267 -24.87 -1.44 -45.72
C GLU A 267 -23.70 -0.88 -46.56
N ILE A 268 -23.86 0.24 -47.27
CA ILE A 268 -22.72 0.94 -47.84
C ILE A 268 -22.21 2.06 -46.93
N ARG A 269 -22.87 2.30 -45.80
CA ARG A 269 -22.44 3.27 -44.82
C ARG A 269 -21.35 2.74 -43.91
N LEU A 270 -20.69 1.66 -44.31
CA LEU A 270 -19.65 1.04 -43.50
C LEU A 270 -18.56 2.03 -43.12
N ASN A 271 -18.06 2.79 -44.10
CA ASN A 271 -16.93 3.68 -43.86
C ASN A 271 -17.22 4.78 -42.85
N ARG A 272 -18.48 5.06 -42.56
CA ARG A 272 -18.71 6.05 -41.52
C ARG A 272 -18.47 5.53 -40.12
N LEU A 273 -17.87 4.34 -40.00
CA LEU A 273 -17.48 3.77 -38.72
C LEU A 273 -16.01 4.04 -38.40
N LEU A 274 -15.49 5.18 -38.83
CA LEU A 274 -14.09 5.51 -38.59
C LEU A 274 -13.89 6.53 -37.49
N ARG A 275 -14.83 7.45 -37.31
CA ARG A 275 -14.64 8.58 -36.39
C ARG A 275 -15.12 8.18 -35.00
N ILE A 276 -14.29 7.43 -34.30
CA ILE A 276 -14.52 7.11 -32.89
C ILE A 276 -13.32 7.62 -32.09
N SER A 277 -13.38 8.90 -31.73
CA SER A 277 -12.52 9.43 -30.69
C SER A 277 -13.23 10.35 -29.73
N ARG A 278 -14.33 10.99 -30.14
CA ARG A 278 -15.01 11.92 -29.26
C ARG A 278 -15.60 11.21 -28.06
N MET A 279 -16.16 10.01 -28.25
CA MET A 279 -16.73 9.29 -27.12
C MET A 279 -15.66 8.87 -26.13
N PHE A 280 -14.53 8.35 -26.63
CA PHE A 280 -13.45 7.96 -25.74
C PHE A 280 -12.96 9.17 -24.95
N GLU A 281 -12.72 10.28 -25.64
CA GLU A 281 -12.22 11.46 -24.98
C GLU A 281 -13.24 11.98 -23.97
N PHE A 282 -14.52 11.94 -24.31
CA PHE A 282 -15.55 12.42 -23.40
C PHE A 282 -15.61 11.56 -22.14
N PHE A 283 -15.58 10.24 -22.31
CA PHE A 283 -15.57 9.36 -21.15
C PHE A 283 -14.37 9.63 -20.25
N GLN A 284 -13.18 9.75 -20.83
CA GLN A 284 -12.04 9.96 -19.97
C GLN A 284 -12.07 11.35 -19.35
N ARG A 285 -12.70 12.32 -20.00
CA ARG A 285 -12.67 13.68 -19.48
C ARG A 285 -13.72 13.91 -18.41
N THR A 286 -14.85 13.22 -18.48
CA THR A 286 -15.95 13.55 -17.58
C THR A 286 -15.65 13.16 -16.14
N GLU A 287 -14.96 12.04 -15.93
CA GLU A 287 -14.79 11.51 -14.58
C GLU A 287 -13.95 12.42 -13.69
N THR A 288 -13.04 13.19 -14.27
CA THR A 288 -12.21 14.08 -13.48
C THR A 288 -12.99 15.26 -12.92
N ARG A 289 -14.31 15.29 -13.10
CA ARG A 289 -15.14 16.34 -12.56
C ARG A 289 -16.26 15.84 -11.66
N THR A 290 -16.58 14.55 -11.68
CA THR A 290 -17.68 14.03 -10.89
C THR A 290 -17.29 13.94 -9.42
N ASN A 291 -18.29 13.60 -8.60
CA ASN A 291 -18.06 13.38 -7.17
C ASN A 291 -17.87 11.92 -6.82
N TYR A 292 -18.47 11.00 -7.58
CA TYR A 292 -18.58 9.60 -7.21
C TYR A 292 -17.97 8.76 -8.32
N PRO A 293 -16.64 8.68 -8.39
CA PRO A 293 -15.99 7.86 -9.42
C PRO A 293 -16.18 6.36 -9.24
N ASN A 294 -17.03 5.96 -8.30
CA ASN A 294 -17.23 4.55 -8.01
C ASN A 294 -18.04 3.86 -9.10
N ILE A 295 -19.26 4.32 -9.34
CA ILE A 295 -20.19 3.61 -10.21
C ILE A 295 -19.85 3.74 -11.69
N PHE A 296 -19.03 4.73 -12.05
CA PHE A 296 -18.89 5.08 -13.46
C PHE A 296 -18.25 3.94 -14.25
N ARG A 297 -17.19 3.34 -13.72
CA ARG A 297 -16.47 2.33 -14.49
C ARG A 297 -17.34 1.10 -14.76
N ILE A 298 -18.11 0.67 -13.74
CA ILE A 298 -18.95 -0.50 -13.94
C ILE A 298 -20.08 -0.19 -14.92
N SER A 299 -20.63 1.04 -14.84
CA SER A 299 -21.63 1.42 -15.84
C SER A 299 -21.05 1.32 -17.25
N ASN A 300 -19.82 1.80 -17.43
CA ASN A 300 -19.17 1.77 -18.73
C ASN A 300 -19.02 0.33 -19.23
N LEU A 301 -18.55 -0.55 -18.36
CA LEU A 301 -18.35 -1.94 -18.77
C LEU A 301 -19.68 -2.60 -19.13
N VAL A 302 -20.74 -2.27 -18.39
CA VAL A 302 -22.06 -2.81 -18.71
C VAL A 302 -22.48 -2.41 -20.12
N MET A 303 -22.28 -1.14 -20.46
CA MET A 303 -22.64 -0.69 -21.80
C MET A 303 -21.88 -1.48 -22.87
N TYR A 304 -20.58 -1.65 -22.66
CA TYR A 304 -19.79 -2.39 -23.65
C TYR A 304 -20.33 -3.81 -23.83
N ILE A 305 -20.66 -4.47 -22.73
CA ILE A 305 -21.14 -5.85 -22.82
C ILE A 305 -22.44 -5.92 -23.60
N ILE A 306 -23.36 -5.00 -23.31
CA ILE A 306 -24.62 -4.98 -24.04
C ILE A 306 -24.36 -4.86 -25.54
N ILE A 307 -23.44 -3.98 -25.92
CA ILE A 307 -23.19 -3.75 -27.33
C ILE A 307 -22.67 -5.01 -28.01
N ILE A 308 -21.71 -5.69 -27.39
CA ILE A 308 -21.17 -6.88 -28.07
C ILE A 308 -22.24 -7.96 -28.18
N ILE A 309 -23.12 -8.08 -27.18
CA ILE A 309 -24.25 -9.01 -27.31
C ILE A 309 -25.07 -8.67 -28.55
N HIS A 310 -25.36 -7.38 -28.75
CA HIS A 310 -26.15 -6.94 -29.89
C HIS A 310 -25.52 -7.42 -31.20
N TRP A 311 -24.21 -7.17 -31.35
CA TRP A 311 -23.49 -7.64 -32.53
C TRP A 311 -23.64 -9.14 -32.76
N ASN A 312 -23.40 -9.94 -31.72
CA ASN A 312 -23.42 -11.39 -31.95
C ASN A 312 -24.81 -11.85 -32.37
N ALA A 313 -25.85 -11.26 -31.76
CA ALA A 313 -27.20 -11.63 -32.15
C ALA A 313 -27.44 -11.36 -33.62
N CYS A 314 -27.07 -10.15 -34.08
CA CYS A 314 -27.33 -9.81 -35.48
C CYS A 314 -26.60 -10.73 -36.43
N VAL A 315 -25.34 -11.06 -36.11
CA VAL A 315 -24.61 -11.93 -37.03
C VAL A 315 -25.22 -13.32 -37.07
N TYR A 316 -25.72 -13.81 -35.93
CA TYR A 316 -26.37 -15.12 -35.94
C TYR A 316 -27.58 -15.11 -36.86
N PHE A 317 -28.44 -14.09 -36.73
CA PHE A 317 -29.62 -14.10 -37.58
C PHE A 317 -29.23 -13.94 -39.05
N SER A 318 -28.17 -13.21 -39.34
CA SER A 318 -27.71 -13.10 -40.72
C SER A 318 -27.36 -14.46 -41.29
N ILE A 319 -26.49 -15.20 -40.58
CA ILE A 319 -26.10 -16.50 -41.10
C ILE A 319 -27.29 -17.43 -41.19
N SER A 320 -28.29 -17.22 -40.32
CA SER A 320 -29.53 -17.99 -40.44
C SER A 320 -30.24 -17.67 -41.75
N LYS A 321 -30.42 -16.39 -42.03
CA LYS A 321 -31.05 -15.97 -43.29
C LYS A 321 -30.30 -16.54 -44.49
N ALA A 322 -29.00 -16.74 -44.36
CA ALA A 322 -28.20 -17.19 -45.50
C ALA A 322 -28.65 -18.56 -45.99
N ILE A 323 -28.94 -19.48 -45.08
CA ILE A 323 -29.19 -20.86 -45.45
C ILE A 323 -30.69 -21.10 -45.44
N GLY A 324 -31.10 -22.22 -46.03
CA GLY A 324 -32.50 -22.62 -46.06
C GLY A 324 -33.09 -22.79 -44.68
N PHE A 325 -34.27 -22.21 -44.46
CA PHE A 325 -34.87 -22.17 -43.14
C PHE A 325 -35.56 -23.49 -42.83
N GLY A 326 -35.25 -24.05 -41.67
CA GLY A 326 -35.84 -25.30 -41.25
C GLY A 326 -35.10 -26.55 -41.67
N ASN A 327 -34.04 -26.42 -42.47
CA ASN A 327 -33.30 -27.60 -42.88
C ASN A 327 -32.61 -28.28 -41.71
N ASP A 328 -32.46 -27.60 -40.58
CA ASP A 328 -31.97 -28.22 -39.36
C ASP A 328 -32.56 -27.47 -38.17
N THR A 329 -32.61 -28.16 -37.03
CA THR A 329 -33.18 -27.55 -35.84
C THR A 329 -32.34 -26.38 -35.34
N TRP A 330 -31.03 -26.40 -35.59
CA TRP A 330 -30.13 -25.38 -35.04
C TRP A 330 -30.51 -23.99 -35.56
N VAL A 331 -30.77 -23.89 -36.86
CA VAL A 331 -31.10 -22.60 -37.46
C VAL A 331 -32.46 -22.14 -36.95
N TYR A 332 -32.71 -20.83 -37.08
CA TYR A 332 -34.03 -20.27 -36.79
C TYR A 332 -35.10 -21.18 -37.38
N PRO A 333 -36.20 -21.44 -36.64
CA PRO A 333 -37.08 -22.57 -37.00
C PRO A 333 -37.61 -22.51 -38.42
N ASP A 334 -38.39 -21.49 -38.75
CA ASP A 334 -39.08 -21.43 -40.03
C ASP A 334 -39.90 -20.16 -40.15
N VAL A 335 -40.52 -19.98 -41.31
CA VAL A 335 -41.45 -18.89 -41.54
C VAL A 335 -42.75 -19.52 -42.05
N ASN A 336 -43.71 -18.68 -42.44
CA ASN A 336 -45.05 -19.12 -42.84
C ASN A 336 -45.81 -19.71 -41.65
N ASP A 337 -45.74 -19.00 -40.52
CA ASP A 337 -46.38 -19.42 -39.29
C ASP A 337 -46.56 -18.20 -38.42
N PRO A 338 -47.69 -18.07 -37.72
CA PRO A 338 -47.86 -16.94 -36.80
C PRO A 338 -46.81 -16.97 -35.71
N ASP A 339 -46.18 -15.81 -35.50
CA ASP A 339 -45.25 -15.54 -34.42
C ASP A 339 -43.91 -16.23 -34.61
N PHE A 340 -43.80 -17.09 -35.62
CA PHE A 340 -42.50 -17.61 -36.03
C PHE A 340 -42.00 -16.94 -37.30
N GLY A 341 -42.86 -16.23 -38.01
CA GLY A 341 -42.46 -15.43 -39.13
C GLY A 341 -42.76 -13.96 -38.92
N ARG A 342 -42.89 -13.56 -37.65
CA ARG A 342 -43.15 -12.17 -37.29
C ARG A 342 -41.80 -11.54 -36.93
N LEU A 343 -41.82 -10.30 -36.45
CA LEU A 343 -40.59 -9.55 -36.21
C LEU A 343 -40.07 -9.69 -34.79
N ALA A 344 -40.86 -9.29 -33.80
CA ALA A 344 -40.36 -9.16 -32.43
C ALA A 344 -39.79 -10.47 -31.93
N ARG A 345 -40.55 -11.55 -32.08
CA ARG A 345 -40.02 -12.86 -31.70
C ARG A 345 -38.78 -13.19 -32.50
N LYS A 346 -38.76 -12.83 -33.79
CA LYS A 346 -37.65 -13.21 -34.65
C LYS A 346 -36.33 -12.68 -34.12
N TYR A 347 -36.31 -11.54 -33.43
CA TYR A 347 -35.03 -11.08 -32.91
C TYR A 347 -34.86 -11.39 -31.43
N VAL A 348 -35.94 -11.32 -30.63
CA VAL A 348 -35.80 -11.63 -29.21
C VAL A 348 -35.35 -13.06 -29.01
N TYR A 349 -35.98 -13.98 -29.74
CA TYR A 349 -35.58 -15.38 -29.65
C TYR A 349 -34.13 -15.57 -30.06
N SER A 350 -33.71 -14.86 -31.11
CA SER A 350 -32.33 -14.96 -31.55
C SER A 350 -31.39 -14.43 -30.49
N LEU A 351 -31.77 -13.35 -29.81
CA LEU A 351 -30.95 -12.80 -28.73
C LEU A 351 -30.79 -13.81 -27.60
N TYR A 352 -31.89 -14.44 -27.21
CA TYR A 352 -31.84 -15.47 -26.19
C TYR A 352 -30.90 -16.60 -26.61
N TRP A 353 -31.05 -17.07 -27.83
CA TRP A 353 -30.17 -18.10 -28.37
C TRP A 353 -28.72 -17.64 -28.34
N SER A 354 -28.49 -16.36 -28.62
CA SER A 354 -27.13 -15.83 -28.66
C SER A 354 -26.48 -15.87 -27.28
N THR A 355 -27.18 -15.38 -26.26
CA THR A 355 -26.60 -15.44 -24.93
C THR A 355 -26.34 -16.87 -24.51
N LEU A 356 -27.29 -17.77 -24.81
CA LEU A 356 -27.12 -19.17 -24.42
C LEU A 356 -25.88 -19.76 -25.06
N THR A 357 -25.69 -19.54 -26.36
CA THR A 357 -24.54 -20.14 -27.01
C THR A 357 -23.24 -19.44 -26.61
N LEU A 358 -23.30 -18.15 -26.30
CA LEU A 358 -22.09 -17.45 -25.86
C LEU A 358 -21.60 -17.99 -24.53
N THR A 359 -22.52 -18.30 -23.63
CA THR A 359 -22.15 -19.13 -22.49
C THR A 359 -21.69 -20.49 -22.99
N THR A 360 -20.56 -20.95 -22.46
CA THR A 360 -19.86 -22.09 -23.06
C THR A 360 -20.71 -23.36 -23.05
N ILE A 361 -21.46 -23.58 -21.96
CA ILE A 361 -22.21 -24.82 -21.83
C ILE A 361 -23.21 -24.94 -22.97
N GLY A 362 -23.17 -26.08 -23.66
CA GLY A 362 -23.91 -26.26 -24.89
C GLY A 362 -25.18 -27.06 -24.70
N GLU A 363 -26.30 -26.46 -25.05
CA GLU A 363 -27.61 -27.12 -25.08
C GLU A 363 -28.08 -27.28 -26.53
N THR A 364 -27.14 -27.58 -27.42
CA THR A 364 -27.33 -27.43 -28.86
C THR A 364 -27.06 -28.76 -29.56
N PRO A 365 -27.61 -28.94 -30.77
CA PRO A 365 -27.38 -30.18 -31.50
C PRO A 365 -25.96 -30.25 -32.04
N PRO A 366 -25.55 -31.42 -32.54
CA PRO A 366 -24.22 -31.53 -33.15
C PRO A 366 -24.12 -30.65 -34.38
N PRO A 367 -22.91 -30.47 -34.93
CA PRO A 367 -22.77 -29.64 -36.13
C PRO A 367 -23.59 -30.17 -37.29
N VAL A 368 -24.18 -29.24 -38.04
CA VAL A 368 -24.82 -29.61 -39.31
C VAL A 368 -23.78 -30.09 -40.29
N ARG A 369 -22.84 -29.21 -40.64
CA ARG A 369 -21.67 -29.51 -41.44
C ARG A 369 -20.55 -28.61 -40.96
N ASP A 370 -19.50 -28.48 -41.77
CA ASP A 370 -18.46 -27.52 -41.44
C ASP A 370 -19.01 -26.10 -41.50
N SER A 371 -18.21 -25.16 -41.01
CA SER A 371 -18.51 -23.73 -41.10
C SER A 371 -19.81 -23.37 -40.38
N GLU A 372 -20.06 -24.00 -39.23
CA GLU A 372 -21.12 -23.53 -38.36
C GLU A 372 -20.58 -23.42 -36.95
N TYR A 373 -19.61 -24.28 -36.62
CA TYR A 373 -18.97 -24.32 -35.31
C TYR A 373 -18.14 -23.08 -35.03
N PHE A 374 -17.89 -22.26 -36.04
CA PHE A 374 -17.20 -21.00 -35.83
C PHE A 374 -17.89 -20.19 -34.75
N PHE A 375 -19.21 -20.26 -34.69
CA PHE A 375 -19.96 -19.50 -33.70
C PHE A 375 -19.60 -19.91 -32.28
N VAL A 376 -19.66 -21.21 -31.98
CA VAL A 376 -19.34 -21.62 -30.62
C VAL A 376 -17.86 -21.40 -30.32
N VAL A 377 -17.00 -21.53 -31.33
CA VAL A 377 -15.59 -21.17 -31.18
C VAL A 377 -15.49 -19.75 -30.63
N ALA A 378 -16.06 -18.81 -31.35
CA ALA A 378 -16.07 -17.42 -30.88
C ALA A 378 -16.77 -17.30 -29.53
N ASP A 379 -17.81 -18.10 -29.32
CA ASP A 379 -18.61 -17.98 -28.11
C ASP A 379 -17.73 -18.16 -26.88
N PHE A 380 -17.01 -19.28 -26.82
CA PHE A 380 -16.14 -19.46 -25.66
C PHE A 380 -14.98 -18.48 -25.69
N LEU A 381 -14.40 -18.26 -26.88
CA LEU A 381 -13.18 -17.45 -26.97
C LEU A 381 -13.40 -16.04 -26.45
N ILE A 382 -14.61 -15.50 -26.58
CA ILE A 382 -14.87 -14.15 -26.11
C ILE A 382 -15.59 -14.12 -24.77
N GLY A 383 -16.40 -15.14 -24.47
CA GLY A 383 -17.01 -15.19 -23.16
C GLY A 383 -15.98 -15.23 -22.05
N VAL A 384 -14.92 -16.03 -22.25
CA VAL A 384 -13.90 -16.11 -21.21
C VAL A 384 -13.26 -14.75 -20.97
N LEU A 385 -12.91 -14.04 -22.04
CA LEU A 385 -12.24 -12.75 -21.90
C LEU A 385 -13.14 -11.74 -21.23
N ILE A 386 -14.42 -11.70 -21.63
CA ILE A 386 -15.36 -10.75 -21.03
C ILE A 386 -15.46 -10.98 -19.53
N PHE A 387 -15.68 -12.23 -19.13
CA PHE A 387 -15.87 -12.51 -17.71
C PHE A 387 -14.60 -12.19 -16.94
N ALA A 388 -13.45 -12.58 -17.48
CA ALA A 388 -12.18 -12.33 -16.80
C ALA A 388 -11.99 -10.84 -16.57
N THR A 389 -12.19 -10.02 -17.61
CA THR A 389 -11.87 -8.61 -17.45
C THR A 389 -12.86 -7.93 -16.51
N ILE A 390 -14.14 -8.27 -16.56
CA ILE A 390 -15.07 -7.61 -15.65
C ILE A 390 -14.73 -7.98 -14.21
N VAL A 391 -14.43 -9.26 -13.95
CA VAL A 391 -14.09 -9.66 -12.59
C VAL A 391 -12.84 -8.95 -12.11
N GLY A 392 -11.81 -8.91 -12.95
CA GLY A 392 -10.57 -8.26 -12.55
C GLY A 392 -10.78 -6.79 -12.21
N ASN A 393 -11.52 -6.09 -13.06
CA ASN A 393 -11.72 -4.67 -12.84
C ASN A 393 -12.48 -4.42 -11.55
N ILE A 394 -13.59 -5.15 -11.34
CA ILE A 394 -14.38 -4.90 -10.15
C ILE A 394 -13.59 -5.24 -8.90
N GLY A 395 -12.81 -6.32 -8.96
CA GLY A 395 -12.01 -6.70 -7.79
C GLY A 395 -10.99 -5.64 -7.44
N SER A 396 -10.27 -5.14 -8.45
CA SER A 396 -9.29 -4.10 -8.17
C SER A 396 -9.95 -2.88 -7.56
N MET A 397 -11.12 -2.50 -8.08
CA MET A 397 -11.71 -1.26 -7.59
C MET A 397 -12.22 -1.42 -6.15
N ILE A 398 -12.87 -2.54 -5.85
CA ILE A 398 -13.37 -2.72 -4.49
C ILE A 398 -12.21 -2.83 -3.51
N SER A 399 -11.11 -3.47 -3.92
CA SER A 399 -9.92 -3.51 -3.09
C SER A 399 -9.44 -2.10 -2.77
N ASN A 400 -9.27 -1.28 -3.81
CA ASN A 400 -8.70 0.04 -3.60
C ASN A 400 -9.62 0.92 -2.79
N MET A 401 -10.92 0.62 -2.78
CA MET A 401 -11.87 1.53 -2.15
C MET A 401 -11.51 1.82 -0.71
N ASN A 402 -11.09 0.81 0.06
CA ASN A 402 -10.80 0.97 1.48
C ASN A 402 -9.35 0.59 1.77
N ALA A 403 -8.57 1.57 2.24
CA ALA A 403 -7.26 1.32 2.83
C ALA A 403 -6.99 2.13 4.09
N ALA A 404 -7.66 3.27 4.27
CA ALA A 404 -7.45 4.07 5.47
C ALA A 404 -7.87 3.30 6.72
N ARG A 405 -8.97 2.57 6.63
CA ARG A 405 -9.39 1.75 7.76
C ARG A 405 -8.33 0.73 8.12
N ALA A 406 -7.76 0.06 7.11
CA ALA A 406 -6.74 -0.94 7.37
C ALA A 406 -5.52 -0.33 8.05
N GLU A 407 -5.06 0.82 7.57
CA GLU A 407 -3.87 1.41 8.17
C GLU A 407 -4.14 1.88 9.59
N PHE A 408 -5.29 2.50 9.82
CA PHE A 408 -5.65 2.90 11.17
C PHE A 408 -5.65 1.71 12.11
N GLN A 409 -6.22 0.59 11.66
CA GLN A 409 -6.26 -0.59 12.50
C GLN A 409 -4.85 -1.12 12.78
N ALA A 410 -3.97 -1.09 11.78
CA ALA A 410 -2.61 -1.57 11.99
C ALA A 410 -1.91 -0.74 13.06
N ARG A 411 -2.05 0.59 13.01
CA ARG A 411 -1.40 1.43 14.01
C ARG A 411 -1.95 1.14 15.40
N ILE A 412 -3.28 1.06 15.53
CA ILE A 412 -3.85 0.75 16.84
C ILE A 412 -3.32 -0.57 17.36
N ASP A 413 -3.23 -1.56 16.48
CA ASP A 413 -2.75 -2.87 16.89
C ASP A 413 -1.34 -2.78 17.45
N ALA A 414 -0.43 -2.12 16.73
CA ALA A 414 0.94 -2.05 17.19
C ALA A 414 1.04 -1.35 18.54
N ILE A 415 0.33 -0.23 18.69
CA ILE A 415 0.41 0.50 19.95
C ILE A 415 -0.14 -0.33 21.11
N LYS A 416 -1.25 -1.04 20.88
CA LYS A 416 -1.78 -1.87 21.96
C LYS A 416 -0.83 -2.99 22.34
N GLN A 417 -0.22 -3.63 21.34
CA GLN A 417 0.73 -4.70 21.62
C GLN A 417 1.89 -4.17 22.45
N TYR A 418 2.35 -2.96 22.16
CA TYR A 418 3.39 -2.37 23.01
C TYR A 418 2.89 -2.14 24.42
N MET A 419 1.76 -1.45 24.58
CA MET A 419 1.34 -1.04 25.91
C MET A 419 1.09 -2.23 26.82
N HIS A 420 0.41 -3.26 26.34
CA HIS A 420 0.19 -4.37 27.24
C HIS A 420 1.39 -5.31 27.22
N PHE A 421 2.60 -4.75 27.31
CA PHE A 421 3.82 -5.53 27.38
C PHE A 421 4.81 -5.08 28.44
N ARG A 422 4.84 -3.80 28.82
CA ARG A 422 5.68 -3.30 29.89
C ARG A 422 4.89 -3.09 31.17
N ASN A 423 3.74 -3.74 31.29
CA ASN A 423 2.89 -3.63 32.46
C ASN A 423 2.51 -2.18 32.74
N VAL A 424 2.02 -1.49 31.71
CA VAL A 424 1.40 -0.20 31.92
C VAL A 424 0.13 -0.39 32.73
N SER A 425 -0.09 0.48 33.70
CA SER A 425 -1.31 0.40 34.49
C SER A 425 -2.52 0.74 33.63
N LYS A 426 -3.70 0.35 34.12
CA LYS A 426 -4.91 0.39 33.31
C LYS A 426 -5.32 1.81 32.95
N ASP A 427 -5.18 2.74 33.88
CA ASP A 427 -5.67 4.11 33.68
C ASP A 427 -5.06 4.74 32.44
N MET A 428 -3.76 4.51 32.22
CA MET A 428 -3.11 5.06 31.04
C MET A 428 -3.70 4.47 29.76
N GLU A 429 -3.99 3.17 29.78
CA GLU A 429 -4.62 2.53 28.64
C GLU A 429 -5.96 3.19 28.33
N LYS A 430 -6.76 3.42 29.39
CA LYS A 430 -8.01 4.14 29.24
C LYS A 430 -7.80 5.47 28.55
N ARG A 431 -6.84 6.26 29.04
CA ARG A 431 -6.64 7.60 28.51
C ARG A 431 -6.25 7.55 27.04
N VAL A 432 -5.33 6.66 26.67
CA VAL A 432 -4.85 6.64 25.29
C VAL A 432 -5.95 6.16 24.35
N ILE A 433 -6.73 5.16 24.76
CA ILE A 433 -7.80 4.69 23.90
C ILE A 433 -8.88 5.75 23.75
N LYS A 434 -9.17 6.48 24.83
CA LYS A 434 -10.10 7.60 24.71
C LYS A 434 -9.59 8.63 23.72
N TRP A 435 -8.29 8.89 23.74
CA TRP A 435 -7.75 9.85 22.79
C TRP A 435 -7.91 9.36 21.36
N PHE A 436 -7.61 8.09 21.10
CA PHE A 436 -7.75 7.62 19.73
C PHE A 436 -9.21 7.59 19.29
N ASP A 437 -10.12 7.34 20.23
CA ASP A 437 -11.54 7.53 19.96
C ASP A 437 -11.82 8.94 19.47
N TYR A 438 -11.46 9.93 20.29
CA TYR A 438 -11.69 11.31 19.88
C TYR A 438 -11.06 11.61 18.54
N LEU A 439 -9.94 10.95 18.23
CA LEU A 439 -9.38 11.05 16.90
C LEU A 439 -10.38 10.60 15.86
N TRP A 440 -10.75 9.31 15.91
CA TRP A 440 -11.41 8.70 14.76
C TRP A 440 -12.85 9.15 14.61
N THR A 441 -13.55 9.44 15.71
CA THR A 441 -14.97 9.77 15.60
C THR A 441 -15.22 11.09 14.91
N ASN A 442 -14.19 11.90 14.67
CA ASN A 442 -14.30 13.15 13.95
C ASN A 442 -13.41 13.11 12.71
N LYS A 443 -13.30 14.25 12.04
CA LYS A 443 -12.47 14.37 10.85
C LYS A 443 -11.04 14.80 11.18
N LYS A 444 -10.61 14.64 12.43
CA LYS A 444 -9.28 15.02 12.86
C LYS A 444 -8.27 13.89 12.73
N THR A 445 -8.53 12.93 11.86
CA THR A 445 -7.70 11.72 11.78
C THR A 445 -6.60 11.85 10.74
N VAL A 446 -5.82 12.94 10.79
CA VAL A 446 -4.74 13.19 9.85
C VAL A 446 -3.62 13.94 10.58
N ASP A 447 -2.52 14.16 9.87
CA ASP A 447 -1.47 15.07 10.29
C ASP A 447 -1.20 16.04 9.15
N GLU A 448 -1.36 17.34 9.42
CA GLU A 448 -1.38 18.31 8.34
C GLU A 448 -0.01 18.66 7.80
N ARG A 449 1.08 18.26 8.47
CA ARG A 449 2.40 18.64 8.01
C ARG A 449 2.69 18.06 6.64
N GLU A 450 2.40 16.77 6.44
CA GLU A 450 2.69 16.14 5.17
C GLU A 450 1.65 16.51 4.12
N VAL A 451 0.46 16.93 4.57
CA VAL A 451 -0.59 17.32 3.64
C VAL A 451 -0.08 18.42 2.70
N LEU A 452 0.55 19.43 3.27
CA LEU A 452 1.09 20.54 2.50
C LEU A 452 2.54 20.34 2.12
N LYS A 453 2.99 19.10 1.94
CA LYS A 453 4.38 18.86 1.61
C LYS A 453 4.75 19.36 0.22
N TYR A 454 4.09 18.84 -0.81
CA TYR A 454 4.44 19.12 -2.20
C TYR A 454 3.65 20.28 -2.76
N LEU A 455 3.73 21.43 -2.15
CA LEU A 455 3.16 22.64 -2.71
C LEU A 455 4.33 23.38 -3.34
N PRO A 456 4.14 24.49 -4.05
CA PRO A 456 5.30 25.17 -4.63
C PRO A 456 5.99 25.96 -3.53
N ASP A 457 7.25 26.23 -3.76
CA ASP A 457 7.97 27.05 -2.78
C ASP A 457 7.66 28.52 -2.98
N LYS A 458 6.38 28.86 -3.06
CA LYS A 458 5.93 30.24 -3.20
C LYS A 458 4.66 30.56 -2.40
N LEU A 459 3.94 29.57 -1.89
CA LEU A 459 2.58 29.74 -1.41
C LEU A 459 2.52 29.46 0.10
N ARG A 460 1.30 29.34 0.59
CA ARG A 460 0.88 29.07 1.96
C ARG A 460 1.04 30.29 2.85
N ALA A 461 1.70 31.34 2.38
CA ALA A 461 1.70 32.59 3.15
C ALA A 461 0.33 33.24 3.06
N GLU A 462 -0.38 33.03 1.97
CA GLU A 462 -1.70 33.59 1.75
C GLU A 462 -2.64 33.07 2.82
N ILE A 463 -2.89 31.76 2.79
CA ILE A 463 -3.74 31.11 3.78
C ILE A 463 -3.17 31.30 5.18
N ALA A 464 -1.86 31.36 5.31
CA ALA A 464 -1.23 31.61 6.59
C ALA A 464 -1.74 32.92 7.16
N ILE A 465 -1.42 34.04 6.51
CA ILE A 465 -1.87 35.34 6.99
C ILE A 465 -3.39 35.42 7.02
N ASN A 466 -4.08 34.53 6.32
CA ASN A 466 -5.53 34.48 6.44
C ASN A 466 -5.95 33.97 7.82
N VAL A 467 -5.26 32.96 8.34
CA VAL A 467 -5.67 32.31 9.58
C VAL A 467 -4.92 32.87 10.80
N HIS A 468 -3.60 32.95 10.73
CA HIS A 468 -2.78 33.40 11.86
C HIS A 468 -2.42 34.88 11.74
N LEU A 469 -3.41 35.76 11.70
CA LEU A 469 -2.90 37.12 11.63
C LEU A 469 -3.50 38.06 12.66
N ASP A 470 -4.80 37.95 12.92
CA ASP A 470 -5.45 38.97 13.74
C ASP A 470 -4.92 38.96 15.16
N THR A 471 -4.94 37.80 15.82
CA THR A 471 -4.50 37.73 17.20
C THR A 471 -3.00 37.98 17.32
N LEU A 472 -2.23 37.50 16.34
CA LEU A 472 -0.79 37.75 16.37
C LEU A 472 -0.49 39.23 16.24
N LYS A 473 -1.23 39.95 15.40
CA LYS A 473 -1.11 41.39 15.35
C LYS A 473 -1.62 42.05 16.62
N LYS A 474 -2.50 41.38 17.36
CA LYS A 474 -2.93 41.87 18.67
C LYS A 474 -1.99 41.32 19.75
N VAL A 475 -0.75 41.82 19.72
CA VAL A 475 0.23 41.56 20.76
C VAL A 475 0.94 42.87 21.07
N ARG A 476 1.59 42.91 22.24
CA ARG A 476 2.21 44.12 22.74
C ARG A 476 3.70 44.19 22.48
N ILE A 477 4.26 43.25 21.71
CA ILE A 477 5.67 43.24 21.40
C ILE A 477 5.93 43.30 19.90
N PHE A 478 5.16 42.56 19.11
CA PHE A 478 5.40 42.48 17.67
C PHE A 478 4.74 43.60 16.88
N ALA A 479 3.85 44.37 17.50
CA ALA A 479 2.99 45.29 16.76
C ALA A 479 3.80 46.21 15.84
N ASP A 480 4.85 46.81 16.38
CA ASP A 480 5.69 47.70 15.59
C ASP A 480 6.63 46.84 14.76
N CYS A 481 6.28 46.61 13.50
CA CYS A 481 7.11 45.78 12.66
C CYS A 481 6.73 45.98 11.20
N GLU A 482 7.73 45.85 10.33
CA GLU A 482 7.47 45.78 8.89
C GLU A 482 6.80 44.46 8.56
N ALA A 483 5.83 44.51 7.64
CA ALA A 483 5.05 43.31 7.32
C ALA A 483 5.92 42.15 6.87
N GLY A 484 7.09 42.45 6.32
CA GLY A 484 8.04 41.40 6.01
C GLY A 484 8.38 40.56 7.22
N LEU A 485 8.39 41.17 8.40
CA LEU A 485 8.70 40.45 9.63
C LEU A 485 7.66 39.35 9.89
N LEU A 486 6.38 39.72 9.89
CA LEU A 486 5.34 38.71 10.06
C LEU A 486 5.34 37.70 8.93
N VAL A 487 5.69 38.12 7.72
CA VAL A 487 5.75 37.21 6.59
C VAL A 487 6.77 36.11 6.85
N GLU A 488 7.97 36.50 7.30
CA GLU A 488 8.96 35.48 7.64
C GLU A 488 8.50 34.65 8.82
N LEU A 489 7.82 35.27 9.79
CA LEU A 489 7.53 34.59 11.04
C LEU A 489 6.48 33.49 10.87
N VAL A 490 5.30 33.86 10.38
CA VAL A 490 4.13 32.98 10.48
C VAL A 490 4.37 31.65 9.80
N LEU A 491 5.22 31.63 8.77
CA LEU A 491 5.43 30.42 7.99
C LEU A 491 6.07 29.30 8.80
N LYS A 492 6.60 29.57 9.98
CA LYS A 492 7.39 28.59 10.71
C LYS A 492 6.67 27.97 11.90
N LEU A 493 5.42 28.36 12.19
CA LEU A 493 4.75 27.81 13.37
C LEU A 493 4.33 26.37 13.14
N GLN A 494 3.96 25.70 14.23
CA GLN A 494 3.50 24.32 14.22
C GLN A 494 2.35 24.15 15.21
N PRO A 495 1.45 23.20 14.95
CA PRO A 495 0.24 23.09 15.76
C PRO A 495 0.47 22.25 17.00
N GLN A 496 -0.49 22.36 17.94
CA GLN A 496 -0.53 21.51 19.13
C GLN A 496 -2.00 21.27 19.48
N VAL A 497 -2.55 20.16 18.97
CA VAL A 497 -3.84 19.73 19.46
C VAL A 497 -3.69 19.25 20.90
N TYR A 498 -4.80 19.20 21.63
CA TYR A 498 -4.65 19.10 23.06
C TYR A 498 -5.96 18.67 23.69
N SER A 499 -5.88 17.70 24.61
CA SER A 499 -6.86 16.92 25.35
C SER A 499 -7.27 17.62 26.65
N PRO A 500 -8.55 17.55 27.01
CA PRO A 500 -9.02 18.24 28.21
C PRO A 500 -8.39 17.66 29.46
N GLY A 501 -8.25 18.50 30.48
CA GLY A 501 -7.79 18.07 31.78
C GLY A 501 -6.30 17.78 31.85
N ASP A 502 -5.47 18.81 31.71
CA ASP A 502 -4.04 18.67 31.89
C ASP A 502 -3.42 20.01 32.26
N TYR A 503 -2.54 19.99 33.26
CA TYR A 503 -1.69 21.13 33.54
C TYR A 503 -0.70 21.31 32.40
N ILE A 504 -0.88 22.37 31.61
CA ILE A 504 0.13 22.70 30.63
C ILE A 504 1.41 23.13 31.32
N CYS A 505 1.29 23.99 32.33
CA CYS A 505 2.44 24.51 33.05
C CYS A 505 2.11 24.65 34.52
N LYS A 506 3.05 24.24 35.37
CA LYS A 506 2.91 24.33 36.81
C LYS A 506 3.95 25.28 37.38
N LYS A 507 3.66 25.80 38.56
CA LYS A 507 4.55 26.77 39.19
C LYS A 507 5.96 26.20 39.33
N GLY A 508 6.92 26.91 38.78
CA GLY A 508 8.29 26.44 38.73
C GLY A 508 8.52 25.77 37.40
N ASP A 509 9.18 26.47 36.48
CA ASP A 509 9.32 25.97 35.13
C ASP A 509 10.31 26.86 34.38
N ILE A 510 11.19 26.25 33.62
CA ILE A 510 12.20 26.98 32.87
C ILE A 510 12.02 26.67 31.38
N GLY A 511 10.76 26.47 30.98
CA GLY A 511 10.47 26.29 29.57
C GLY A 511 10.52 27.60 28.81
N ARG A 512 10.73 27.48 27.49
CA ARG A 512 10.84 28.65 26.60
C ARG A 512 10.08 28.34 25.31
N GLU A 513 8.85 28.84 25.21
CA GLU A 513 8.06 28.70 23.99
C GLU A 513 7.00 29.79 23.96
N MET A 514 6.40 29.96 22.79
CA MET A 514 5.28 30.86 22.59
C MET A 514 3.99 30.07 22.54
N TYR A 515 2.97 30.56 23.25
CA TYR A 515 1.70 29.84 23.36
C TYR A 515 0.56 30.78 23.04
N ILE A 516 -0.21 30.45 22.01
CA ILE A 516 -1.35 31.24 21.58
C ILE A 516 -2.60 30.38 21.75
N ILE A 517 -3.55 30.86 22.55
CA ILE A 517 -4.82 30.16 22.64
C ILE A 517 -5.60 30.36 21.35
N LYS A 518 -6.49 29.43 21.06
CA LYS A 518 -7.32 29.54 19.88
C LYS A 518 -8.49 28.58 20.03
N GLU A 519 -9.71 29.11 19.98
CA GLU A 519 -10.95 28.33 19.99
C GLU A 519 -10.90 27.21 21.03
N GLY A 520 -10.82 27.64 22.28
CA GLY A 520 -10.85 26.74 23.40
C GLY A 520 -11.21 27.47 24.67
N LYS A 521 -10.92 26.83 25.81
CA LYS A 521 -11.18 27.42 27.11
C LYS A 521 -10.05 27.01 28.05
N LEU A 522 -9.30 27.99 28.54
CA LEU A 522 -8.23 27.76 29.51
C LEU A 522 -8.52 28.52 30.78
N ALA A 523 -7.91 28.07 31.88
CA ALA A 523 -8.18 28.64 33.18
C ALA A 523 -7.06 28.22 34.13
N VAL A 524 -6.60 29.16 34.94
CA VAL A 524 -5.45 28.95 35.81
C VAL A 524 -5.91 28.97 37.26
N VAL A 525 -5.38 28.04 38.06
CA VAL A 525 -5.62 27.99 39.49
C VAL A 525 -4.29 28.20 40.20
N ALA A 526 -4.38 28.44 41.51
CA ALA A 526 -3.17 28.76 42.27
C ALA A 526 -2.41 27.51 42.67
N ASP A 527 -2.99 26.68 43.53
CA ASP A 527 -2.22 25.58 44.10
C ASP A 527 -2.90 24.23 44.01
N ASP A 528 -4.21 24.16 44.18
CA ASP A 528 -4.89 22.88 44.35
C ASP A 528 -6.18 22.82 43.54
N GLY A 529 -6.20 23.47 42.39
CA GLY A 529 -7.39 23.45 41.55
C GLY A 529 -8.60 24.10 42.19
N ILE A 530 -8.39 25.14 42.97
CA ILE A 530 -9.46 25.82 43.69
C ILE A 530 -9.36 27.31 43.39
N THR A 531 -10.49 28.01 43.47
CA THR A 531 -10.57 29.46 43.33
C THR A 531 -9.99 29.91 41.98
N GLN A 532 -10.69 29.50 40.93
CA GLN A 532 -10.32 29.91 39.59
C GLN A 532 -10.29 31.42 39.44
N PHE A 533 -9.25 31.90 38.78
CA PHE A 533 -9.04 33.32 38.52
C PHE A 533 -9.64 33.65 37.14
N VAL A 534 -9.29 34.82 36.59
CA VAL A 534 -9.84 35.24 35.31
C VAL A 534 -9.67 34.15 34.26
N VAL A 535 -10.69 33.96 33.47
CA VAL A 535 -10.71 32.91 32.46
C VAL A 535 -10.10 33.43 31.18
N LEU A 536 -9.50 32.53 30.40
CA LEU A 536 -8.76 32.89 29.20
C LEU A 536 -9.54 32.40 27.99
N SER A 537 -10.33 33.29 27.39
CA SER A 537 -11.10 32.96 26.20
C SER A 537 -10.21 33.03 24.98
N ASP A 538 -10.81 32.99 23.79
CA ASP A 538 -10.04 33.01 22.56
C ASP A 538 -9.29 34.33 22.43
N GLY A 539 -8.16 34.29 21.72
CA GLY A 539 -7.34 35.46 21.53
C GLY A 539 -6.75 35.95 22.83
N SER A 540 -5.85 35.16 23.41
CA SER A 540 -5.20 35.53 24.66
C SER A 540 -4.03 34.60 24.90
N TYR A 541 -3.24 34.94 25.90
CA TYR A 541 -2.05 34.18 26.32
C TYR A 541 -1.59 34.82 27.62
N PHE A 542 -0.46 34.34 28.13
CA PHE A 542 0.12 35.01 29.29
C PHE A 542 1.62 34.79 29.27
N GLY A 543 2.33 35.70 29.93
CA GLY A 543 3.78 35.68 29.89
C GLY A 543 4.33 35.97 28.51
N GLU A 544 4.94 34.97 27.89
CA GLU A 544 5.53 35.01 26.56
C GLU A 544 6.73 35.96 26.47
N ILE A 545 7.08 36.65 27.56
CA ILE A 545 8.26 37.50 27.55
C ILE A 545 9.53 36.68 27.67
N SER A 546 9.44 35.50 28.28
CA SER A 546 10.61 34.68 28.48
C SER A 546 11.29 34.34 27.16
N ILE A 547 10.52 34.24 26.07
CA ILE A 547 11.07 33.79 24.80
C ILE A 547 12.26 34.62 24.36
N LEU A 548 12.43 35.82 24.90
CA LEU A 548 13.56 36.68 24.59
C LEU A 548 14.35 36.93 25.87
N ASN A 549 15.67 36.76 25.79
CA ASN A 549 16.54 36.94 26.95
C ASN A 549 16.72 38.42 27.24
N ILE A 550 15.65 39.03 27.77
CA ILE A 550 15.69 40.43 28.14
C ILE A 550 16.69 40.63 29.27
N LYS A 551 17.45 41.72 29.19
CA LYS A 551 18.37 42.07 30.26
C LYS A 551 17.61 42.35 31.55
N GLY A 552 18.16 41.88 32.67
CA GLY A 552 17.57 42.15 33.96
C GLY A 552 16.20 41.56 34.17
N SER A 553 15.88 40.46 33.48
CA SER A 553 14.58 39.83 33.68
C SER A 553 14.36 39.44 35.13
N LYS A 554 15.44 39.07 35.83
CA LYS A 554 15.57 39.10 37.29
C LYS A 554 14.61 38.14 37.99
N ALA A 555 13.66 37.59 37.23
CA ALA A 555 12.72 36.63 37.76
C ALA A 555 12.38 35.56 36.75
N GLY A 556 12.98 35.57 35.57
CA GLY A 556 12.64 34.65 34.52
C GLY A 556 12.83 33.21 34.95
N ASN A 557 12.33 32.31 34.11
CA ASN A 557 12.48 30.87 34.31
C ASN A 557 11.69 30.38 35.51
N ARG A 558 10.56 31.03 35.81
CA ARG A 558 9.74 30.63 36.94
C ARG A 558 8.37 30.11 36.52
N ARG A 559 7.59 30.90 35.79
CA ARG A 559 6.23 30.54 35.39
C ARG A 559 5.42 30.07 36.59
N THR A 560 5.21 31.02 37.51
CA THR A 560 4.49 30.75 38.75
C THR A 560 2.99 30.89 38.54
N ALA A 561 2.45 29.98 37.72
CA ALA A 561 1.06 30.08 37.29
C ALA A 561 0.20 28.91 37.74
N ASN A 562 0.59 27.67 37.44
CA ASN A 562 -0.25 26.49 37.62
C ASN A 562 -1.54 26.61 36.78
N ILE A 563 -1.34 26.60 35.48
CA ILE A 563 -2.42 26.69 34.51
C ILE A 563 -2.97 25.31 34.20
N LYS A 564 -4.24 25.28 33.78
CA LYS A 564 -4.95 24.03 33.58
C LYS A 564 -5.89 24.18 32.38
N SER A 565 -6.18 23.06 31.73
CA SER A 565 -7.10 23.02 30.60
C SER A 565 -8.37 22.28 31.00
N ILE A 566 -9.51 22.77 30.52
CA ILE A 566 -10.81 22.22 30.89
C ILE A 566 -11.43 21.41 29.76
N GLY A 567 -11.41 21.93 28.52
CA GLY A 567 -11.96 21.23 27.39
C GLY A 567 -10.97 21.22 26.23
N TYR A 568 -11.28 20.41 25.22
CA TYR A 568 -10.42 20.27 24.05
C TYR A 568 -10.03 21.64 23.52
N SER A 569 -8.75 21.97 23.55
CA SER A 569 -8.31 23.35 23.42
C SER A 569 -7.78 23.73 22.05
N ASP A 570 -6.78 23.01 21.56
CA ASP A 570 -6.18 23.26 20.24
C ASP A 570 -5.58 24.67 20.17
N LEU A 571 -4.53 24.86 20.96
CA LEU A 571 -3.75 26.09 20.96
C LEU A 571 -2.47 25.90 20.14
N PHE A 572 -1.66 26.94 20.07
CA PHE A 572 -0.52 26.97 19.15
C PHE A 572 0.79 27.28 19.85
N CYS A 573 1.89 26.89 19.20
CA CYS A 573 3.22 26.91 19.81
C CYS A 573 4.24 27.51 18.84
N LEU A 574 5.30 28.08 19.41
CA LEU A 574 6.43 28.61 18.65
C LEU A 574 7.69 28.58 19.50
N SER A 575 8.80 28.16 18.88
CA SER A 575 10.06 27.95 19.58
C SER A 575 10.78 29.29 19.80
N LYS A 576 12.04 29.21 20.22
CA LYS A 576 12.85 30.40 20.49
C LYS A 576 14.00 30.56 19.50
N ASP A 577 14.86 29.53 19.37
CA ASP A 577 15.97 29.62 18.43
C ASP A 577 15.46 29.87 17.02
N ASP A 578 14.24 29.43 16.72
CA ASP A 578 13.62 29.79 15.45
C ASP A 578 13.49 31.30 15.32
N LEU A 579 13.03 31.96 16.38
CA LEU A 579 12.95 33.41 16.35
C LEU A 579 14.32 34.04 16.16
N MET A 580 15.32 33.52 16.89
CA MET A 580 16.66 34.07 16.76
C MET A 580 17.19 33.95 15.33
N GLU A 581 16.99 32.79 14.71
CA GLU A 581 17.40 32.64 13.31
C GLU A 581 16.63 33.57 12.41
N ALA A 582 15.32 33.69 12.63
CA ALA A 582 14.49 34.54 11.79
C ALA A 582 14.80 36.01 11.95
N LEU A 583 15.59 36.38 12.95
CA LEU A 583 16.08 37.76 13.06
C LEU A 583 17.50 37.92 12.51
N THR A 584 17.86 37.19 11.46
CA THR A 584 19.16 37.37 10.82
C THR A 584 19.11 38.36 9.67
N GLU A 585 18.02 39.10 9.52
CA GLU A 585 17.91 40.08 8.45
C GLU A 585 17.43 41.46 8.90
N TYR A 586 16.74 41.58 10.03
CA TYR A 586 16.16 42.85 10.48
C TYR A 586 16.80 43.25 11.82
N PRO A 587 18.09 43.56 11.82
CA PRO A 587 18.77 43.85 13.10
C PRO A 587 18.26 45.10 13.78
N ASP A 588 17.63 46.02 13.04
CA ASP A 588 17.24 47.30 13.61
C ASP A 588 16.18 47.15 14.69
N ALA A 589 15.13 46.38 14.42
CA ALA A 589 14.02 46.28 15.35
C ALA A 589 14.41 45.57 16.64
N LYS A 590 15.53 44.85 16.64
CA LYS A 590 15.93 44.13 17.84
C LYS A 590 16.13 45.10 19.00
N GLY A 591 16.83 46.21 18.75
CA GLY A 591 17.06 47.17 19.82
C GLY A 591 15.78 47.79 20.33
N MET A 592 14.86 48.13 19.44
CA MET A 592 13.63 48.77 19.87
C MET A 592 12.76 47.81 20.68
N LEU A 593 12.68 46.53 20.27
CA LEU A 593 11.92 45.59 21.07
C LEU A 593 12.60 45.33 22.42
N GLU A 594 13.94 45.30 22.43
CA GLU A 594 14.67 45.13 23.68
C GLU A 594 14.33 46.27 24.65
N GLU A 595 14.42 47.51 24.18
CA GLU A 595 14.11 48.63 25.05
C GLU A 595 12.64 48.66 25.42
N LYS A 596 11.76 48.17 24.53
CA LYS A 596 10.35 48.05 24.87
C LYS A 596 10.15 47.15 26.08
N GLY A 597 10.78 45.97 26.04
CA GLY A 597 10.73 45.10 27.20
C GLY A 597 11.33 45.75 28.43
N LYS A 598 12.45 46.45 28.25
CA LYS A 598 13.08 47.13 29.37
C LYS A 598 12.12 48.11 30.03
N GLN A 599 11.50 48.98 29.25
CA GLN A 599 10.63 49.99 29.83
C GLN A 599 9.38 49.37 30.43
N ILE A 600 8.83 48.34 29.77
CA ILE A 600 7.59 47.76 30.28
C ILE A 600 7.84 47.05 31.60
N LEU A 601 8.98 46.36 31.73
CA LEU A 601 9.31 45.73 32.99
C LEU A 601 9.81 46.74 34.02
N MET A 602 10.21 47.94 33.59
CA MET A 602 10.64 48.95 34.54
C MET A 602 9.51 49.36 35.47
N LYS A 603 8.32 49.58 34.93
CA LYS A 603 7.20 50.08 35.70
C LYS A 603 6.11 49.04 35.91
N ASP A 604 5.58 48.46 34.83
CA ASP A 604 4.61 47.39 34.98
C ASP A 604 5.24 46.20 35.68
N GLY A 605 6.46 45.86 35.30
CA GLY A 605 7.26 44.96 36.10
C GLY A 605 7.83 45.66 37.31
N LEU A 606 8.28 44.88 38.28
CA LEU A 606 8.75 45.42 39.54
C LEU A 606 10.17 45.96 39.38
N LEU A 607 10.82 46.29 40.49
CA LEU A 607 12.16 46.86 40.47
C LEU A 607 13.13 45.98 39.68
N ASP A 608 13.73 46.57 38.66
CA ASP A 608 14.74 45.92 37.84
C ASP A 608 16.10 46.09 38.52
N ILE A 609 17.00 45.14 38.27
CA ILE A 609 18.25 45.11 39.01
C ILE A 609 19.14 46.30 38.64
N ASN A 610 19.23 46.61 37.34
CA ASN A 610 19.92 47.76 36.78
C ASN A 610 21.43 47.71 36.89
N ILE A 611 22.01 46.63 37.42
CA ILE A 611 23.46 46.54 37.55
C ILE A 611 24.11 45.74 36.43
N ALA A 612 23.34 45.29 35.44
CA ALA A 612 23.90 44.51 34.35
C ALA A 612 24.98 45.32 33.62
N ASN A 613 26.13 44.67 33.38
CA ASN A 613 27.26 45.35 32.78
C ASN A 613 28.11 44.33 32.03
N ALA A 614 28.99 44.84 31.18
CA ALA A 614 29.88 43.98 30.41
C ALA A 614 30.85 43.26 31.33
N GLY A 615 31.23 42.04 30.94
CA GLY A 615 32.12 41.23 31.73
C GLY A 615 33.57 41.44 31.39
N SER A 616 34.24 40.38 30.95
CA SER A 616 35.66 40.44 30.60
C SER A 616 35.79 40.93 29.17
N ASP A 617 36.35 42.14 29.01
CA ASP A 617 36.50 42.74 27.70
C ASP A 617 37.66 42.13 26.92
N PRO A 618 38.88 42.03 27.50
CA PRO A 618 39.93 41.41 26.67
C PRO A 618 39.79 39.89 26.61
N LYS B 151 12.30 -31.65 42.71
CA LYS B 151 11.70 -30.54 42.00
C LYS B 151 12.63 -30.02 40.92
N GLU B 152 13.31 -30.93 40.24
CA GLU B 152 14.26 -30.58 39.18
C GLU B 152 13.91 -31.32 37.90
N VAL B 153 12.64 -31.28 37.50
CA VAL B 153 12.18 -32.04 36.35
C VAL B 153 12.90 -31.58 35.08
N VAL B 154 13.14 -32.53 34.19
CA VAL B 154 13.77 -32.26 32.90
C VAL B 154 12.70 -31.85 31.91
N VAL B 155 13.04 -30.94 30.99
CA VAL B 155 12.07 -30.28 30.13
C VAL B 155 12.55 -30.34 28.69
N ILE B 156 11.60 -30.50 27.76
CA ILE B 156 11.89 -30.50 26.33
C ILE B 156 12.05 -29.07 25.84
N ASP B 157 12.83 -28.90 24.78
CA ASP B 157 13.03 -27.58 24.21
C ASP B 157 11.84 -27.20 23.33
N PRO B 158 11.20 -26.07 23.57
CA PRO B 158 9.96 -25.75 22.83
C PRO B 158 10.16 -25.43 21.37
N SER B 159 11.36 -25.66 20.83
CA SER B 159 11.57 -25.53 19.39
C SER B 159 12.39 -26.65 18.79
N GLY B 160 12.82 -27.64 19.56
CA GLY B 160 13.66 -28.69 19.05
C GLY B 160 12.92 -29.72 18.22
N ASN B 161 13.69 -30.56 17.52
CA ASN B 161 13.11 -31.56 16.64
C ASN B 161 12.24 -32.56 17.39
N THR B 162 12.48 -32.75 18.69
CA THR B 162 11.58 -33.58 19.48
C THR B 162 10.16 -33.04 19.43
N TYR B 163 10.01 -31.73 19.54
CA TYR B 163 8.69 -31.13 19.48
C TYR B 163 8.01 -31.41 18.15
N TYR B 164 8.74 -31.23 17.05
CA TYR B 164 8.19 -31.46 15.73
C TYR B 164 7.77 -32.93 15.56
N ASN B 165 8.60 -33.85 16.02
CA ASN B 165 8.26 -35.27 15.85
C ASN B 165 7.07 -35.66 16.69
N TRP B 166 7.00 -35.21 17.94
CA TRP B 166 5.81 -35.50 18.74
C TRP B 166 4.57 -34.89 18.10
N LEU B 167 4.72 -33.71 17.51
CA LEU B 167 3.58 -33.09 16.82
C LEU B 167 3.11 -33.98 15.67
N PHE B 168 4.04 -34.57 14.93
CA PHE B 168 3.61 -35.50 13.89
C PHE B 168 2.99 -36.75 14.50
N CYS B 169 3.36 -37.09 15.73
CA CYS B 169 2.75 -38.25 16.36
C CYS B 169 1.29 -38.00 16.71
N ILE B 170 0.97 -36.79 17.18
CA ILE B 170 -0.36 -36.52 17.73
C ILE B 170 -1.35 -36.12 16.65
N THR B 171 -0.97 -36.27 15.38
CA THR B 171 -1.88 -35.86 14.30
C THR B 171 -2.76 -36.98 13.80
N LEU B 172 -2.23 -38.18 13.65
CA LEU B 172 -2.99 -39.28 13.05
C LEU B 172 -4.31 -39.59 13.76
N PRO B 173 -4.38 -39.70 15.09
CA PRO B 173 -5.67 -40.06 15.71
C PRO B 173 -6.79 -39.06 15.48
N VAL B 174 -6.52 -37.75 15.57
CA VAL B 174 -7.61 -36.79 15.40
C VAL B 174 -8.09 -36.80 13.96
N MET B 175 -7.17 -36.96 13.00
CA MET B 175 -7.58 -37.04 11.61
C MET B 175 -8.40 -38.29 11.35
N TYR B 176 -8.05 -39.41 11.99
CA TYR B 176 -8.85 -40.62 11.91
C TYR B 176 -10.26 -40.40 12.46
N ASN B 177 -10.36 -39.73 13.60
CA ASN B 177 -11.67 -39.49 14.18
C ASN B 177 -12.48 -38.45 13.41
N TRP B 178 -11.82 -37.64 12.59
CA TRP B 178 -12.57 -36.65 11.83
C TRP B 178 -13.26 -37.25 10.62
N THR B 179 -13.01 -38.51 10.30
CA THR B 179 -13.75 -39.17 9.23
C THR B 179 -14.51 -40.39 9.68
N MET B 180 -13.88 -41.30 10.43
CA MET B 180 -14.45 -42.63 10.53
C MET B 180 -15.69 -42.67 11.40
N ILE B 181 -15.83 -41.75 12.36
CA ILE B 181 -17.01 -41.74 13.22
C ILE B 181 -18.27 -41.52 12.39
N ILE B 182 -18.26 -40.48 11.56
CA ILE B 182 -19.43 -40.18 10.75
C ILE B 182 -19.61 -41.21 9.64
N ALA B 183 -18.49 -41.67 9.05
CA ALA B 183 -18.64 -42.68 8.00
C ALA B 183 -19.04 -44.05 8.55
N ARG B 184 -19.04 -44.23 9.87
CA ARG B 184 -19.64 -45.40 10.48
C ARG B 184 -21.05 -45.16 10.94
N ALA B 185 -21.38 -43.94 11.34
CA ALA B 185 -22.76 -43.62 11.65
C ALA B 185 -23.64 -43.75 10.43
N CYS B 186 -23.14 -43.34 9.27
CA CYS B 186 -23.96 -43.35 8.06
C CYS B 186 -24.44 -44.75 7.70
N PHE B 187 -23.51 -45.60 7.30
CA PHE B 187 -23.87 -46.95 6.94
C PHE B 187 -24.10 -47.77 8.21
N ASP B 188 -24.50 -49.01 8.02
CA ASP B 188 -24.63 -49.93 9.15
C ASP B 188 -24.07 -51.30 8.80
N GLU B 189 -23.44 -51.44 7.65
CA GLU B 189 -22.86 -52.71 7.24
C GLU B 189 -21.35 -52.76 7.41
N LEU B 190 -20.74 -51.70 7.91
CA LEU B 190 -19.38 -51.79 8.43
C LEU B 190 -19.38 -51.79 9.96
N GLN B 191 -20.17 -50.92 10.58
CA GLN B 191 -20.49 -51.09 11.99
C GLN B 191 -21.30 -52.35 12.17
N SER B 192 -20.96 -53.11 13.23
CA SER B 192 -21.49 -54.44 13.50
C SER B 192 -21.07 -55.48 12.47
N ASP B 193 -20.09 -55.17 11.64
CA ASP B 193 -19.56 -56.15 10.70
C ASP B 193 -18.05 -56.27 10.77
N TYR B 194 -17.33 -55.16 10.95
CA TYR B 194 -15.88 -55.17 11.04
C TYR B 194 -15.40 -54.64 12.38
N LEU B 195 -16.22 -54.82 13.43
CA LEU B 195 -15.88 -54.21 14.72
C LEU B 195 -14.69 -54.88 15.40
N GLU B 196 -14.21 -56.01 14.88
CA GLU B 196 -13.05 -56.68 15.45
C GLU B 196 -11.86 -55.75 15.50
N TYR B 197 -11.39 -55.31 14.34
CA TYR B 197 -10.23 -54.42 14.31
C TYR B 197 -10.60 -53.03 14.84
N TRP B 198 -11.87 -52.66 14.74
CA TRP B 198 -12.29 -51.33 15.15
C TRP B 198 -12.14 -51.14 16.65
N LEU B 199 -12.68 -52.08 17.43
CA LEU B 199 -12.63 -51.93 18.88
C LEU B 199 -11.21 -51.99 19.41
N ALA B 200 -10.27 -52.50 18.60
CA ALA B 200 -8.87 -52.42 18.98
C ALA B 200 -8.28 -51.05 18.61
N PHE B 201 -8.49 -50.62 17.37
CA PHE B 201 -7.91 -49.36 16.93
C PHE B 201 -8.40 -48.18 17.76
N ASP B 202 -9.57 -48.29 18.37
CA ASP B 202 -10.08 -47.16 19.15
C ASP B 202 -9.24 -46.90 20.40
N TYR B 203 -8.81 -47.96 21.08
CA TYR B 203 -8.24 -47.78 22.41
C TYR B 203 -6.83 -47.20 22.34
N LEU B 204 -6.06 -47.54 21.29
CA LEU B 204 -4.77 -46.92 21.09
C LEU B 204 -4.91 -45.41 20.97
N SER B 205 -5.91 -44.95 20.23
CA SER B 205 -6.08 -43.52 20.06
C SER B 205 -6.55 -42.86 21.36
N ASP B 206 -7.38 -43.55 22.14
CA ASP B 206 -7.74 -42.99 23.44
C ASP B 206 -6.50 -42.81 24.34
N VAL B 207 -5.63 -43.82 24.37
CA VAL B 207 -4.47 -43.70 25.26
C VAL B 207 -3.50 -42.64 24.72
N VAL B 208 -3.42 -42.47 23.40
CA VAL B 208 -2.56 -41.42 22.87
C VAL B 208 -3.10 -40.04 23.24
N TYR B 209 -4.43 -39.88 23.26
CA TYR B 209 -5.01 -38.66 23.81
C TYR B 209 -4.56 -38.45 25.25
N LEU B 210 -4.62 -39.51 26.06
CA LEU B 210 -4.19 -39.40 27.44
C LEU B 210 -2.74 -38.94 27.53
N LEU B 211 -1.88 -39.53 26.69
CA LEU B 211 -0.47 -39.13 26.67
C LEU B 211 -0.31 -37.68 26.25
N ASP B 212 -1.10 -37.24 25.28
CA ASP B 212 -1.15 -35.84 24.89
C ASP B 212 -1.36 -34.94 26.09
N MET B 213 -2.23 -35.36 27.00
CA MET B 213 -2.43 -34.54 28.19
C MET B 213 -1.16 -34.35 29.02
N PHE B 214 -0.09 -35.08 28.71
CA PHE B 214 1.12 -35.08 29.55
C PHE B 214 2.16 -34.06 29.09
N VAL B 215 2.63 -34.19 27.86
CA VAL B 215 3.80 -33.43 27.41
C VAL B 215 3.49 -31.95 27.35
N ARG B 216 2.24 -31.57 27.60
CA ARG B 216 1.91 -30.15 27.67
C ARG B 216 2.36 -29.52 28.97
N THR B 217 2.32 -30.26 30.07
CA THR B 217 2.63 -29.68 31.37
C THR B 217 4.14 -29.63 31.65
N ARG B 218 4.96 -30.14 30.75
CA ARG B 218 6.40 -30.16 30.93
C ARG B 218 7.11 -29.40 29.82
N THR B 219 6.57 -28.23 29.46
CA THR B 219 7.24 -27.32 28.55
C THR B 219 7.33 -25.95 29.21
N GLY B 220 8.47 -25.30 29.07
CA GLY B 220 8.78 -24.11 29.81
C GLY B 220 8.34 -22.84 29.11
N TYR B 221 8.77 -21.71 29.67
CA TYR B 221 8.55 -20.41 29.08
C TYR B 221 9.54 -19.46 29.72
N LEU B 222 10.34 -18.78 28.89
CA LEU B 222 11.46 -18.01 29.39
C LEU B 222 11.00 -16.86 30.28
N GLU B 223 11.79 -16.57 31.31
CA GLU B 223 11.52 -15.44 32.19
C GLU B 223 12.36 -14.23 31.83
N GLN B 224 13.68 -14.34 31.95
CA GLN B 224 14.62 -13.30 31.55
C GLN B 224 15.81 -14.04 30.93
N GLY B 225 15.70 -14.35 29.65
CA GLY B 225 16.70 -15.17 28.99
C GLY B 225 16.87 -16.53 29.63
N LEU B 226 16.08 -16.79 30.67
CA LEU B 226 16.12 -18.03 31.42
C LEU B 226 14.76 -18.68 31.37
N LEU B 227 14.71 -19.92 30.93
CA LEU B 227 13.47 -20.68 30.84
C LEU B 227 13.30 -21.51 32.11
N VAL B 228 12.21 -21.24 32.83
CA VAL B 228 11.96 -21.93 34.09
C VAL B 228 11.99 -23.43 33.88
N LYS B 229 12.59 -24.14 34.83
CA LYS B 229 12.90 -25.55 34.65
C LYS B 229 12.52 -26.35 35.89
N GLU B 230 11.30 -26.14 36.39
CA GLU B 230 10.76 -26.97 37.45
C GLU B 230 9.25 -26.86 37.48
N GLU B 231 8.62 -27.90 38.01
CA GLU B 231 7.17 -27.99 38.10
C GLU B 231 6.67 -27.16 39.29
N ARG B 232 5.38 -27.30 39.60
CA ARG B 232 4.70 -26.66 40.72
C ARG B 232 4.51 -25.18 40.45
N LYS B 233 5.14 -24.69 39.39
CA LYS B 233 4.76 -23.45 38.75
C LYS B 233 4.84 -23.55 37.24
N LEU B 234 5.41 -24.62 36.70
CA LEU B 234 5.21 -24.96 35.30
C LEU B 234 3.79 -25.43 35.04
N ILE B 235 3.01 -25.64 36.10
CA ILE B 235 1.68 -26.21 35.98
C ILE B 235 0.58 -25.22 36.36
N ASP B 236 0.87 -24.27 37.26
CA ASP B 236 -0.17 -23.37 37.75
C ASP B 236 -0.75 -22.51 36.63
N LYS B 237 0.10 -21.97 35.75
CA LYS B 237 -0.40 -21.18 34.65
C LYS B 237 -1.32 -22.00 33.77
N TYR B 238 -0.91 -23.23 33.44
CA TYR B 238 -1.72 -24.07 32.57
C TYR B 238 -3.06 -24.36 33.22
N LYS B 239 -3.06 -24.63 34.52
CA LYS B 239 -4.31 -24.88 35.22
C LYS B 239 -5.20 -23.64 35.25
N SER B 240 -4.60 -22.46 35.29
CA SER B 240 -5.37 -21.23 35.42
C SER B 240 -5.85 -20.66 34.08
N THR B 241 -5.25 -21.06 32.97
CA THR B 241 -5.58 -20.48 31.68
C THR B 241 -6.84 -21.10 31.10
N PHE B 242 -7.12 -20.78 29.83
CA PHE B 242 -8.12 -21.46 29.04
C PHE B 242 -7.44 -22.67 28.40
N GLN B 243 -8.10 -23.31 27.43
CA GLN B 243 -7.53 -24.44 26.70
C GLN B 243 -7.41 -25.66 27.62
N PHE B 244 -7.72 -25.46 28.90
CA PHE B 244 -7.85 -26.58 29.82
C PHE B 244 -9.27 -27.09 29.94
N LYS B 245 -10.26 -26.25 29.64
CA LYS B 245 -11.64 -26.74 29.63
C LYS B 245 -11.83 -27.81 28.57
N LEU B 246 -11.25 -27.61 27.39
CA LEU B 246 -11.25 -28.66 26.38
C LEU B 246 -10.54 -29.90 26.88
N ASP B 247 -9.48 -29.71 27.66
CA ASP B 247 -8.76 -30.84 28.22
C ASP B 247 -9.66 -31.63 29.15
N VAL B 248 -10.47 -30.94 29.96
CA VAL B 248 -11.42 -31.63 30.83
C VAL B 248 -12.44 -32.40 29.99
N LEU B 249 -12.98 -31.74 28.97
CA LEU B 249 -14.12 -32.31 28.25
C LEU B 249 -13.73 -33.50 27.39
N SER B 250 -12.64 -33.39 26.64
CA SER B 250 -12.42 -34.25 25.48
C SER B 250 -11.77 -35.58 25.81
N VAL B 251 -11.82 -36.03 27.06
CA VAL B 251 -11.22 -37.33 27.37
C VAL B 251 -12.20 -38.17 28.20
N ILE B 252 -13.25 -37.53 28.73
CA ILE B 252 -14.25 -38.21 29.56
C ILE B 252 -14.69 -39.51 28.93
N PRO B 253 -14.46 -40.66 29.55
CA PRO B 253 -14.92 -41.92 28.98
C PRO B 253 -16.42 -42.09 29.08
N THR B 254 -17.12 -41.91 27.96
CA THR B 254 -18.55 -42.17 27.86
C THR B 254 -18.83 -43.42 27.04
N ASP B 255 -17.97 -44.43 27.14
CA ASP B 255 -18.17 -45.70 26.48
C ASP B 255 -19.07 -46.62 27.27
N LEU B 256 -19.87 -46.06 28.18
CA LEU B 256 -20.83 -46.81 28.97
C LEU B 256 -22.26 -46.66 28.46
N LEU B 257 -22.56 -45.55 27.76
CA LEU B 257 -23.92 -45.31 27.29
C LEU B 257 -24.39 -46.36 26.29
N TYR B 258 -23.47 -47.16 25.74
CA TYR B 258 -23.86 -48.28 24.91
C TYR B 258 -24.76 -49.25 25.65
N ILE B 259 -24.67 -49.28 26.99
CA ILE B 259 -25.53 -50.16 27.76
C ILE B 259 -27.00 -49.76 27.58
N LYS B 260 -27.26 -48.47 27.39
CA LYS B 260 -28.58 -48.00 27.02
C LYS B 260 -28.74 -47.85 25.52
N PHE B 261 -27.70 -48.17 24.74
CA PHE B 261 -27.78 -48.02 23.29
C PHE B 261 -27.15 -49.20 22.56
N GLY B 262 -27.05 -50.35 23.21
CA GLY B 262 -26.62 -51.57 22.53
C GLY B 262 -25.23 -51.45 21.94
N TRP B 263 -25.08 -51.96 20.72
CA TRP B 263 -23.83 -51.94 19.98
C TRP B 263 -24.06 -51.42 18.58
N ASN B 264 -24.98 -50.48 18.44
CA ASN B 264 -25.33 -49.91 17.14
C ASN B 264 -25.46 -48.39 17.24
N TYR B 265 -24.54 -47.75 17.95
CA TYR B 265 -24.57 -46.29 18.04
C TYR B 265 -23.19 -45.69 18.22
N PRO B 266 -22.25 -45.89 17.28
CA PRO B 266 -20.95 -45.22 17.43
C PRO B 266 -21.06 -43.77 17.00
N GLU B 267 -22.13 -43.12 17.42
CA GLU B 267 -22.29 -41.68 17.32
C GLU B 267 -22.24 -41.03 18.70
N ILE B 268 -22.02 -41.83 19.74
CA ILE B 268 -21.83 -41.31 21.08
C ILE B 268 -20.53 -40.56 21.21
N ARG B 269 -19.61 -40.74 20.27
CA ARG B 269 -18.27 -40.20 20.36
C ARG B 269 -18.18 -38.81 19.73
N LEU B 270 -19.08 -37.93 20.14
CA LEU B 270 -19.04 -36.55 19.67
C LEU B 270 -18.23 -35.66 20.61
N ASN B 271 -17.06 -36.13 21.02
CA ASN B 271 -16.15 -35.32 21.81
C ASN B 271 -14.71 -35.40 21.35
N ARG B 272 -14.29 -36.51 20.74
CA ARG B 272 -12.92 -36.63 20.25
C ARG B 272 -12.60 -35.59 19.19
N LEU B 273 -13.59 -34.82 18.73
CA LEU B 273 -13.38 -33.78 17.73
C LEU B 273 -13.24 -32.42 18.37
N LEU B 274 -12.61 -32.34 19.55
CA LEU B 274 -12.26 -31.07 20.14
C LEU B 274 -10.76 -30.87 20.27
N ARG B 275 -9.96 -31.89 19.95
CA ARG B 275 -8.51 -31.78 19.92
C ARG B 275 -8.03 -31.48 18.51
N ILE B 276 -8.49 -30.36 17.98
CA ILE B 276 -8.20 -30.01 16.59
C ILE B 276 -7.20 -28.85 16.48
N SER B 277 -7.01 -28.07 17.55
CA SER B 277 -6.06 -26.97 17.47
C SER B 277 -4.66 -27.49 17.16
N ARG B 278 -4.30 -28.63 17.75
CA ARG B 278 -2.99 -29.22 17.46
C ARG B 278 -2.88 -29.61 16.00
N MET B 279 -3.94 -30.20 15.45
CA MET B 279 -3.91 -30.61 14.05
C MET B 279 -3.73 -29.41 13.15
N PHE B 280 -4.43 -28.32 13.45
CA PHE B 280 -4.22 -27.09 12.68
C PHE B 280 -2.78 -26.63 12.79
N GLU B 281 -2.30 -26.50 14.02
CA GLU B 281 -1.01 -25.88 14.26
C GLU B 281 0.11 -26.64 13.57
N PHE B 282 -0.01 -27.97 13.50
CA PHE B 282 1.05 -28.77 12.88
C PHE B 282 1.49 -28.17 11.55
N PHE B 283 0.58 -28.12 10.58
CA PHE B 283 0.99 -27.62 9.29
C PHE B 283 0.69 -26.15 9.11
N GLN B 284 0.13 -25.48 10.11
CA GLN B 284 0.27 -24.04 10.12
C GLN B 284 1.72 -23.65 10.35
N ARG B 285 2.46 -24.46 11.11
CA ARG B 285 3.83 -24.15 11.44
C ARG B 285 4.83 -24.79 10.49
N THR B 286 4.57 -26.01 10.01
CA THR B 286 5.59 -26.69 9.22
C THR B 286 5.94 -25.95 7.94
N GLU B 287 5.10 -24.99 7.51
CA GLU B 287 5.39 -24.27 6.28
C GLU B 287 6.68 -23.45 6.42
N THR B 288 6.89 -22.81 7.56
CA THR B 288 8.06 -21.95 7.70
C THR B 288 9.36 -22.74 7.73
N ARG B 289 9.32 -24.05 7.94
CA ARG B 289 10.54 -24.85 7.94
C ARG B 289 10.85 -25.51 6.60
N THR B 290 9.89 -25.56 5.67
CA THR B 290 10.14 -26.30 4.44
C THR B 290 11.15 -25.55 3.57
N ASN B 291 11.47 -26.15 2.43
CA ASN B 291 12.44 -25.55 1.52
C ASN B 291 11.80 -24.46 0.66
N TYR B 292 10.72 -24.79 -0.04
CA TYR B 292 10.00 -23.79 -0.81
C TYR B 292 8.50 -23.94 -0.64
N PRO B 293 7.83 -22.91 -0.16
CA PRO B 293 6.37 -22.95 -0.06
C PRO B 293 5.72 -22.83 -1.41
N ASN B 294 4.41 -22.62 -1.42
CA ASN B 294 3.57 -22.35 -2.59
C ASN B 294 3.18 -23.63 -3.32
N ILE B 295 3.47 -24.78 -2.76
CA ILE B 295 2.70 -25.98 -3.03
C ILE B 295 1.87 -26.37 -1.82
N PHE B 296 2.23 -25.87 -0.65
CA PHE B 296 1.65 -26.36 0.58
C PHE B 296 0.23 -25.81 0.76
N ARG B 297 0.02 -24.54 0.40
CA ARG B 297 -1.30 -23.95 0.52
C ARG B 297 -2.32 -24.70 -0.34
N ILE B 298 -1.95 -24.99 -1.59
CA ILE B 298 -2.89 -25.65 -2.47
C ILE B 298 -3.14 -27.08 -2.00
N SER B 299 -2.10 -27.75 -1.50
CA SER B 299 -2.33 -29.08 -0.94
C SER B 299 -3.35 -29.02 0.19
N ASN B 300 -3.24 -28.02 1.06
CA ASN B 300 -4.18 -27.91 2.17
C ASN B 300 -5.60 -27.69 1.69
N LEU B 301 -5.78 -26.79 0.72
CA LEU B 301 -7.13 -26.54 0.22
C LEU B 301 -7.73 -27.80 -0.41
N VAL B 302 -6.93 -28.55 -1.16
CA VAL B 302 -7.42 -29.81 -1.71
C VAL B 302 -7.91 -30.71 -0.58
N MET B 303 -7.11 -30.84 0.48
CA MET B 303 -7.50 -31.72 1.58
C MET B 303 -8.84 -31.30 2.17
N TYR B 304 -9.00 -30.00 2.43
CA TYR B 304 -10.22 -29.54 3.08
C TYR B 304 -11.44 -29.80 2.20
N ILE B 305 -11.33 -29.52 0.90
CA ILE B 305 -12.51 -29.72 0.06
C ILE B 305 -12.87 -31.20 -0.05
N ILE B 306 -11.86 -32.07 -0.07
CA ILE B 306 -12.16 -33.50 -0.14
C ILE B 306 -12.92 -33.96 1.09
N ILE B 307 -12.46 -33.53 2.27
CA ILE B 307 -13.18 -33.95 3.47
C ILE B 307 -14.60 -33.39 3.47
N ILE B 308 -14.80 -32.20 2.91
CA ILE B 308 -16.15 -31.65 2.83
C ILE B 308 -17.05 -32.56 2.00
N ILE B 309 -16.58 -32.93 0.80
CA ILE B 309 -17.44 -33.73 -0.06
C ILE B 309 -17.75 -35.07 0.60
N HIS B 310 -16.80 -35.63 1.35
CA HIS B 310 -17.08 -36.89 2.02
C HIS B 310 -18.19 -36.73 3.05
N TRP B 311 -18.12 -35.66 3.85
CA TRP B 311 -19.20 -35.43 4.81
C TRP B 311 -20.55 -35.33 4.11
N ASN B 312 -20.59 -34.68 2.95
CA ASN B 312 -21.89 -34.48 2.32
C ASN B 312 -22.41 -35.80 1.71
N ALA B 313 -21.51 -36.62 1.17
CA ALA B 313 -21.92 -37.94 0.69
C ALA B 313 -22.44 -38.81 1.82
N CYS B 314 -21.94 -38.61 3.04
CA CYS B 314 -22.57 -39.22 4.20
C CYS B 314 -24.00 -38.72 4.38
N VAL B 315 -24.18 -37.40 4.40
CA VAL B 315 -25.47 -36.83 4.80
C VAL B 315 -26.57 -37.24 3.81
N TYR B 316 -26.23 -37.35 2.53
CA TYR B 316 -27.25 -37.68 1.54
C TYR B 316 -27.83 -39.07 1.78
N PHE B 317 -26.99 -40.05 2.05
CA PHE B 317 -27.48 -41.38 2.39
C PHE B 317 -28.28 -41.35 3.68
N SER B 318 -27.79 -40.60 4.67
CA SER B 318 -28.51 -40.54 5.93
C SER B 318 -29.94 -40.05 5.73
N ILE B 319 -30.11 -39.01 4.92
CA ILE B 319 -31.47 -38.52 4.69
C ILE B 319 -32.24 -39.48 3.81
N SER B 320 -31.57 -40.16 2.87
CA SER B 320 -32.27 -41.10 2.00
C SER B 320 -32.93 -42.20 2.82
N LYS B 321 -32.19 -42.81 3.73
CA LYS B 321 -32.77 -43.92 4.49
C LYS B 321 -33.65 -43.39 5.62
N ALA B 322 -34.57 -42.51 5.27
CA ALA B 322 -35.60 -42.06 6.20
C ALA B 322 -36.97 -42.00 5.57
N ILE B 323 -37.07 -42.24 4.26
CA ILE B 323 -38.35 -42.28 3.57
C ILE B 323 -38.64 -43.64 2.98
N GLY B 324 -37.64 -44.45 2.68
CA GLY B 324 -37.81 -45.79 2.13
C GLY B 324 -37.07 -45.90 0.81
N PHE B 325 -36.24 -46.94 0.71
CA PHE B 325 -35.45 -47.16 -0.50
C PHE B 325 -36.39 -47.47 -1.65
N GLY B 326 -36.51 -46.53 -2.59
CA GLY B 326 -37.34 -46.71 -3.76
C GLY B 326 -38.72 -46.14 -3.67
N ASN B 327 -39.04 -45.40 -2.60
CA ASN B 327 -40.34 -44.73 -2.54
C ASN B 327 -40.44 -43.57 -3.52
N ASP B 328 -39.33 -43.15 -4.11
CA ASP B 328 -39.32 -42.06 -5.08
C ASP B 328 -38.37 -42.47 -6.21
N THR B 329 -38.00 -41.51 -7.06
CA THR B 329 -36.96 -41.72 -8.05
C THR B 329 -35.71 -40.89 -7.81
N TRP B 330 -35.81 -39.80 -7.04
CA TRP B 330 -34.62 -39.04 -6.68
C TRP B 330 -33.78 -39.79 -5.66
N VAL B 331 -34.45 -40.46 -4.72
CA VAL B 331 -33.79 -41.10 -3.59
C VAL B 331 -33.00 -42.29 -4.09
N TYR B 332 -32.11 -42.82 -3.25
CA TYR B 332 -31.38 -44.02 -3.58
C TYR B 332 -32.35 -45.16 -3.88
N PRO B 333 -32.06 -46.01 -4.86
CA PRO B 333 -33.00 -47.08 -5.24
C PRO B 333 -33.23 -48.08 -4.12
N ASP B 334 -34.14 -49.03 -4.37
CA ASP B 334 -34.31 -50.13 -3.43
C ASP B 334 -33.09 -51.04 -3.49
N VAL B 335 -32.93 -51.86 -2.45
CA VAL B 335 -31.64 -52.52 -2.21
C VAL B 335 -31.72 -54.03 -2.14
N ASN B 336 -32.87 -54.64 -1.79
CA ASN B 336 -32.88 -56.08 -1.57
C ASN B 336 -32.64 -56.87 -2.85
N ASP B 337 -32.72 -56.24 -4.02
CA ASP B 337 -32.36 -56.90 -5.25
C ASP B 337 -30.84 -57.08 -5.33
N PRO B 338 -30.38 -58.02 -6.15
CA PRO B 338 -28.93 -58.23 -6.28
C PRO B 338 -28.21 -57.08 -6.95
N ASP B 339 -26.90 -57.21 -7.13
CA ASP B 339 -26.02 -56.21 -7.75
C ASP B 339 -26.01 -54.90 -6.99
N PHE B 340 -26.62 -54.84 -5.80
CA PHE B 340 -26.95 -53.55 -5.22
C PHE B 340 -27.09 -53.74 -3.71
N GLY B 341 -26.12 -53.24 -2.95
CA GLY B 341 -26.22 -53.32 -1.50
C GLY B 341 -25.09 -54.02 -0.79
N ARG B 342 -23.89 -54.02 -1.37
CA ARG B 342 -22.75 -54.75 -0.80
C ARG B 342 -21.58 -53.84 -0.46
N LEU B 343 -21.87 -52.59 -0.09
CA LEU B 343 -20.89 -51.65 0.46
C LEU B 343 -19.81 -51.25 -0.53
N ALA B 344 -19.82 -51.82 -1.74
CA ALA B 344 -19.01 -51.30 -2.82
C ALA B 344 -19.85 -50.51 -3.82
N ARG B 345 -21.16 -50.72 -3.80
CA ARG B 345 -22.10 -49.89 -4.54
C ARG B 345 -22.85 -48.93 -3.62
N LYS B 346 -22.96 -49.27 -2.34
CA LYS B 346 -23.67 -48.41 -1.41
C LYS B 346 -22.92 -47.13 -1.10
N TYR B 347 -21.67 -47.00 -1.52
CA TYR B 347 -20.84 -45.86 -1.17
C TYR B 347 -20.35 -45.07 -2.37
N VAL B 348 -19.83 -45.76 -3.39
CA VAL B 348 -19.30 -45.06 -4.54
C VAL B 348 -20.39 -44.27 -5.24
N TYR B 349 -21.59 -44.85 -5.34
CA TYR B 349 -22.70 -44.14 -5.96
C TYR B 349 -23.01 -42.87 -5.17
N SER B 350 -23.04 -42.96 -3.85
CA SER B 350 -23.33 -41.78 -3.04
C SER B 350 -22.27 -40.71 -3.23
N LEU B 351 -21.00 -41.12 -3.29
CA LEU B 351 -19.93 -40.15 -3.51
C LEU B 351 -20.10 -39.46 -4.86
N TYR B 352 -20.43 -40.24 -5.90
CA TYR B 352 -20.66 -39.67 -7.21
C TYR B 352 -21.78 -38.65 -7.18
N TRP B 353 -22.87 -38.99 -6.51
CA TRP B 353 -23.99 -38.09 -6.44
C TRP B 353 -23.62 -36.80 -5.71
N SER B 354 -22.89 -36.93 -4.60
CA SER B 354 -22.53 -35.74 -3.84
C SER B 354 -21.63 -34.82 -4.64
N THR B 355 -20.64 -35.39 -5.35
CA THR B 355 -19.73 -34.53 -6.10
C THR B 355 -20.46 -33.82 -7.24
N LEU B 356 -21.35 -34.53 -7.94
CA LEU B 356 -22.13 -33.86 -8.96
C LEU B 356 -22.96 -32.74 -8.37
N THR B 357 -23.63 -33.02 -7.24
CA THR B 357 -24.53 -32.03 -6.67
C THR B 357 -23.77 -30.79 -6.21
N LEU B 358 -22.60 -30.96 -5.60
CA LEU B 358 -21.86 -29.79 -5.13
C LEU B 358 -21.04 -29.12 -6.21
N THR B 359 -20.83 -29.74 -7.36
CA THR B 359 -20.33 -28.94 -8.47
C THR B 359 -21.47 -28.32 -9.27
N THR B 360 -22.72 -28.67 -8.94
CA THR B 360 -23.90 -27.84 -9.22
C THR B 360 -24.13 -27.63 -10.72
N ILE B 361 -24.39 -28.72 -11.43
CA ILE B 361 -24.63 -28.65 -12.85
C ILE B 361 -25.93 -29.33 -13.28
N GLY B 362 -26.45 -30.24 -12.47
CA GLY B 362 -27.79 -30.76 -12.70
C GLY B 362 -27.92 -31.85 -13.75
N GLU B 363 -27.33 -33.01 -13.48
CA GLU B 363 -27.47 -34.18 -14.35
C GLU B 363 -28.11 -35.34 -13.59
N THR B 364 -28.93 -35.04 -12.60
CA THR B 364 -29.59 -36.02 -11.76
C THR B 364 -31.08 -35.75 -11.73
N PRO B 365 -31.90 -36.77 -11.48
CA PRO B 365 -33.34 -36.57 -11.49
C PRO B 365 -33.73 -35.53 -10.46
N PRO B 366 -34.79 -34.77 -10.72
CA PRO B 366 -35.13 -33.63 -9.88
C PRO B 366 -35.98 -34.05 -8.70
N PRO B 367 -36.02 -33.24 -7.64
CA PRO B 367 -36.74 -33.63 -6.42
C PRO B 367 -38.24 -33.67 -6.65
N VAL B 368 -38.92 -34.45 -5.80
CA VAL B 368 -40.36 -34.61 -5.95
C VAL B 368 -41.14 -34.50 -4.63
N ARG B 369 -40.47 -34.55 -3.49
CA ARG B 369 -41.14 -34.84 -2.23
C ARG B 369 -41.29 -33.64 -1.30
N ASP B 370 -40.54 -32.56 -1.52
CA ASP B 370 -40.58 -31.37 -0.69
C ASP B 370 -40.12 -31.65 0.74
N SER B 371 -38.91 -32.10 0.82
CA SER B 371 -37.99 -31.92 1.94
C SER B 371 -36.66 -31.43 1.45
N GLU B 372 -36.26 -31.90 0.27
CA GLU B 372 -34.98 -31.61 -0.38
C GLU B 372 -34.98 -30.29 -1.12
N TYR B 373 -36.13 -29.64 -1.24
CA TYR B 373 -36.14 -28.27 -1.72
C TYR B 373 -35.30 -27.38 -0.82
N PHE B 374 -35.18 -27.74 0.46
CA PHE B 374 -34.18 -27.11 1.31
C PHE B 374 -32.79 -27.60 0.98
N PHE B 375 -32.64 -28.91 0.79
CA PHE B 375 -31.33 -29.51 0.73
C PHE B 375 -30.53 -28.99 -0.45
N VAL B 376 -31.13 -29.00 -1.64
CA VAL B 376 -30.38 -28.63 -2.84
C VAL B 376 -30.06 -27.14 -2.82
N VAL B 377 -30.97 -26.32 -2.31
CA VAL B 377 -30.70 -24.90 -2.16
C VAL B 377 -29.46 -24.68 -1.30
N ALA B 378 -29.41 -25.33 -0.14
CA ALA B 378 -28.25 -25.16 0.72
C ALA B 378 -26.99 -25.63 0.02
N ASP B 379 -27.08 -26.73 -0.73
CA ASP B 379 -25.89 -27.24 -1.42
C ASP B 379 -25.35 -26.22 -2.41
N PHE B 380 -26.23 -25.62 -3.21
CA PHE B 380 -25.76 -24.61 -4.16
C PHE B 380 -25.13 -23.43 -3.42
N LEU B 381 -25.79 -22.99 -2.34
CA LEU B 381 -25.33 -21.82 -1.61
C LEU B 381 -24.00 -22.07 -0.93
N ILE B 382 -23.60 -23.32 -0.76
CA ILE B 382 -22.26 -23.61 -0.24
C ILE B 382 -21.23 -23.74 -1.37
N GLY B 383 -21.63 -24.36 -2.48
CA GLY B 383 -20.70 -24.50 -3.59
C GLY B 383 -20.17 -23.17 -4.08
N VAL B 384 -21.05 -22.15 -4.10
CA VAL B 384 -20.61 -20.84 -4.55
C VAL B 384 -19.47 -20.32 -3.67
N LEU B 385 -19.61 -20.45 -2.35
CA LEU B 385 -18.57 -19.98 -1.45
C LEU B 385 -17.28 -20.74 -1.65
N ILE B 386 -17.36 -22.05 -1.89
CA ILE B 386 -16.14 -22.82 -2.13
C ILE B 386 -15.38 -22.24 -3.32
N PHE B 387 -16.11 -22.00 -4.42
CA PHE B 387 -15.47 -21.44 -5.61
C PHE B 387 -14.81 -20.10 -5.29
N ALA B 388 -15.51 -19.24 -4.57
CA ALA B 388 -14.97 -17.93 -4.28
C ALA B 388 -13.69 -18.02 -3.47
N THR B 389 -13.68 -18.87 -2.44
CA THR B 389 -12.48 -18.98 -1.60
C THR B 389 -11.28 -19.43 -2.41
N ILE B 390 -11.44 -20.50 -3.20
CA ILE B 390 -10.28 -20.99 -3.92
C ILE B 390 -9.74 -19.94 -4.88
N VAL B 391 -10.63 -19.26 -5.62
CA VAL B 391 -10.13 -18.31 -6.61
C VAL B 391 -9.45 -17.12 -5.92
N GLY B 392 -10.04 -16.60 -4.84
CA GLY B 392 -9.42 -15.49 -4.16
C GLY B 392 -8.04 -15.83 -3.63
N ASN B 393 -7.91 -17.01 -3.04
CA ASN B 393 -6.61 -17.40 -2.49
C ASN B 393 -5.56 -17.49 -3.58
N ILE B 394 -5.89 -18.17 -4.68
CA ILE B 394 -4.90 -18.29 -5.74
C ILE B 394 -4.55 -16.93 -6.33
N GLY B 395 -5.52 -16.02 -6.38
CA GLY B 395 -5.23 -14.69 -6.89
C GLY B 395 -4.23 -13.94 -6.03
N SER B 396 -4.42 -13.97 -4.71
CA SER B 396 -3.47 -13.30 -3.84
C SER B 396 -2.08 -13.90 -3.99
N MET B 397 -2.00 -15.22 -4.08
CA MET B 397 -0.71 -15.89 -4.25
C MET B 397 -0.01 -15.43 -5.52
N ILE B 398 -0.74 -15.43 -6.64
CA ILE B 398 -0.12 -15.08 -7.91
C ILE B 398 0.30 -13.62 -7.93
N SER B 399 -0.46 -12.74 -7.27
CA SER B 399 -0.03 -11.35 -7.18
C SER B 399 1.25 -11.22 -6.37
N ASN B 400 1.33 -11.92 -5.24
CA ASN B 400 2.48 -11.73 -4.36
C ASN B 400 3.78 -12.20 -5.00
N MET B 401 3.79 -13.36 -5.66
CA MET B 401 5.14 -13.83 -5.97
C MET B 401 5.82 -13.07 -7.11
N ASN B 402 5.24 -11.96 -7.58
CA ASN B 402 5.89 -11.10 -8.56
C ASN B 402 5.77 -9.64 -8.14
N ALA B 403 6.75 -9.15 -7.38
CA ALA B 403 6.80 -7.76 -6.98
C ALA B 403 8.13 -7.09 -7.32
N ALA B 404 9.04 -7.79 -7.99
CA ALA B 404 10.33 -7.20 -8.35
C ALA B 404 10.30 -6.58 -9.73
N ARG B 405 9.78 -7.33 -10.71
CA ARG B 405 9.76 -6.82 -12.08
C ARG B 405 8.92 -5.56 -12.19
N ALA B 406 7.79 -5.51 -11.48
CA ALA B 406 6.94 -4.32 -11.55
C ALA B 406 7.70 -3.09 -11.09
N GLU B 407 8.40 -3.20 -9.96
CA GLU B 407 9.13 -2.06 -9.44
C GLU B 407 10.26 -1.65 -10.38
N PHE B 408 11.00 -2.63 -10.89
CA PHE B 408 12.10 -2.30 -11.78
C PHE B 408 11.60 -1.61 -13.05
N GLN B 409 10.51 -2.11 -13.61
CA GLN B 409 9.96 -1.50 -14.81
C GLN B 409 9.44 -0.10 -14.53
N ALA B 410 8.85 0.12 -13.36
CA ALA B 410 8.40 1.47 -13.02
C ALA B 410 9.58 2.44 -12.97
N ARG B 411 10.70 2.00 -12.40
CA ARG B 411 11.86 2.88 -12.34
C ARG B 411 12.42 3.17 -13.73
N ILE B 412 12.53 2.14 -14.57
CA ILE B 412 13.03 2.38 -15.93
C ILE B 412 12.08 3.30 -16.69
N ASP B 413 10.78 3.17 -16.44
CA ASP B 413 9.81 4.10 -17.02
C ASP B 413 10.11 5.53 -16.62
N ALA B 414 10.29 5.76 -15.32
CA ALA B 414 10.52 7.13 -14.87
C ALA B 414 11.79 7.71 -15.50
N ILE B 415 12.86 6.90 -15.56
CA ILE B 415 14.11 7.43 -16.12
C ILE B 415 13.97 7.69 -17.61
N LYS B 416 13.24 6.83 -18.34
CA LYS B 416 13.05 7.08 -19.77
C LYS B 416 12.30 8.37 -19.99
N GLN B 417 11.20 8.58 -19.25
CA GLN B 417 10.43 9.81 -19.43
C GLN B 417 11.28 11.03 -19.11
N TYR B 418 12.03 10.99 -18.02
CA TYR B 418 12.84 12.15 -17.67
C TYR B 418 13.90 12.42 -18.73
N MET B 419 14.56 11.37 -19.21
CA MET B 419 15.62 11.57 -20.21
C MET B 419 15.05 12.19 -21.49
N HIS B 420 13.92 11.68 -21.96
CA HIS B 420 13.33 12.22 -23.18
C HIS B 420 12.44 13.43 -22.91
N PHE B 421 12.63 14.08 -21.77
CA PHE B 421 11.98 15.36 -21.50
C PHE B 421 12.88 16.55 -21.83
N ARG B 422 14.19 16.41 -21.65
CA ARG B 422 15.15 17.41 -22.09
C ARG B 422 16.16 16.70 -22.98
N ASN B 423 16.26 17.15 -24.23
CA ASN B 423 17.02 16.41 -25.23
C ASN B 423 18.48 16.30 -24.84
N VAL B 424 18.94 15.07 -24.61
CA VAL B 424 20.33 14.80 -24.33
C VAL B 424 20.90 14.02 -25.49
N SER B 425 22.23 13.98 -25.57
CA SER B 425 22.89 13.18 -26.58
C SER B 425 22.49 11.72 -26.45
N LYS B 426 22.24 11.08 -27.59
CA LYS B 426 21.81 9.68 -27.58
C LYS B 426 22.87 8.75 -27.03
N ASP B 427 24.14 9.16 -27.08
CA ASP B 427 25.20 8.37 -26.46
C ASP B 427 24.91 8.14 -24.99
N MET B 428 24.34 9.15 -24.33
CA MET B 428 23.95 8.98 -22.93
C MET B 428 22.84 7.97 -22.78
N GLU B 429 21.89 7.93 -23.72
CA GLU B 429 20.87 6.88 -23.68
C GLU B 429 21.51 5.51 -23.76
N LYS B 430 22.42 5.34 -24.71
CA LYS B 430 23.11 4.05 -24.84
C LYS B 430 23.82 3.68 -23.55
N ARG B 431 24.58 4.62 -23.00
CA ARG B 431 25.33 4.33 -21.79
C ARG B 431 24.41 4.00 -20.62
N VAL B 432 23.35 4.79 -20.44
CA VAL B 432 22.45 4.60 -19.31
C VAL B 432 21.78 3.25 -19.39
N ILE B 433 21.29 2.88 -20.57
CA ILE B 433 20.56 1.62 -20.70
C ILE B 433 21.52 0.44 -20.58
N LYS B 434 22.72 0.55 -21.18
CA LYS B 434 23.69 -0.52 -21.06
C LYS B 434 24.33 -0.57 -19.68
N TRP B 435 24.04 0.40 -18.82
CA TRP B 435 24.36 0.23 -17.42
C TRP B 435 23.21 -0.41 -16.65
N PHE B 436 21.98 -0.02 -16.96
CA PHE B 436 20.83 -0.59 -16.27
C PHE B 436 20.74 -2.08 -16.51
N ASP B 437 21.01 -2.52 -17.73
CA ASP B 437 20.98 -3.96 -17.98
C ASP B 437 22.03 -4.68 -17.15
N TYR B 438 23.21 -4.07 -16.98
CA TYR B 438 24.24 -4.66 -16.14
C TYR B 438 23.78 -4.74 -14.69
N LEU B 439 23.14 -3.67 -14.20
CA LEU B 439 22.58 -3.70 -12.86
C LEU B 439 21.60 -4.85 -12.70
N TRP B 440 20.74 -5.06 -13.69
CA TRP B 440 19.72 -6.08 -13.54
C TRP B 440 20.28 -7.48 -13.68
N THR B 441 21.23 -7.69 -14.59
CA THR B 441 21.57 -9.04 -15.02
C THR B 441 22.18 -9.87 -13.89
N ASN B 442 23.11 -9.30 -13.13
CA ASN B 442 23.70 -10.03 -12.02
C ASN B 442 22.89 -9.88 -10.75
N LYS B 443 21.68 -9.32 -10.84
CA LYS B 443 20.78 -9.14 -9.71
C LYS B 443 21.47 -8.33 -8.60
N LYS B 444 21.78 -7.08 -8.95
CA LYS B 444 22.43 -6.15 -8.04
C LYS B 444 21.59 -4.91 -7.81
N THR B 445 20.27 -5.03 -7.95
CA THR B 445 19.41 -3.85 -7.89
C THR B 445 19.48 -3.17 -6.53
N VAL B 446 19.53 -3.94 -5.45
CA VAL B 446 19.55 -3.34 -4.12
C VAL B 446 20.90 -2.67 -3.88
N ASP B 447 20.94 -1.82 -2.86
CA ASP B 447 22.16 -1.10 -2.49
C ASP B 447 22.58 -1.49 -1.09
N GLU B 448 23.89 -1.57 -0.87
CA GLU B 448 24.41 -2.02 0.41
C GLU B 448 24.10 -1.03 1.52
N ARG B 449 23.69 0.18 1.19
CA ARG B 449 23.34 1.16 2.21
C ARG B 449 22.18 0.68 3.07
N GLU B 450 21.08 0.29 2.42
CA GLU B 450 19.82 0.07 3.10
C GLU B 450 19.50 -1.39 3.36
N VAL B 451 20.19 -2.30 2.69
CA VAL B 451 19.96 -3.72 2.92
C VAL B 451 20.19 -4.06 4.39
N LEU B 452 21.24 -3.50 4.97
CA LEU B 452 21.68 -3.84 6.31
C LEU B 452 21.07 -2.98 7.40
N LYS B 453 20.15 -2.08 7.05
CA LYS B 453 19.78 -1.03 7.99
C LYS B 453 18.93 -1.53 9.16
N TYR B 454 18.34 -2.71 9.06
CA TYR B 454 17.44 -3.16 10.12
C TYR B 454 18.09 -4.00 11.19
N LEU B 455 19.26 -4.58 10.92
CA LEU B 455 19.88 -5.45 11.90
C LEU B 455 20.23 -4.67 13.16
N PRO B 456 20.32 -5.35 14.29
CA PRO B 456 20.89 -4.72 15.48
C PRO B 456 22.35 -4.38 15.23
N ASP B 457 22.84 -3.40 15.98
CA ASP B 457 24.13 -2.79 15.68
C ASP B 457 25.26 -3.82 15.74
N LYS B 458 25.21 -4.69 16.73
CA LYS B 458 26.34 -5.57 17.02
C LYS B 458 26.63 -6.50 15.86
N LEU B 459 25.60 -7.22 15.39
CA LEU B 459 25.76 -8.10 14.25
C LEU B 459 26.39 -7.37 13.09
N ARG B 460 25.99 -6.11 12.89
CA ARG B 460 26.60 -5.27 11.87
C ARG B 460 28.09 -5.11 12.12
N ALA B 461 28.47 -4.91 13.38
CA ALA B 461 29.88 -4.80 13.71
C ALA B 461 30.64 -6.06 13.31
N GLU B 462 30.14 -7.24 13.71
CA GLU B 462 30.89 -8.45 13.39
C GLU B 462 30.94 -8.69 11.89
N ILE B 463 29.85 -8.48 11.17
CA ILE B 463 29.90 -8.74 9.74
C ILE B 463 30.89 -7.80 9.06
N ALA B 464 30.92 -6.53 9.49
CA ALA B 464 31.83 -5.58 8.87
C ALA B 464 33.28 -5.96 9.15
N ILE B 465 33.60 -6.30 10.40
CA ILE B 465 34.99 -6.62 10.71
C ILE B 465 35.41 -7.88 9.96
N ASN B 466 34.52 -8.86 9.85
CA ASN B 466 34.84 -10.05 9.08
C ASN B 466 35.09 -9.68 7.62
N VAL B 467 34.22 -8.85 7.04
CA VAL B 467 34.28 -8.68 5.60
C VAL B 467 35.53 -7.90 5.19
N HIS B 468 35.93 -6.89 5.97
CA HIS B 468 37.14 -6.17 5.55
C HIS B 468 37.85 -5.52 6.72
N LEU B 469 38.95 -6.15 7.17
CA LEU B 469 40.05 -5.47 7.83
C LEU B 469 41.40 -5.88 7.27
N ASP B 470 41.47 -6.99 6.54
CA ASP B 470 42.74 -7.53 6.10
C ASP B 470 43.47 -6.56 5.20
N THR B 471 42.77 -5.97 4.24
CA THR B 471 43.47 -5.11 3.29
C THR B 471 43.83 -3.78 3.91
N LEU B 472 43.03 -3.28 4.85
CA LEU B 472 43.45 -2.10 5.60
C LEU B 472 44.73 -2.38 6.38
N LYS B 473 44.83 -3.55 7.00
CA LYS B 473 46.10 -3.89 7.63
C LYS B 473 47.17 -4.25 6.60
N LYS B 474 46.78 -4.38 5.34
CA LYS B 474 47.71 -4.62 4.24
C LYS B 474 48.23 -3.32 3.62
N VAL B 475 47.67 -2.17 3.99
CA VAL B 475 48.15 -0.91 3.42
C VAL B 475 49.62 -0.72 3.79
N ARG B 476 50.33 0.02 2.95
CA ARG B 476 51.77 0.18 3.10
C ARG B 476 52.16 1.19 4.18
N ILE B 477 51.22 1.63 5.02
CA ILE B 477 51.58 2.53 6.12
C ILE B 477 51.10 1.99 7.46
N PHE B 478 49.81 1.64 7.57
CA PHE B 478 49.23 1.26 8.84
C PHE B 478 49.74 -0.12 9.24
N ALA B 479 50.78 -0.16 10.06
CA ALA B 479 51.30 -1.42 10.58
C ALA B 479 51.14 -1.53 12.09
N ASP B 480 51.68 -0.58 12.84
CA ASP B 480 51.59 -0.58 14.30
C ASP B 480 50.45 0.33 14.75
N CYS B 481 49.24 -0.11 14.46
CA CYS B 481 48.03 0.61 14.80
C CYS B 481 47.23 -0.20 15.81
N GLU B 482 46.79 0.46 16.88
CA GLU B 482 45.96 -0.21 17.87
C GLU B 482 44.59 -0.52 17.27
N ALA B 483 44.24 -1.81 17.24
CA ALA B 483 43.03 -2.25 16.57
C ALA B 483 41.78 -1.59 17.13
N GLY B 484 41.82 -1.16 18.38
CA GLY B 484 40.76 -0.31 18.91
C GLY B 484 40.54 0.96 18.12
N LEU B 485 41.39 1.23 17.14
CA LEU B 485 41.17 2.26 16.14
C LEU B 485 40.71 1.69 14.81
N LEU B 486 41.34 0.59 14.36
CA LEU B 486 40.99 0.00 13.08
C LEU B 486 39.53 -0.41 13.04
N VAL B 487 38.95 -0.76 14.19
CA VAL B 487 37.54 -1.17 14.19
C VAL B 487 36.65 -0.01 13.73
N GLU B 488 36.77 1.14 14.37
CA GLU B 488 35.95 2.28 13.96
C GLU B 488 36.37 2.80 12.61
N LEU B 489 37.61 2.57 12.19
CA LEU B 489 37.96 2.94 10.83
C LEU B 489 37.22 2.09 9.81
N VAL B 490 37.22 0.77 9.99
CA VAL B 490 36.50 -0.13 9.10
C VAL B 490 35.03 0.24 9.07
N LEU B 491 34.48 0.65 10.20
CA LEU B 491 33.05 0.93 10.26
C LEU B 491 32.65 2.11 9.36
N LYS B 492 33.61 2.67 8.62
CA LYS B 492 33.41 3.91 7.88
C LYS B 492 33.81 3.77 6.42
N LEU B 493 33.32 2.75 5.73
CA LEU B 493 33.61 2.55 4.32
C LEU B 493 32.34 2.74 3.49
N GLN B 494 32.50 3.34 2.31
CA GLN B 494 31.40 3.64 1.41
C GLN B 494 31.76 3.20 -0.01
N PRO B 495 30.90 2.43 -0.66
CA PRO B 495 31.24 1.90 -1.99
C PRO B 495 31.04 2.89 -3.12
N GLN B 496 31.84 2.68 -4.17
CA GLN B 496 31.70 3.38 -5.44
C GLN B 496 31.75 2.33 -6.54
N VAL B 497 30.90 2.48 -7.54
CA VAL B 497 30.86 1.56 -8.67
C VAL B 497 30.86 2.37 -9.95
N TYR B 498 31.61 1.91 -10.94
CA TYR B 498 31.90 2.71 -12.10
C TYR B 498 31.43 2.01 -13.38
N SER B 499 31.62 2.69 -14.49
CA SER B 499 31.18 2.29 -15.82
C SER B 499 32.34 2.40 -16.77
N PRO B 500 32.28 1.70 -17.92
CA PRO B 500 33.40 1.75 -18.86
C PRO B 500 33.72 3.17 -19.30
N GLY B 501 35.01 3.43 -19.47
CA GLY B 501 35.45 4.70 -20.02
C GLY B 501 35.12 5.89 -19.15
N ASP B 502 35.31 5.77 -17.85
CA ASP B 502 35.16 6.90 -16.94
C ASP B 502 36.53 7.33 -16.46
N TYR B 503 36.82 8.62 -16.58
CA TYR B 503 38.09 9.17 -16.15
C TYR B 503 37.97 9.55 -14.69
N ILE B 504 38.63 8.78 -13.81
CA ILE B 504 38.42 8.98 -12.38
C ILE B 504 39.01 10.30 -11.93
N CYS B 505 40.34 10.46 -12.03
CA CYS B 505 40.96 11.75 -11.72
C CYS B 505 41.60 12.37 -12.95
N LYS B 506 42.47 11.64 -13.64
CA LYS B 506 42.87 11.89 -15.02
C LYS B 506 43.79 13.08 -15.20
N LYS B 507 43.98 13.90 -14.17
CA LYS B 507 44.70 15.16 -14.36
C LYS B 507 44.92 15.82 -13.00
N GLY B 508 45.50 17.01 -13.05
CA GLY B 508 45.70 17.79 -11.84
C GLY B 508 44.41 18.15 -11.15
N ASP B 509 44.19 17.56 -9.99
CA ASP B 509 42.99 17.83 -9.19
C ASP B 509 43.39 17.67 -7.73
N ILE B 510 42.39 17.59 -6.85
CA ILE B 510 42.66 17.54 -5.42
C ILE B 510 42.93 16.11 -4.94
N GLY B 511 42.03 15.18 -5.24
CA GLY B 511 42.24 13.79 -4.82
C GLY B 511 42.24 13.59 -3.32
N ARG B 512 41.30 14.23 -2.61
CA ARG B 512 41.27 14.23 -1.15
C ARG B 512 40.43 13.07 -0.60
N GLU B 513 40.75 11.86 -1.05
CA GLU B 513 40.06 10.66 -0.58
C GLU B 513 41.04 9.50 -0.59
N MET B 514 40.52 8.30 -0.37
CA MET B 514 41.30 7.06 -0.37
C MET B 514 40.58 6.01 -1.18
N TYR B 515 41.26 5.42 -2.16
CA TYR B 515 40.66 4.49 -3.09
C TYR B 515 41.44 3.19 -3.12
N ILE B 516 40.75 2.08 -2.88
CA ILE B 516 41.33 0.75 -2.95
C ILE B 516 40.45 -0.09 -3.87
N ILE B 517 41.08 -0.88 -4.71
CA ILE B 517 40.41 -1.54 -5.82
C ILE B 517 39.94 -2.92 -5.40
N LYS B 518 38.70 -3.24 -5.75
CA LYS B 518 38.19 -4.60 -5.73
C LYS B 518 38.40 -5.20 -7.12
N GLU B 519 37.72 -6.30 -7.43
CA GLU B 519 37.83 -6.89 -8.76
C GLU B 519 37.48 -5.85 -9.82
N GLY B 520 38.37 -5.73 -10.81
CA GLY B 520 38.21 -4.73 -11.85
C GLY B 520 39.57 -4.32 -12.38
N LYS B 521 39.52 -3.61 -13.51
CA LYS B 521 40.73 -3.23 -14.24
C LYS B 521 40.82 -1.72 -14.37
N LEU B 522 42.01 -1.19 -14.10
CA LEU B 522 42.31 0.23 -14.23
C LEU B 522 43.65 0.40 -14.90
N ALA B 523 43.84 1.57 -15.51
CA ALA B 523 45.09 1.85 -16.20
C ALA B 523 45.41 3.33 -16.06
N VAL B 524 46.70 3.63 -16.17
CA VAL B 524 47.21 5.00 -16.11
C VAL B 524 47.82 5.34 -17.45
N VAL B 525 47.38 6.44 -18.03
CA VAL B 525 47.72 6.83 -19.39
C VAL B 525 48.28 8.24 -19.34
N ALA B 526 48.70 8.76 -20.49
CA ALA B 526 49.07 10.15 -20.63
C ALA B 526 47.80 10.98 -20.86
N ASP B 527 47.98 12.24 -21.28
CA ASP B 527 46.84 13.10 -21.51
C ASP B 527 45.97 12.60 -22.67
N ASP B 528 46.55 11.86 -23.60
CA ASP B 528 45.84 11.38 -24.77
C ASP B 528 45.55 9.89 -24.65
N GLY B 529 44.85 9.35 -25.64
CA GLY B 529 44.49 7.95 -25.66
C GLY B 529 45.58 7.05 -26.18
N ILE B 530 46.58 6.78 -25.36
CA ILE B 530 47.72 5.96 -25.76
C ILE B 530 47.84 4.75 -24.84
N THR B 531 48.91 3.97 -25.03
CA THR B 531 49.08 2.74 -24.27
C THR B 531 49.09 3.00 -22.78
N GLN B 532 48.65 2.00 -22.02
CA GLN B 532 48.70 2.06 -20.57
C GLN B 532 50.15 2.05 -20.09
N PHE B 533 50.39 2.73 -18.97
CA PHE B 533 51.73 2.75 -18.40
C PHE B 533 51.88 1.79 -17.23
N VAL B 534 50.80 1.52 -16.52
CA VAL B 534 50.82 0.57 -15.41
C VAL B 534 49.40 0.07 -15.20
N VAL B 535 49.26 -1.19 -14.81
CA VAL B 535 47.98 -1.79 -14.51
C VAL B 535 47.74 -1.73 -13.01
N LEU B 536 46.55 -1.29 -12.63
CA LEU B 536 46.13 -1.31 -11.23
C LEU B 536 45.32 -2.59 -10.98
N SER B 537 46.00 -3.71 -11.23
CA SER B 537 45.32 -4.97 -11.54
C SER B 537 44.31 -5.42 -10.50
N ASP B 538 44.77 -5.75 -9.31
CA ASP B 538 43.88 -6.47 -8.41
C ASP B 538 43.75 -5.85 -7.03
N GLY B 539 44.84 -5.32 -6.47
CA GLY B 539 44.80 -4.76 -5.14
C GLY B 539 45.56 -3.45 -5.05
N SER B 540 46.02 -2.97 -6.20
CA SER B 540 46.78 -1.73 -6.25
C SER B 540 45.98 -0.58 -5.66
N TYR B 541 46.67 0.47 -5.25
CA TYR B 541 46.00 1.66 -4.75
C TYR B 541 47.00 2.80 -4.68
N PHE B 542 46.53 4.00 -5.02
CA PHE B 542 47.24 5.23 -4.71
C PHE B 542 46.22 6.27 -4.26
N GLY B 543 46.74 7.33 -3.68
CA GLY B 543 45.94 8.31 -2.98
C GLY B 543 46.16 8.32 -1.48
N GLU B 544 47.24 7.70 -0.99
CA GLU B 544 47.44 7.53 0.44
C GLU B 544 47.95 8.80 1.10
N ILE B 545 49.11 9.28 0.67
CA ILE B 545 49.78 10.38 1.35
C ILE B 545 48.93 11.65 1.29
N SER B 546 48.08 11.75 0.27
CA SER B 546 47.24 12.95 0.13
C SER B 546 46.30 13.12 1.30
N ILE B 547 45.82 12.03 1.89
CA ILE B 547 44.77 12.13 2.90
C ILE B 547 45.21 12.91 4.12
N LEU B 548 46.51 13.04 4.35
CA LEU B 548 47.02 13.81 5.46
C LEU B 548 47.47 15.18 4.97
N ASN B 549 48.04 15.98 5.86
CA ASN B 549 48.65 17.25 5.47
C ASN B 549 49.93 17.41 6.27
N ILE B 550 51.03 16.96 5.71
CA ILE B 550 52.32 17.04 6.37
C ILE B 550 53.01 18.33 5.94
N LYS B 551 53.87 18.83 6.81
CA LYS B 551 54.58 20.07 6.53
C LYS B 551 55.61 19.85 5.43
N GLY B 552 55.84 20.91 4.65
CA GLY B 552 56.87 20.87 3.63
C GLY B 552 56.61 19.84 2.54
N SER B 553 55.37 19.74 2.08
CA SER B 553 55.06 18.78 1.04
C SER B 553 55.55 19.28 -0.32
N LYS B 554 55.37 18.44 -1.33
CA LYS B 554 55.74 18.76 -2.71
C LYS B 554 54.48 19.26 -3.42
N ALA B 555 54.02 20.44 -3.03
CA ALA B 555 52.81 21.04 -3.59
C ALA B 555 51.63 20.07 -3.47
N GLY B 556 51.27 19.81 -2.22
CA GLY B 556 50.34 18.74 -1.92
C GLY B 556 49.00 18.91 -2.63
N ASN B 557 48.25 17.81 -2.64
CA ASN B 557 46.85 17.74 -3.08
C ASN B 557 46.63 18.36 -4.45
N ARG B 558 47.57 18.15 -5.36
CA ARG B 558 47.36 18.53 -6.75
C ARG B 558 47.95 17.47 -7.69
N ARG B 559 47.67 16.21 -7.40
CA ARG B 559 48.17 15.12 -8.23
C ARG B 559 47.65 15.27 -9.65
N THR B 560 48.56 15.17 -10.62
CA THR B 560 48.22 15.36 -12.02
C THR B 560 48.29 14.07 -12.84
N ALA B 561 48.35 12.93 -12.18
CA ALA B 561 48.36 11.66 -12.91
C ALA B 561 47.06 11.48 -13.68
N ASN B 562 47.10 10.58 -14.65
CA ASN B 562 45.97 10.35 -15.55
C ASN B 562 45.53 8.90 -15.44
N ILE B 563 44.34 8.68 -14.88
CA ILE B 563 43.82 7.35 -14.63
C ILE B 563 42.48 7.23 -15.34
N LYS B 564 42.08 6.00 -15.62
CA LYS B 564 40.90 5.77 -16.44
C LYS B 564 40.39 4.36 -16.24
N SER B 565 39.06 4.22 -16.22
CA SER B 565 38.39 2.93 -16.15
C SER B 565 38.12 2.41 -17.56
N ILE B 566 38.03 1.09 -17.68
CA ILE B 566 37.81 0.47 -18.98
C ILE B 566 36.59 -0.44 -18.96
N GLY B 567 36.54 -1.36 -18.02
CA GLY B 567 35.43 -2.29 -17.91
C GLY B 567 34.46 -1.91 -16.82
N TYR B 568 34.56 -2.59 -15.68
CA TYR B 568 33.77 -2.26 -14.50
C TYR B 568 34.64 -2.49 -13.27
N SER B 569 34.62 -1.56 -12.33
CA SER B 569 35.64 -1.52 -11.29
C SER B 569 35.11 -1.79 -9.89
N ASP B 570 34.15 -0.99 -9.40
CA ASP B 570 33.51 -1.20 -8.09
C ASP B 570 34.54 -1.23 -6.95
N LEU B 571 35.17 -0.09 -6.76
CA LEU B 571 36.16 0.10 -5.70
C LEU B 571 35.50 0.73 -4.48
N PHE B 572 36.31 1.16 -3.51
CA PHE B 572 35.79 1.71 -2.26
C PHE B 572 36.52 3.01 -1.92
N CYS B 573 35.94 3.78 -1.00
CA CYS B 573 36.41 5.12 -0.72
C CYS B 573 36.45 5.37 0.78
N LEU B 574 37.30 6.32 1.18
CA LEU B 574 37.42 6.77 2.56
C LEU B 574 37.29 8.28 2.61
N SER B 575 37.58 8.90 3.75
CA SER B 575 37.49 10.36 3.85
C SER B 575 38.52 10.88 4.85
N LYS B 576 39.09 12.04 4.52
CA LYS B 576 40.09 12.66 5.39
C LYS B 576 39.48 13.11 6.72
N ASP B 577 38.37 13.85 6.65
CA ASP B 577 37.79 14.42 7.85
C ASP B 577 37.35 13.35 8.83
N ASP B 578 36.79 12.26 8.33
CA ASP B 578 36.41 11.16 9.19
C ASP B 578 37.61 10.55 9.88
N LEU B 579 38.73 10.41 9.15
CA LEU B 579 39.93 9.90 9.78
C LEU B 579 40.38 10.83 10.90
N MET B 580 40.33 12.14 10.66
CA MET B 580 40.63 13.10 11.73
C MET B 580 39.76 12.86 12.95
N GLU B 581 38.45 12.81 12.76
CA GLU B 581 37.55 12.76 13.90
C GLU B 581 37.68 11.44 14.65
N ALA B 582 37.91 10.34 13.94
CA ALA B 582 38.06 9.05 14.59
C ALA B 582 39.45 8.85 15.17
N LEU B 583 40.42 9.67 14.78
CA LEU B 583 41.73 9.67 15.42
C LEU B 583 41.76 10.56 16.66
N THR B 584 40.83 11.52 16.75
CA THR B 584 40.85 12.50 17.83
C THR B 584 41.06 11.88 19.21
N GLU B 585 40.55 10.66 19.43
CA GLU B 585 40.55 10.13 20.79
C GLU B 585 41.79 9.30 21.12
N TYR B 586 42.68 9.05 20.17
CA TYR B 586 43.90 8.30 20.46
C TYR B 586 45.11 9.20 20.28
N PRO B 587 45.37 10.12 21.20
CA PRO B 587 46.39 11.14 20.96
C PRO B 587 47.81 10.61 21.13
N ASP B 588 48.10 9.45 20.58
CA ASP B 588 49.48 8.97 20.59
C ASP B 588 49.95 8.52 19.22
N ALA B 589 49.08 7.91 18.42
CA ALA B 589 49.50 7.39 17.13
C ALA B 589 49.83 8.51 16.14
N LYS B 590 49.14 9.65 16.27
CA LYS B 590 49.29 10.73 15.30
C LYS B 590 50.75 11.10 15.09
N GLY B 591 51.52 11.18 16.18
CA GLY B 591 52.94 11.49 16.04
C GLY B 591 53.67 10.43 15.24
N MET B 592 53.40 9.17 15.52
CA MET B 592 54.02 8.08 14.76
C MET B 592 53.66 8.16 13.29
N LEU B 593 52.39 8.43 13.00
CA LEU B 593 51.95 8.52 11.61
C LEU B 593 52.69 9.63 10.88
N GLU B 594 52.73 10.82 11.48
CA GLU B 594 53.38 11.94 10.80
C GLU B 594 54.88 11.71 10.69
N GLU B 595 55.48 11.07 11.69
CA GLU B 595 56.90 10.76 11.62
C GLU B 595 57.19 9.79 10.48
N LYS B 596 56.37 8.76 10.35
CA LYS B 596 56.56 7.79 9.27
C LYS B 596 56.35 8.46 7.92
N GLY B 597 55.36 9.35 7.82
CA GLY B 597 55.12 10.05 6.58
C GLY B 597 56.27 10.94 6.18
N LYS B 598 56.80 11.71 7.14
CA LYS B 598 57.96 12.54 6.85
C LYS B 598 59.15 11.67 6.45
N GLN B 599 59.32 10.53 7.14
CA GLN B 599 60.41 9.62 6.80
C GLN B 599 60.30 9.14 5.36
N ILE B 600 59.11 8.65 4.97
CA ILE B 600 58.95 8.14 3.62
C ILE B 600 59.11 9.25 2.59
N LEU B 601 58.54 10.42 2.86
CA LEU B 601 58.65 11.53 1.91
C LEU B 601 60.09 11.96 1.72
N MET B 602 60.86 12.03 2.81
CA MET B 602 62.27 12.35 2.68
C MET B 602 63.01 11.26 1.91
N LYS B 603 62.72 10.00 2.22
CA LYS B 603 63.38 8.91 1.52
C LYS B 603 62.89 8.78 0.08
N ASP B 604 61.79 9.43 -0.27
CA ASP B 604 61.37 9.48 -1.67
C ASP B 604 62.28 10.32 -2.53
N GLY B 605 63.31 10.94 -1.95
CA GLY B 605 64.20 11.78 -2.73
C GLY B 605 63.50 12.98 -3.32
N LEU B 606 62.65 13.63 -2.54
CA LEU B 606 61.85 14.76 -3.01
C LEU B 606 62.19 16.00 -2.17
N LEU B 607 61.44 17.08 -2.43
CA LEU B 607 61.84 18.43 -2.03
C LEU B 607 61.17 18.88 -0.73
N ASP B 608 60.98 17.98 0.23
CA ASP B 608 60.55 18.36 1.56
C ASP B 608 61.37 19.53 2.09
N ILE B 609 60.70 20.66 2.33
CA ILE B 609 61.41 21.88 2.68
C ILE B 609 62.09 21.77 4.05
N ASN B 610 61.70 20.77 4.85
CA ASN B 610 62.39 20.37 6.08
C ASN B 610 62.67 21.55 7.02
N ILE B 611 61.91 22.64 6.88
CA ILE B 611 62.09 23.77 7.77
C ILE B 611 61.77 23.34 9.19
N ALA B 612 62.59 23.77 10.13
CA ALA B 612 62.34 23.46 11.53
C ALA B 612 61.02 24.09 11.98
N ASN B 613 60.26 23.34 12.77
CA ASN B 613 59.02 23.86 13.32
C ASN B 613 59.31 25.02 14.26
N ALA B 614 58.28 25.85 14.48
CA ALA B 614 58.48 27.05 15.29
C ALA B 614 58.51 26.72 16.78
N GLY B 615 57.40 26.22 17.31
CA GLY B 615 57.30 25.87 18.72
C GLY B 615 57.78 26.95 19.68
N SER B 616 57.81 28.19 19.21
CA SER B 616 58.30 29.29 20.05
C SER B 616 57.42 29.48 21.26
N ASP B 617 56.10 29.51 21.06
CA ASP B 617 55.15 29.65 22.15
C ASP B 617 54.45 28.32 22.39
N PRO B 618 54.75 27.62 23.48
CA PRO B 618 54.22 26.29 23.79
C PRO B 618 52.69 26.25 23.81
N VAL C 154 -29.98 14.99 32.71
CA VAL C 154 -31.01 14.98 31.68
C VAL C 154 -30.36 14.98 30.30
N VAL C 155 -29.17 14.42 30.20
CA VAL C 155 -28.38 14.46 28.98
C VAL C 155 -27.61 13.16 28.83
N ILE C 156 -26.86 13.06 27.73
CA ILE C 156 -26.06 11.89 27.40
C ILE C 156 -25.03 12.31 26.37
N ASP C 157 -23.90 11.63 26.35
CA ASP C 157 -22.96 11.84 25.27
C ASP C 157 -23.41 11.08 24.03
N PRO C 158 -22.97 11.51 22.85
CA PRO C 158 -23.24 10.74 21.64
C PRO C 158 -22.25 9.60 21.45
N SER C 159 -21.54 9.20 22.50
CA SER C 159 -20.60 8.09 22.40
C SER C 159 -20.64 7.11 23.55
N GLY C 160 -21.58 7.25 24.51
CA GLY C 160 -21.65 6.32 25.62
C GLY C 160 -22.50 5.10 25.32
N ASN C 161 -22.21 4.01 26.03
CA ASN C 161 -22.82 2.73 25.69
C ASN C 161 -24.33 2.71 25.89
N THR C 162 -24.89 3.64 26.66
CA THR C 162 -26.35 3.75 26.68
C THR C 162 -26.87 4.09 25.29
N TYR C 163 -26.21 5.02 24.60
CA TYR C 163 -26.54 5.30 23.22
C TYR C 163 -26.38 4.06 22.35
N TYR C 164 -25.37 3.24 22.64
CA TYR C 164 -25.14 2.03 21.85
C TYR C 164 -26.30 1.05 22.00
N ASN C 165 -26.75 0.83 23.24
CA ASN C 165 -27.86 -0.09 23.42
C ASN C 165 -29.13 0.44 22.77
N TRP C 166 -29.38 1.74 22.87
CA TRP C 166 -30.58 2.26 22.20
C TRP C 166 -30.45 2.16 20.69
N LEU C 167 -29.24 2.29 20.16
CA LEU C 167 -29.02 2.09 18.74
C LEU C 167 -29.37 0.66 18.34
N PHE C 168 -29.02 -0.32 19.18
CA PHE C 168 -29.48 -1.67 18.91
C PHE C 168 -30.99 -1.75 19.01
N CYS C 169 -31.58 -1.07 20.00
CA CYS C 169 -33.00 -1.19 20.25
C CYS C 169 -33.82 -0.74 19.05
N ILE C 170 -33.40 0.36 18.42
CA ILE C 170 -34.08 0.84 17.22
C ILE C 170 -34.04 -0.22 16.12
N THR C 171 -33.00 -1.05 16.12
CA THR C 171 -32.71 -1.85 14.94
C THR C 171 -33.72 -2.97 14.71
N LEU C 172 -34.39 -3.43 15.77
CA LEU C 172 -35.22 -4.62 15.62
C LEU C 172 -36.40 -4.46 14.65
N PRO C 173 -37.20 -3.39 14.69
CA PRO C 173 -38.38 -3.35 13.84
C PRO C 173 -38.09 -3.08 12.36
N VAL C 174 -37.02 -2.34 12.05
CA VAL C 174 -36.83 -1.93 10.66
C VAL C 174 -36.52 -3.13 9.78
N MET C 175 -35.63 -4.02 10.23
CA MET C 175 -35.36 -5.23 9.47
C MET C 175 -36.61 -6.06 9.31
N TYR C 176 -37.44 -6.13 10.36
CA TYR C 176 -38.69 -6.85 10.29
C TYR C 176 -39.61 -6.28 9.22
N ASN C 177 -39.72 -4.96 9.17
CA ASN C 177 -40.53 -4.33 8.13
C ASN C 177 -39.97 -4.59 6.75
N TRP C 178 -38.66 -4.71 6.63
CA TRP C 178 -38.10 -4.77 5.28
C TRP C 178 -38.41 -6.06 4.54
N THR C 179 -38.80 -7.13 5.22
CA THR C 179 -38.96 -8.43 4.57
C THR C 179 -40.41 -8.84 4.37
N MET C 180 -41.23 -8.82 5.42
CA MET C 180 -42.52 -9.49 5.34
C MET C 180 -43.47 -8.84 4.35
N ILE C 181 -43.26 -7.57 4.02
CA ILE C 181 -44.32 -6.79 3.36
C ILE C 181 -44.62 -7.37 2.00
N ILE C 182 -43.58 -7.66 1.22
CA ILE C 182 -43.79 -8.17 -0.13
C ILE C 182 -44.49 -9.53 -0.08
N ALA C 183 -44.01 -10.42 0.77
CA ALA C 183 -44.61 -11.75 0.83
C ALA C 183 -46.07 -11.68 1.28
N ARG C 184 -46.36 -10.89 2.31
CA ARG C 184 -47.70 -10.84 2.87
C ARG C 184 -48.63 -9.93 2.10
N ALA C 185 -48.13 -9.22 1.08
CA ALA C 185 -49.03 -8.60 0.13
C ALA C 185 -49.07 -9.34 -1.20
N CYS C 186 -48.20 -10.32 -1.40
CA CYS C 186 -48.09 -10.99 -2.69
C CYS C 186 -48.58 -12.43 -2.71
N PHE C 187 -48.73 -13.07 -1.55
CA PHE C 187 -49.34 -14.39 -1.51
C PHE C 187 -50.81 -14.36 -1.13
N ASP C 188 -51.21 -13.40 -0.30
CA ASP C 188 -52.58 -13.15 0.09
C ASP C 188 -53.19 -14.31 0.87
N GLU C 189 -52.44 -15.39 1.05
CA GLU C 189 -52.83 -16.45 1.96
C GLU C 189 -52.27 -16.26 3.35
N LEU C 190 -51.12 -15.60 3.46
CA LEU C 190 -50.50 -15.42 4.77
C LEU C 190 -51.31 -14.48 5.63
N GLN C 191 -51.87 -13.43 5.04
CA GLN C 191 -52.89 -12.69 5.76
C GLN C 191 -54.22 -13.35 5.46
N SER C 192 -55.32 -12.74 5.91
CA SER C 192 -56.68 -13.26 5.80
C SER C 192 -56.89 -14.40 6.79
N ASP C 193 -55.82 -14.86 7.43
CA ASP C 193 -55.94 -15.88 8.46
C ASP C 193 -55.08 -15.65 9.71
N TYR C 194 -54.07 -14.78 9.66
CA TYR C 194 -53.22 -14.51 10.82
C TYR C 194 -53.30 -13.06 11.26
N LEU C 195 -54.45 -12.41 11.11
CA LEU C 195 -54.53 -10.98 11.41
C LEU C 195 -54.28 -10.70 12.88
N GLU C 196 -54.86 -11.52 13.77
CA GLU C 196 -54.68 -11.30 15.20
C GLU C 196 -53.20 -11.32 15.57
N TYR C 197 -52.39 -12.04 14.80
CA TYR C 197 -50.94 -11.95 14.95
C TYR C 197 -50.38 -10.60 14.54
N TRP C 198 -51.14 -9.76 13.84
CA TRP C 198 -50.55 -8.61 13.17
C TRP C 198 -51.20 -7.29 13.54
N LEU C 199 -51.89 -7.24 14.67
CA LEU C 199 -52.25 -5.95 15.27
C LEU C 199 -51.08 -5.40 16.08
N ALA C 200 -50.62 -6.19 17.05
CA ALA C 200 -49.63 -5.71 17.99
C ALA C 200 -48.32 -5.36 17.32
N PHE C 201 -47.97 -6.04 16.22
CA PHE C 201 -46.70 -5.73 15.56
C PHE C 201 -46.74 -4.34 14.93
N ASP C 202 -47.83 -4.00 14.25
CA ASP C 202 -47.97 -2.65 13.70
C ASP C 202 -48.01 -1.61 14.82
N TYR C 203 -48.76 -1.90 15.87
CA TYR C 203 -48.81 -1.00 17.01
C TYR C 203 -47.42 -0.74 17.57
N LEU C 204 -46.66 -1.82 17.77
CA LEU C 204 -45.30 -1.72 18.30
C LEU C 204 -44.41 -0.88 17.39
N SER C 205 -44.42 -1.17 16.09
CA SER C 205 -43.54 -0.44 15.19
C SER C 205 -43.88 1.05 15.17
N ASP C 206 -45.16 1.38 15.12
CA ASP C 206 -45.56 2.78 15.12
C ASP C 206 -45.07 3.49 16.37
N VAL C 207 -45.33 2.91 17.54
CA VAL C 207 -44.93 3.61 18.76
C VAL C 207 -43.42 3.67 18.88
N VAL C 208 -42.69 2.68 18.35
CA VAL C 208 -41.24 2.73 18.40
C VAL C 208 -40.71 3.89 17.56
N TYR C 209 -41.23 4.04 16.35
CA TYR C 209 -40.88 5.22 15.56
C TYR C 209 -41.15 6.50 16.34
N LEU C 210 -42.34 6.59 16.94
CA LEU C 210 -42.72 7.84 17.59
C LEU C 210 -41.79 8.16 18.75
N LEU C 211 -41.49 7.18 19.59
CA LEU C 211 -40.61 7.43 20.71
C LEU C 211 -39.20 7.80 20.24
N ASP C 212 -38.72 7.15 19.18
CA ASP C 212 -37.36 7.46 18.74
C ASP C 212 -37.27 8.87 18.17
N MET C 213 -38.32 9.35 17.51
CA MET C 213 -38.27 10.72 17.00
C MET C 213 -38.05 11.76 18.10
N PHE C 214 -38.09 11.35 19.36
CA PHE C 214 -37.81 12.23 20.49
C PHE C 214 -36.34 12.21 20.91
N VAL C 215 -35.58 11.19 20.51
CA VAL C 215 -34.17 11.10 20.92
C VAL C 215 -33.38 12.28 20.38
N ARG C 216 -33.59 12.61 19.11
CA ARG C 216 -32.79 13.64 18.45
C ARG C 216 -32.87 15.01 19.14
N THR C 217 -33.73 15.16 20.15
CA THR C 217 -33.80 16.39 20.91
C THR C 217 -33.41 16.15 22.37
N ARG C 218 -32.52 15.18 22.60
CA ARG C 218 -31.96 15.00 23.93
C ARG C 218 -30.47 14.73 23.94
N THR C 219 -29.85 14.39 22.81
CA THR C 219 -28.43 14.13 22.73
C THR C 219 -27.74 15.35 22.13
N GLY C 220 -26.78 15.91 22.87
CA GLY C 220 -26.10 17.10 22.44
C GLY C 220 -24.92 16.81 21.52
N TYR C 221 -24.17 17.87 21.25
CA TYR C 221 -22.95 17.85 20.45
C TYR C 221 -21.92 18.73 21.14
N LEU C 222 -20.69 18.72 20.64
CA LEU C 222 -19.60 19.43 21.28
C LEU C 222 -19.48 20.84 20.73
N GLU C 223 -19.20 21.80 21.61
CA GLU C 223 -18.88 23.16 21.20
C GLU C 223 -17.40 23.40 21.50
N GLN C 224 -16.55 22.87 20.64
CA GLN C 224 -15.13 23.18 20.55
C GLN C 224 -14.35 22.75 21.78
N GLY C 225 -15.04 22.62 22.92
CA GLY C 225 -14.39 22.13 24.13
C GLY C 225 -15.31 21.42 25.10
N LEU C 226 -16.60 21.37 24.78
CA LEU C 226 -17.60 20.91 25.72
C LEU C 226 -18.89 20.59 24.97
N LEU C 227 -19.70 19.71 25.55
CA LEU C 227 -20.90 19.22 24.90
C LEU C 227 -22.05 20.20 25.10
N VAL C 228 -22.60 20.69 23.98
CA VAL C 228 -23.77 21.56 24.05
C VAL C 228 -24.85 20.89 24.86
N LYS C 229 -25.43 21.61 25.81
CA LYS C 229 -26.37 21.01 26.76
C LYS C 229 -27.57 21.92 26.99
N GLU C 230 -28.08 22.53 25.93
CA GLU C 230 -29.32 23.30 26.00
C GLU C 230 -30.16 23.02 24.76
N GLU C 231 -31.45 22.76 24.98
CA GLU C 231 -32.24 22.06 23.97
C GLU C 231 -32.62 22.96 22.80
N ARG C 232 -32.93 24.24 23.06
CA ARG C 232 -33.44 25.09 21.99
C ARG C 232 -32.53 25.03 20.77
N LYS C 233 -31.22 25.08 21.00
CA LYS C 233 -30.28 24.87 19.91
C LYS C 233 -30.45 23.47 19.32
N LEU C 234 -30.55 22.47 20.19
CA LEU C 234 -30.74 21.10 19.74
C LEU C 234 -32.05 20.95 18.99
N ILE C 235 -33.11 21.58 19.47
CA ILE C 235 -34.35 21.61 18.71
C ILE C 235 -34.14 22.30 17.37
N ASP C 236 -33.45 23.44 17.40
CA ASP C 236 -33.07 24.10 16.15
C ASP C 236 -32.17 23.21 15.31
N LYS C 237 -31.25 22.50 15.95
CA LYS C 237 -30.36 21.61 15.22
C LYS C 237 -31.16 20.56 14.47
N TYR C 238 -32.06 19.87 15.16
CA TYR C 238 -32.86 18.83 14.53
C TYR C 238 -33.77 19.42 13.45
N LYS C 239 -34.33 20.61 13.71
CA LYS C 239 -35.11 21.27 12.68
C LYS C 239 -34.27 21.54 11.44
N SER C 240 -32.98 21.80 11.62
CA SER C 240 -32.08 21.99 10.50
C SER C 240 -31.62 20.67 9.89
N THR C 241 -31.79 19.55 10.60
CA THR C 241 -31.33 18.27 10.09
C THR C 241 -32.11 17.88 8.84
N PHE C 242 -31.39 17.27 7.88
CA PHE C 242 -32.04 16.77 6.68
C PHE C 242 -33.04 15.68 7.02
N GLN C 243 -32.70 14.80 7.97
CA GLN C 243 -33.51 13.64 8.25
C GLN C 243 -34.82 13.97 8.94
N PHE C 244 -34.95 15.18 9.51
CA PHE C 244 -36.17 15.50 10.24
C PHE C 244 -37.39 15.41 9.33
N LYS C 245 -37.29 15.97 8.12
CA LYS C 245 -38.39 15.83 7.16
C LYS C 245 -38.54 14.38 6.72
N LEU C 246 -37.43 13.64 6.65
CA LEU C 246 -37.51 12.22 6.36
C LEU C 246 -38.25 11.49 7.47
N ASP C 247 -37.99 11.88 8.72
CA ASP C 247 -38.75 11.37 9.85
C ASP C 247 -40.24 11.64 9.68
N VAL C 248 -40.59 12.88 9.37
CA VAL C 248 -42.00 13.24 9.26
C VAL C 248 -42.67 12.43 8.16
N LEU C 249 -41.99 12.26 7.03
CA LEU C 249 -42.53 11.44 5.96
C LEU C 249 -42.71 9.99 6.42
N SER C 250 -41.74 9.45 7.15
CA SER C 250 -41.81 8.05 7.57
C SER C 250 -42.77 7.83 8.74
N VAL C 251 -43.32 8.88 9.33
CA VAL C 251 -44.25 8.73 10.44
C VAL C 251 -45.67 9.11 10.05
N ILE C 252 -45.93 9.36 8.78
CA ILE C 252 -47.27 9.78 8.34
C ILE C 252 -48.27 8.65 8.59
N PRO C 253 -49.41 8.92 9.21
CA PRO C 253 -50.46 7.90 9.31
C PRO C 253 -51.25 7.82 8.00
N THR C 254 -51.03 6.75 7.26
CA THR C 254 -51.63 6.60 5.93
C THR C 254 -52.80 5.63 5.92
N ASP C 255 -53.25 5.15 7.08
CA ASP C 255 -54.37 4.21 7.12
C ASP C 255 -55.72 4.91 7.08
N LEU C 256 -55.79 6.17 6.65
CA LEU C 256 -57.09 6.76 6.37
C LEU C 256 -57.73 6.09 5.17
N LEU C 257 -56.92 5.59 4.24
CA LEU C 257 -57.43 4.80 3.13
C LEU C 257 -57.71 3.36 3.51
N TYR C 258 -57.32 2.93 4.70
CA TYR C 258 -57.51 1.54 5.12
C TYR C 258 -58.98 1.16 5.08
N ILE C 259 -59.83 1.96 5.71
CA ILE C 259 -61.27 1.71 5.64
C ILE C 259 -61.75 1.81 4.20
N LYS C 260 -61.26 2.82 3.47
CA LYS C 260 -61.67 2.99 2.08
C LYS C 260 -61.27 1.80 1.23
N PHE C 261 -60.05 1.28 1.44
CA PHE C 261 -59.58 0.11 0.73
C PHE C 261 -59.85 -1.20 1.47
N GLY C 262 -60.42 -1.14 2.66
CA GLY C 262 -60.74 -2.35 3.41
C GLY C 262 -59.51 -3.21 3.68
N TRP C 263 -59.43 -4.35 3.01
CA TRP C 263 -58.25 -5.21 3.08
C TRP C 263 -57.80 -5.67 1.71
N ASN C 264 -58.17 -4.93 0.65
CA ASN C 264 -57.68 -5.27 -0.68
C ASN C 264 -56.17 -5.14 -0.76
N TYR C 265 -55.61 -4.13 -0.11
CA TYR C 265 -54.17 -3.89 -0.11
C TYR C 265 -53.75 -3.37 1.25
N PRO C 266 -53.40 -4.26 2.18
CA PRO C 266 -52.69 -3.83 3.39
C PRO C 266 -51.23 -3.49 3.16
N GLU C 267 -50.82 -3.40 1.90
CA GLU C 267 -49.47 -2.96 1.54
C GLU C 267 -49.35 -1.45 1.48
N ILE C 268 -50.40 -0.71 1.79
CA ILE C 268 -50.33 0.74 1.78
C ILE C 268 -49.43 1.30 2.85
N ARG C 269 -49.03 0.50 3.83
CA ARG C 269 -48.13 0.97 4.88
C ARG C 269 -46.69 0.95 4.46
N LEU C 270 -46.43 0.89 3.15
CA LEU C 270 -45.09 0.93 2.61
C LEU C 270 -44.33 2.18 3.06
N ASN C 271 -45.05 3.14 3.62
CA ASN C 271 -44.42 4.39 4.04
C ASN C 271 -43.35 4.14 5.09
N ARG C 272 -43.66 3.33 6.10
CA ARG C 272 -42.76 3.20 7.23
C ARG C 272 -41.57 2.33 6.85
N LEU C 273 -40.83 2.75 5.83
CA LEU C 273 -39.79 1.90 5.27
C LEU C 273 -38.57 2.71 4.86
N LEU C 274 -38.24 3.77 5.58
CA LEU C 274 -37.12 4.61 5.17
C LEU C 274 -36.13 4.96 6.28
N ARG C 275 -36.45 4.72 7.55
CA ARG C 275 -35.48 4.92 8.62
C ARG C 275 -34.51 3.76 8.64
N ILE C 276 -33.72 3.65 7.57
CA ILE C 276 -32.77 2.57 7.41
C ILE C 276 -31.32 3.03 7.57
N SER C 277 -31.04 4.32 7.40
CA SER C 277 -29.70 4.81 7.69
C SER C 277 -29.30 4.53 9.12
N ARG C 278 -30.26 4.39 10.04
CA ARG C 278 -29.93 4.08 11.42
C ARG C 278 -29.41 2.65 11.56
N MET C 279 -30.05 1.70 10.87
CA MET C 279 -29.49 0.36 10.80
C MET C 279 -28.10 0.38 10.19
N PHE C 280 -27.93 1.19 9.14
CA PHE C 280 -26.64 1.25 8.48
C PHE C 280 -25.56 1.74 9.44
N GLU C 281 -25.87 2.78 10.21
CA GLU C 281 -24.85 3.27 11.13
C GLU C 281 -24.69 2.35 12.33
N PHE C 282 -25.71 1.57 12.70
CA PHE C 282 -25.49 0.55 13.72
C PHE C 282 -24.46 -0.46 13.25
N PHE C 283 -24.62 -0.94 12.01
CA PHE C 283 -23.55 -1.70 11.40
C PHE C 283 -22.23 -0.98 11.58
N GLN C 284 -22.10 0.21 10.98
CA GLN C 284 -20.81 0.87 10.91
C GLN C 284 -20.24 1.23 12.27
N ARG C 285 -21.07 1.23 13.32
CA ARG C 285 -20.58 1.50 14.66
C ARG C 285 -20.23 0.24 15.43
N THR C 286 -20.74 -0.92 15.01
CA THR C 286 -20.43 -2.12 15.76
C THR C 286 -19.17 -2.84 15.29
N GLU C 287 -18.63 -2.54 14.12
CA GLU C 287 -17.40 -3.23 13.75
C GLU C 287 -16.20 -2.69 14.50
N THR C 288 -16.31 -1.47 15.04
CA THR C 288 -15.15 -0.81 15.62
C THR C 288 -14.71 -1.44 16.93
N ARG C 289 -15.54 -2.27 17.55
CA ARG C 289 -15.24 -2.81 18.88
C ARG C 289 -15.55 -4.31 18.90
N THR C 290 -15.06 -5.02 17.89
CA THR C 290 -15.25 -6.45 17.78
C THR C 290 -13.95 -7.17 18.12
N ASN C 291 -14.06 -8.34 18.74
CA ASN C 291 -12.88 -9.15 19.00
C ASN C 291 -12.19 -9.55 17.70
N TYR C 292 -12.97 -9.97 16.70
CA TYR C 292 -12.38 -10.49 15.47
C TYR C 292 -13.41 -10.36 14.36
N PRO C 293 -13.36 -9.28 13.58
CA PRO C 293 -14.53 -8.85 12.80
C PRO C 293 -14.68 -9.39 11.39
N ASN C 294 -13.64 -10.03 10.82
CA ASN C 294 -13.76 -10.57 9.46
C ASN C 294 -14.97 -11.49 9.35
N ILE C 295 -15.16 -12.32 10.37
CA ILE C 295 -16.33 -13.19 10.42
C ILE C 295 -17.60 -12.37 10.42
N PHE C 296 -17.63 -11.28 11.20
CA PHE C 296 -18.81 -10.44 11.24
C PHE C 296 -19.18 -9.96 9.85
N ARG C 297 -18.21 -9.42 9.13
CA ARG C 297 -18.57 -8.85 7.84
C ARG C 297 -19.00 -9.92 6.85
N ILE C 298 -18.37 -11.10 6.89
CA ILE C 298 -18.80 -12.16 5.98
C ILE C 298 -20.24 -12.55 6.29
N SER C 299 -20.60 -12.56 7.57
CA SER C 299 -21.99 -12.87 7.93
C SER C 299 -22.95 -11.84 7.35
N ASN C 300 -22.58 -10.56 7.44
CA ASN C 300 -23.46 -9.53 6.89
C ASN C 300 -23.65 -9.72 5.39
N LEU C 301 -22.56 -10.05 4.69
CA LEU C 301 -22.66 -10.35 3.27
C LEU C 301 -23.68 -11.45 2.98
N VAL C 302 -23.58 -12.56 3.71
CA VAL C 302 -24.49 -13.68 3.46
C VAL C 302 -25.93 -13.26 3.73
N MET C 303 -26.15 -12.47 4.77
CA MET C 303 -27.49 -11.97 5.04
C MET C 303 -28.07 -11.24 3.83
N TYR C 304 -27.27 -10.36 3.25
CA TYR C 304 -27.76 -9.61 2.08
C TYR C 304 -28.11 -10.55 0.94
N ILE C 305 -27.28 -11.57 0.70
CA ILE C 305 -27.56 -12.51 -0.39
C ILE C 305 -28.90 -13.21 -0.17
N ILE C 306 -29.17 -13.61 1.07
CA ILE C 306 -30.44 -14.27 1.34
C ILE C 306 -31.60 -13.33 1.03
N ILE C 307 -31.48 -12.07 1.43
CA ILE C 307 -32.58 -11.14 1.20
C ILE C 307 -32.89 -11.01 -0.29
N ILE C 308 -31.85 -10.89 -1.12
CA ILE C 308 -32.10 -10.73 -2.55
C ILE C 308 -32.78 -11.97 -3.12
N ILE C 309 -32.34 -13.16 -2.72
CA ILE C 309 -32.99 -14.38 -3.21
C ILE C 309 -34.48 -14.35 -2.89
N HIS C 310 -34.81 -13.96 -1.66
CA HIS C 310 -36.20 -13.88 -1.22
C HIS C 310 -37.01 -12.99 -2.16
N TRP C 311 -36.51 -11.79 -2.45
CA TRP C 311 -37.27 -10.88 -3.29
C TRP C 311 -37.50 -11.48 -4.67
N ASN C 312 -36.48 -12.12 -5.23
CA ASN C 312 -36.64 -12.67 -6.56
C ASN C 312 -37.74 -13.73 -6.59
N ALA C 313 -37.78 -14.60 -5.57
CA ALA C 313 -38.82 -15.63 -5.56
C ALA C 313 -40.22 -15.02 -5.49
N CYS C 314 -40.41 -14.02 -4.63
CA CYS C 314 -41.73 -13.39 -4.55
C CYS C 314 -42.15 -12.83 -5.90
N VAL C 315 -41.23 -12.18 -6.60
CA VAL C 315 -41.55 -11.60 -7.90
C VAL C 315 -42.01 -12.69 -8.86
N TYR C 316 -41.28 -13.80 -8.91
CA TYR C 316 -41.64 -14.84 -9.86
C TYR C 316 -43.04 -15.37 -9.60
N PHE C 317 -43.36 -15.62 -8.33
CA PHE C 317 -44.69 -16.16 -8.07
C PHE C 317 -45.77 -15.18 -8.49
N SER C 318 -45.53 -13.88 -8.26
CA SER C 318 -46.54 -12.90 -8.66
C SER C 318 -46.75 -12.91 -10.15
N ILE C 319 -45.67 -12.99 -10.94
CA ILE C 319 -45.86 -12.96 -12.38
C ILE C 319 -46.61 -14.21 -12.85
N SER C 320 -46.34 -15.35 -12.20
CA SER C 320 -47.09 -16.55 -12.58
C SER C 320 -48.58 -16.39 -12.30
N LYS C 321 -48.94 -15.85 -11.14
CA LYS C 321 -50.37 -15.70 -10.89
C LYS C 321 -50.99 -14.63 -11.76
N ALA C 322 -50.19 -13.69 -12.27
CA ALA C 322 -50.73 -12.71 -13.20
C ALA C 322 -51.05 -13.35 -14.54
N ILE C 323 -50.14 -14.16 -15.07
CA ILE C 323 -50.41 -14.80 -16.36
C ILE C 323 -51.54 -15.80 -16.25
N GLY C 324 -51.54 -16.63 -15.20
CA GLY C 324 -52.62 -17.63 -15.19
C GLY C 324 -52.03 -19.02 -15.15
N PHE C 325 -52.55 -19.83 -14.23
CA PHE C 325 -51.89 -21.08 -13.85
C PHE C 325 -52.01 -22.12 -14.95
N GLY C 326 -50.88 -22.58 -15.46
CA GLY C 326 -50.84 -23.78 -16.27
C GLY C 326 -51.14 -23.65 -17.75
N ASN C 327 -50.99 -22.46 -18.32
CA ASN C 327 -51.19 -22.28 -19.75
C ASN C 327 -49.95 -22.59 -20.58
N ASP C 328 -48.99 -23.32 -20.01
CA ASP C 328 -47.72 -23.55 -20.68
C ASP C 328 -46.99 -24.65 -19.93
N THR C 329 -45.71 -24.85 -20.27
CA THR C 329 -44.84 -25.75 -19.55
C THR C 329 -43.72 -25.00 -18.83
N TRP C 330 -43.89 -23.70 -18.62
CA TRP C 330 -42.89 -22.87 -17.97
C TRP C 330 -43.40 -22.15 -16.73
N VAL C 331 -44.69 -21.88 -16.63
CA VAL C 331 -45.23 -21.14 -15.51
C VAL C 331 -45.44 -22.10 -14.35
N TYR C 332 -45.73 -21.57 -13.16
CA TYR C 332 -46.07 -22.37 -12.00
C TYR C 332 -47.24 -23.29 -12.32
N PRO C 333 -47.13 -24.60 -12.08
CA PRO C 333 -48.04 -25.56 -12.72
C PRO C 333 -49.53 -25.36 -12.47
N ASP C 334 -50.00 -25.46 -11.24
CA ASP C 334 -51.44 -25.49 -11.01
C ASP C 334 -51.72 -25.25 -9.54
N VAL C 335 -53.00 -25.12 -9.21
CA VAL C 335 -53.40 -24.81 -7.83
C VAL C 335 -54.44 -25.76 -7.26
N ASN C 336 -55.22 -26.47 -8.06
CA ASN C 336 -56.30 -27.29 -7.53
C ASN C 336 -55.86 -28.69 -7.16
N ASP C 337 -54.60 -29.04 -7.38
CA ASP C 337 -54.11 -30.36 -7.05
C ASP C 337 -54.07 -30.55 -5.53
N PRO C 338 -54.06 -31.79 -5.05
CA PRO C 338 -54.08 -32.01 -3.60
C PRO C 338 -52.90 -31.42 -2.86
N ASP C 339 -51.75 -31.30 -3.50
CA ASP C 339 -50.53 -30.91 -2.80
C ASP C 339 -50.09 -29.47 -3.08
N PHE C 340 -50.24 -28.97 -4.30
CA PHE C 340 -49.79 -27.61 -4.58
C PHE C 340 -50.83 -26.61 -4.09
N GLY C 341 -51.27 -26.73 -2.85
CA GLY C 341 -52.24 -25.80 -2.32
C GLY C 341 -52.10 -25.60 -0.83
N ARG C 342 -51.03 -26.15 -0.26
CA ARG C 342 -50.89 -26.20 1.18
C ARG C 342 -50.12 -25.02 1.75
N LEU C 343 -49.73 -24.06 0.91
CA LEU C 343 -49.07 -22.82 1.36
C LEU C 343 -47.66 -23.11 1.84
N ALA C 344 -47.28 -24.38 1.91
CA ALA C 344 -45.91 -24.73 2.23
C ALA C 344 -45.15 -25.19 1.01
N ARG C 345 -45.82 -25.75 0.02
CA ARG C 345 -45.12 -26.16 -1.19
C ARG C 345 -44.75 -24.96 -2.04
N LYS C 346 -45.64 -23.97 -2.13
CA LYS C 346 -45.50 -22.91 -3.11
C LYS C 346 -44.28 -22.03 -2.82
N TYR C 347 -44.17 -21.58 -1.58
CA TYR C 347 -43.03 -20.74 -1.20
C TYR C 347 -41.72 -21.43 -1.54
N VAL C 348 -41.58 -22.68 -1.10
CA VAL C 348 -40.29 -23.35 -1.23
C VAL C 348 -40.00 -23.69 -2.68
N TYR C 349 -41.03 -24.09 -3.43
CA TYR C 349 -40.84 -24.35 -4.85
C TYR C 349 -40.36 -23.10 -5.56
N SER C 350 -40.97 -21.95 -5.26
CA SER C 350 -40.56 -20.71 -5.89
C SER C 350 -39.12 -20.34 -5.52
N LEU C 351 -38.74 -20.54 -4.25
CA LEU C 351 -37.35 -20.31 -3.86
C LEU C 351 -36.41 -21.15 -4.71
N TYR C 352 -36.67 -22.45 -4.80
CA TYR C 352 -35.85 -23.32 -5.63
C TYR C 352 -35.81 -22.80 -7.07
N TRP C 353 -36.95 -22.34 -7.57
CA TRP C 353 -37.02 -21.84 -8.93
C TRP C 353 -36.07 -20.67 -9.14
N SER C 354 -36.16 -19.68 -8.27
CA SER C 354 -35.36 -18.47 -8.44
C SER C 354 -33.88 -18.78 -8.34
N THR C 355 -33.51 -19.64 -7.41
CA THR C 355 -32.09 -19.98 -7.30
C THR C 355 -31.60 -20.67 -8.57
N LEU C 356 -32.40 -21.59 -9.12
CA LEU C 356 -31.94 -22.28 -10.31
C LEU C 356 -31.87 -21.34 -11.51
N THR C 357 -32.72 -20.33 -11.56
CA THR C 357 -32.62 -19.36 -12.64
C THR C 357 -31.35 -18.52 -12.50
N LEU C 358 -31.12 -17.96 -11.30
CA LEU C 358 -29.94 -17.12 -11.10
C LEU C 358 -28.64 -17.87 -11.26
N THR C 359 -28.62 -19.19 -11.10
CA THR C 359 -27.36 -19.88 -11.34
C THR C 359 -27.01 -19.82 -12.82
N THR C 360 -25.85 -20.37 -13.16
CA THR C 360 -25.27 -20.14 -14.49
C THR C 360 -26.01 -20.90 -15.57
N ILE C 361 -26.04 -22.24 -15.48
CA ILE C 361 -26.55 -23.04 -16.58
C ILE C 361 -28.03 -22.74 -16.82
N GLY C 362 -28.43 -22.79 -18.09
CA GLY C 362 -29.83 -22.75 -18.45
C GLY C 362 -30.36 -24.13 -18.84
N GLU C 363 -31.09 -24.77 -17.93
CA GLU C 363 -31.59 -26.12 -18.16
C GLU C 363 -33.06 -26.30 -17.80
N THR C 364 -33.69 -25.31 -17.20
CA THR C 364 -35.08 -25.35 -16.74
C THR C 364 -36.00 -25.48 -17.95
N PRO C 365 -37.32 -25.63 -17.77
CA PRO C 365 -38.21 -25.73 -18.93
C PRO C 365 -38.05 -24.53 -19.86
N PRO C 366 -38.11 -24.74 -21.17
CA PRO C 366 -37.84 -23.66 -22.11
C PRO C 366 -38.96 -22.64 -22.10
N PRO C 367 -38.70 -21.43 -22.56
CA PRO C 367 -39.75 -20.40 -22.61
C PRO C 367 -40.57 -20.50 -23.88
N VAL C 368 -41.77 -19.90 -23.83
CA VAL C 368 -42.62 -19.77 -25.00
C VAL C 368 -43.07 -18.32 -25.18
N ARG C 369 -43.69 -17.76 -24.14
CA ARG C 369 -44.35 -16.46 -24.22
C ARG C 369 -43.31 -15.34 -24.39
N ASP C 370 -43.80 -14.10 -24.52
CA ASP C 370 -42.93 -12.97 -24.85
C ASP C 370 -42.11 -12.50 -23.64
N SER C 371 -42.79 -12.14 -22.55
CA SER C 371 -42.13 -11.48 -21.43
C SER C 371 -41.00 -12.30 -20.81
N GLU C 372 -41.05 -13.63 -20.99
CA GLU C 372 -40.13 -14.48 -20.24
C GLU C 372 -38.71 -14.48 -20.79
N TYR C 373 -38.52 -14.29 -22.10
CA TYR C 373 -37.15 -14.11 -22.58
C TYR C 373 -36.50 -12.88 -21.96
N PHE C 374 -37.25 -11.79 -21.90
CA PHE C 374 -36.80 -10.58 -21.23
C PHE C 374 -36.44 -10.87 -19.77
N PHE C 375 -37.33 -11.56 -19.06
CA PHE C 375 -37.11 -11.82 -17.65
C PHE C 375 -35.85 -12.65 -17.45
N VAL C 376 -35.67 -13.69 -18.27
CA VAL C 376 -34.52 -14.58 -18.15
C VAL C 376 -33.23 -13.81 -18.37
N VAL C 377 -33.18 -12.98 -19.41
CA VAL C 377 -31.93 -12.27 -19.69
C VAL C 377 -31.59 -11.30 -18.57
N ALA C 378 -32.60 -10.58 -18.06
CA ALA C 378 -32.33 -9.66 -16.95
C ALA C 378 -31.75 -10.40 -15.75
N ASP C 379 -32.33 -11.56 -15.43
CA ASP C 379 -31.84 -12.28 -14.25
C ASP C 379 -30.43 -12.81 -14.49
N PHE C 380 -30.12 -13.27 -15.70
CA PHE C 380 -28.75 -13.73 -15.97
C PHE C 380 -27.74 -12.63 -15.71
N LEU C 381 -28.02 -11.42 -16.20
CA LEU C 381 -27.07 -10.32 -16.02
C LEU C 381 -26.91 -9.98 -14.54
N ILE C 382 -28.02 -9.89 -13.81
CA ILE C 382 -27.92 -9.56 -12.39
C ILE C 382 -27.08 -10.61 -11.66
N GLY C 383 -27.27 -11.88 -12.01
CA GLY C 383 -26.50 -12.92 -11.37
C GLY C 383 -25.01 -12.78 -11.60
N VAL C 384 -24.61 -12.49 -12.84
CA VAL C 384 -23.18 -12.31 -13.11
C VAL C 384 -22.61 -11.20 -12.24
N LEU C 385 -23.34 -10.08 -12.15
CA LEU C 385 -22.85 -8.97 -11.32
C LEU C 385 -22.67 -9.40 -9.87
N ILE C 386 -23.64 -10.12 -9.33
CA ILE C 386 -23.58 -10.54 -7.93
C ILE C 386 -22.34 -11.40 -7.69
N PHE C 387 -22.13 -12.38 -8.57
CA PHE C 387 -20.99 -13.28 -8.37
C PHE C 387 -19.68 -12.52 -8.38
N ALA C 388 -19.55 -11.56 -9.30
CA ALA C 388 -18.32 -10.77 -9.35
C ALA C 388 -18.10 -10.02 -8.04
N THR C 389 -19.15 -9.38 -7.52
CA THR C 389 -18.99 -8.65 -6.27
C THR C 389 -18.48 -9.57 -5.17
N ILE C 390 -19.06 -10.76 -5.07
CA ILE C 390 -18.71 -11.67 -3.97
C ILE C 390 -17.25 -12.08 -4.06
N VAL C 391 -16.81 -12.49 -5.25
CA VAL C 391 -15.43 -12.95 -5.38
C VAL C 391 -14.46 -11.81 -5.06
N GLY C 392 -14.78 -10.59 -5.49
CA GLY C 392 -13.90 -9.48 -5.19
C GLY C 392 -13.75 -9.23 -3.70
N ASN C 393 -14.88 -9.23 -2.98
CA ASN C 393 -14.81 -8.98 -1.56
C ASN C 393 -13.98 -10.03 -0.84
N ILE C 394 -14.20 -11.31 -1.17
CA ILE C 394 -13.47 -12.37 -0.49
C ILE C 394 -11.98 -12.25 -0.75
N GLY C 395 -11.61 -11.97 -2.01
CA GLY C 395 -10.19 -11.79 -2.32
C GLY C 395 -9.57 -10.65 -1.53
N SER C 396 -10.31 -9.55 -1.38
CA SER C 396 -9.78 -8.43 -0.59
C SER C 396 -9.45 -8.88 0.83
N MET C 397 -10.38 -9.58 1.48
CA MET C 397 -10.11 -10.02 2.85
C MET C 397 -8.90 -10.93 2.92
N ILE C 398 -8.84 -11.92 2.03
CA ILE C 398 -7.74 -12.88 2.15
C ILE C 398 -6.41 -12.21 1.85
N SER C 399 -6.41 -11.13 1.08
CA SER C 399 -5.16 -10.40 0.88
C SER C 399 -4.77 -9.64 2.15
N ASN C 400 -5.71 -8.91 2.75
CA ASN C 400 -5.37 -8.12 3.93
C ASN C 400 -4.92 -9.00 5.09
N MET C 401 -5.33 -10.27 5.11
CA MET C 401 -4.92 -11.10 6.24
C MET C 401 -3.45 -11.50 6.15
N ASN C 402 -2.95 -11.81 4.96
CA ASN C 402 -1.56 -12.26 4.80
C ASN C 402 -0.63 -11.10 4.49
N ALA C 403 -0.62 -10.07 5.32
CA ALA C 403 0.18 -8.89 5.03
C ALA C 403 1.62 -9.05 5.50
N ALA C 404 1.82 -9.24 6.80
CA ALA C 404 3.15 -9.14 7.38
C ALA C 404 4.10 -10.19 6.82
N ARG C 405 3.67 -11.46 6.81
CA ARG C 405 4.57 -12.55 6.51
C ARG C 405 5.31 -12.34 5.20
N ALA C 406 4.63 -11.79 4.19
CA ALA C 406 5.25 -11.63 2.89
C ALA C 406 6.45 -10.69 2.96
N GLU C 407 6.26 -9.49 3.51
CA GLU C 407 7.37 -8.55 3.55
C GLU C 407 8.45 -9.03 4.51
N PHE C 408 8.08 -9.71 5.59
CA PHE C 408 9.08 -10.27 6.50
C PHE C 408 10.01 -11.21 5.75
N GLN C 409 9.42 -12.18 5.04
CA GLN C 409 10.25 -13.11 4.30
C GLN C 409 11.00 -12.41 3.19
N ALA C 410 10.43 -11.32 2.65
CA ALA C 410 11.15 -10.54 1.64
C ALA C 410 12.42 -9.95 2.21
N ARG C 411 12.35 -9.40 3.42
CA ARG C 411 13.54 -8.84 4.05
C ARG C 411 14.59 -9.91 4.29
N ILE C 412 14.15 -11.06 4.81
CA ILE C 412 15.11 -12.15 5.06
C ILE C 412 15.76 -12.59 3.76
N ASP C 413 14.97 -12.70 2.70
CA ASP C 413 15.53 -13.10 1.41
C ASP C 413 16.54 -12.07 0.93
N ALA C 414 16.24 -10.78 1.11
CA ALA C 414 17.19 -9.76 0.69
C ALA C 414 18.52 -9.92 1.43
N ILE C 415 18.45 -10.17 2.73
CA ILE C 415 19.68 -10.29 3.52
C ILE C 415 20.49 -11.48 3.04
N LYS C 416 19.82 -12.62 2.82
CA LYS C 416 20.55 -13.80 2.36
C LYS C 416 21.15 -13.56 0.98
N GLN C 417 20.36 -12.94 0.10
CA GLN C 417 20.83 -12.63 -1.25
C GLN C 417 22.11 -11.83 -1.20
N TYR C 418 22.16 -10.80 -0.35
CA TYR C 418 23.42 -10.06 -0.19
C TYR C 418 24.51 -10.95 0.39
N MET C 419 24.21 -11.61 1.51
CA MET C 419 25.25 -12.27 2.28
C MET C 419 25.90 -13.41 1.51
N HIS C 420 25.22 -13.90 0.48
CA HIS C 420 25.87 -14.76 -0.50
C HIS C 420 26.95 -14.02 -1.29
N PHE C 421 26.71 -12.75 -1.64
CA PHE C 421 27.57 -12.04 -2.55
C PHE C 421 28.99 -11.94 -2.00
N ARG C 422 29.15 -11.28 -0.86
CA ARG C 422 30.43 -11.28 -0.17
C ARG C 422 30.58 -12.59 0.61
N ASN C 423 31.75 -13.20 0.50
CA ASN C 423 31.95 -14.59 0.94
C ASN C 423 32.10 -14.61 2.47
N VAL C 424 30.96 -14.54 3.14
CA VAL C 424 30.92 -14.54 4.59
C VAL C 424 30.98 -15.97 5.12
N SER C 425 31.28 -16.11 6.41
CA SER C 425 31.36 -17.42 7.04
C SER C 425 30.00 -17.87 7.57
N LYS C 426 29.90 -19.18 7.83
CA LYS C 426 28.61 -19.82 8.06
C LYS C 426 28.10 -19.63 9.48
N ASP C 427 29.00 -19.52 10.46
CA ASP C 427 28.57 -19.42 11.85
C ASP C 427 27.60 -18.26 12.05
N MET C 428 27.95 -17.09 11.52
CA MET C 428 27.05 -15.95 11.63
C MET C 428 25.79 -16.15 10.79
N GLU C 429 25.87 -16.95 9.73
CA GLU C 429 24.63 -17.32 9.04
C GLU C 429 23.67 -17.94 10.03
N LYS C 430 24.14 -18.96 10.74
CA LYS C 430 23.27 -19.62 11.70
C LYS C 430 22.82 -18.67 12.79
N ARG C 431 23.74 -17.81 13.25
CA ARG C 431 23.40 -16.87 14.33
C ARG C 431 22.29 -15.92 13.91
N VAL C 432 22.43 -15.30 12.74
CA VAL C 432 21.42 -14.36 12.30
C VAL C 432 20.10 -15.09 12.06
N ILE C 433 20.16 -16.31 11.54
CA ILE C 433 18.92 -17.04 11.26
C ILE C 433 18.18 -17.31 12.56
N LYS C 434 18.88 -17.80 13.57
CA LYS C 434 18.23 -18.04 14.86
C LYS C 434 17.74 -16.74 15.48
N TRP C 435 18.46 -15.64 15.25
CA TRP C 435 18.00 -14.34 15.74
C TRP C 435 16.65 -13.99 15.14
N PHE C 436 16.54 -14.11 13.82
CA PHE C 436 15.28 -13.81 13.16
C PHE C 436 14.17 -14.71 13.68
N ASP C 437 14.47 -16.01 13.86
CA ASP C 437 13.45 -16.93 14.33
C ASP C 437 12.95 -16.55 15.71
N TYR C 438 13.87 -16.24 16.62
CA TYR C 438 13.49 -15.81 17.95
C TYR C 438 12.58 -14.59 17.90
N LEU C 439 13.01 -13.55 17.19
CA LEU C 439 12.23 -12.32 17.17
C LEU C 439 10.87 -12.53 16.55
N TRP C 440 10.76 -13.43 15.57
CA TRP C 440 9.46 -13.72 14.99
C TRP C 440 8.56 -14.43 15.99
N THR C 441 9.07 -15.49 16.62
CA THR C 441 8.22 -16.30 17.48
C THR C 441 7.71 -15.49 18.66
N ASN C 442 8.56 -14.67 19.27
CA ASN C 442 8.12 -14.02 20.50
C ASN C 442 7.32 -12.76 20.27
N LYS C 443 6.75 -12.57 19.08
CA LYS C 443 5.81 -11.48 18.80
C LYS C 443 6.39 -10.12 19.14
N LYS C 444 7.65 -9.91 18.77
CA LYS C 444 8.32 -8.63 18.95
C LYS C 444 9.06 -8.28 17.67
N THR C 445 8.38 -8.42 16.54
CA THR C 445 9.04 -8.26 15.25
C THR C 445 9.38 -6.80 14.97
N VAL C 446 8.46 -5.89 15.29
CA VAL C 446 8.62 -4.50 14.87
C VAL C 446 9.71 -3.82 15.71
N ASP C 447 10.16 -2.67 15.24
CA ASP C 447 11.17 -1.87 15.92
C ASP C 447 10.50 -0.71 16.65
N GLU C 448 10.93 -0.48 17.90
CA GLU C 448 10.14 0.32 18.82
C GLU C 448 10.15 1.81 18.49
N ARG C 449 11.21 2.29 17.84
CA ARG C 449 11.33 3.74 17.63
C ARG C 449 10.15 4.28 16.84
N GLU C 450 9.98 3.83 15.60
CA GLU C 450 8.87 4.31 14.79
C GLU C 450 7.52 3.95 15.38
N VAL C 451 7.46 2.89 16.18
CA VAL C 451 6.20 2.50 16.80
C VAL C 451 5.68 3.63 17.68
N LEU C 452 6.56 4.21 18.48
CA LEU C 452 6.08 5.14 19.49
C LEU C 452 5.70 6.49 18.91
N LYS C 453 6.42 6.97 17.89
CA LYS C 453 6.26 8.36 17.48
C LYS C 453 5.02 8.53 16.60
N TYR C 454 3.89 8.49 17.24
CA TYR C 454 2.66 9.05 16.68
C TYR C 454 1.96 9.97 17.65
N LEU C 455 1.99 9.66 18.93
CA LEU C 455 1.27 10.44 19.91
C LEU C 455 1.90 11.82 20.05
N PRO C 456 1.16 12.78 20.56
CA PRO C 456 1.73 14.11 20.76
C PRO C 456 2.70 14.14 21.93
N ASP C 457 3.16 15.34 22.28
CA ASP C 457 4.24 15.46 23.27
C ASP C 457 3.81 14.99 24.65
N LYS C 458 2.69 15.49 25.15
CA LYS C 458 2.37 15.29 26.57
C LYS C 458 2.12 13.82 26.90
N LEU C 459 1.33 13.14 26.07
CA LEU C 459 1.05 11.73 26.34
C LEU C 459 2.32 10.90 26.22
N ARG C 460 3.14 11.20 25.22
CA ARG C 460 4.41 10.49 25.09
C ARG C 460 5.26 10.67 26.33
N ALA C 461 5.33 11.89 26.85
CA ALA C 461 6.11 12.14 28.06
C ALA C 461 5.53 11.38 29.24
N GLU C 462 4.20 11.34 29.36
CA GLU C 462 3.61 10.66 30.51
C GLU C 462 3.90 9.17 30.47
N ILE C 463 3.77 8.55 29.29
CA ILE C 463 4.17 7.15 29.15
C ILE C 463 5.63 6.99 29.52
N ALA C 464 6.49 7.88 29.02
CA ALA C 464 7.91 7.74 29.25
C ALA C 464 8.24 7.77 30.75
N ILE C 465 7.61 8.68 31.49
CA ILE C 465 7.92 8.73 32.92
C ILE C 465 7.34 7.52 33.63
N ASN C 466 6.18 7.03 33.18
CA ASN C 466 5.56 5.97 33.97
C ASN C 466 6.26 4.63 33.86
N VAL C 467 7.40 4.50 33.18
CA VAL C 467 8.08 3.22 33.11
C VAL C 467 9.54 3.43 33.46
N HIS C 468 9.90 4.64 33.87
CA HIS C 468 11.27 4.89 34.29
C HIS C 468 11.45 5.70 35.55
N LEU C 469 10.49 6.54 35.96
CA LEU C 469 10.83 7.46 37.03
C LEU C 469 10.71 6.79 38.38
N ASP C 470 11.29 5.60 38.51
CA ASP C 470 11.48 4.94 39.79
C ASP C 470 12.87 4.34 39.94
N THR C 471 13.55 4.03 38.85
CA THR C 471 14.93 3.57 38.93
C THR C 471 15.90 4.74 39.03
N LEU C 472 15.72 5.76 38.18
CA LEU C 472 16.60 6.92 38.22
C LEU C 472 16.53 7.61 39.57
N LYS C 473 15.39 7.53 40.25
CA LYS C 473 15.28 8.13 41.58
C LYS C 473 16.23 7.49 42.58
N LYS C 474 16.95 6.44 42.20
CA LYS C 474 17.81 5.72 43.12
C LYS C 474 19.26 5.65 42.68
N VAL C 475 19.63 6.24 41.54
CA VAL C 475 21.04 6.27 41.17
C VAL C 475 21.80 7.08 42.22
N ARG C 476 23.02 6.66 42.50
CA ARG C 476 23.78 7.22 43.62
C ARG C 476 23.89 8.73 43.53
N ILE C 477 24.29 9.24 42.36
CA ILE C 477 24.71 10.63 42.25
C ILE C 477 23.56 11.58 41.95
N PHE C 478 22.32 11.09 41.91
CA PHE C 478 21.16 11.94 41.66
C PHE C 478 20.36 12.21 42.92
N ALA C 479 21.07 12.41 44.04
CA ALA C 479 20.41 12.49 45.34
C ALA C 479 19.44 13.65 45.42
N ASP C 480 19.82 14.82 44.89
CA ASP C 480 19.07 16.06 45.12
C ASP C 480 18.87 16.82 43.82
N CYS C 481 18.37 16.14 42.80
CA CYS C 481 18.13 16.76 41.50
C CYS C 481 16.66 17.17 41.37
N GLU C 482 16.42 18.32 40.75
CA GLU C 482 15.07 18.81 40.54
C GLU C 482 14.38 18.00 39.44
N ALA C 483 13.05 17.95 39.51
CA ALA C 483 12.29 17.04 38.67
C ALA C 483 12.48 17.33 37.18
N GLY C 484 12.51 18.61 36.82
CA GLY C 484 12.62 18.95 35.40
C GLY C 484 13.86 18.37 34.76
N LEU C 485 15.00 18.49 35.45
CA LEU C 485 16.23 17.91 34.93
C LEU C 485 16.11 16.41 34.77
N LEU C 486 15.50 15.75 35.75
CA LEU C 486 15.33 14.31 35.67
C LEU C 486 14.53 13.92 34.43
N VAL C 487 13.40 14.60 34.19
CA VAL C 487 12.56 14.24 33.05
C VAL C 487 13.30 14.51 31.73
N GLU C 488 13.96 15.65 31.64
CA GLU C 488 14.74 15.96 30.45
C GLU C 488 15.75 14.86 30.17
N LEU C 489 16.38 14.33 31.22
CA LEU C 489 17.23 13.17 31.05
C LEU C 489 16.43 11.96 30.59
N VAL C 490 15.26 11.76 31.19
CA VAL C 490 14.47 10.55 30.96
C VAL C 490 14.20 10.36 29.48
N LEU C 491 13.94 11.44 28.78
CA LEU C 491 13.49 11.27 27.40
C LEU C 491 14.61 10.89 26.43
N LYS C 492 15.77 10.42 26.87
CA LYS C 492 16.87 10.13 25.97
C LYS C 492 17.51 8.78 26.27
N LEU C 493 16.71 7.73 26.40
CA LEU C 493 17.20 6.39 26.63
C LEU C 493 16.93 5.53 25.40
N GLN C 494 17.92 4.74 24.98
CA GLN C 494 17.92 4.13 23.66
C GLN C 494 18.07 2.62 23.76
N PRO C 495 17.11 1.84 23.25
CA PRO C 495 17.13 0.40 23.49
C PRO C 495 18.28 -0.32 22.79
N GLN C 496 18.84 -1.32 23.48
CA GLN C 496 19.75 -2.29 22.89
C GLN C 496 19.36 -3.67 23.39
N VAL C 497 19.69 -4.70 22.62
CA VAL C 497 19.32 -6.07 22.95
C VAL C 497 20.50 -6.99 22.66
N TYR C 498 20.73 -7.94 23.56
CA TYR C 498 21.83 -8.89 23.46
C TYR C 498 21.32 -10.32 23.50
N SER C 499 22.25 -11.24 23.27
CA SER C 499 22.00 -12.67 23.20
C SER C 499 23.02 -13.39 24.06
N PRO C 500 22.72 -14.62 24.51
CA PRO C 500 23.69 -15.37 25.32
C PRO C 500 25.07 -15.49 24.69
N GLY C 501 26.10 -15.05 25.44
CA GLY C 501 27.47 -15.18 25.01
C GLY C 501 27.99 -14.06 24.13
N ASP C 502 27.91 -12.82 24.62
CA ASP C 502 28.36 -11.65 23.88
C ASP C 502 29.19 -10.76 24.79
N TYR C 503 30.37 -10.36 24.32
CA TYR C 503 31.20 -9.42 25.08
C TYR C 503 30.64 -8.01 24.98
N ILE C 504 29.76 -7.64 25.93
CA ILE C 504 29.20 -6.30 25.95
C ILE C 504 30.29 -5.24 26.09
N CYS C 505 31.38 -5.56 26.75
CA CYS C 505 32.51 -4.64 26.84
C CYS C 505 33.79 -5.46 26.93
N LYS C 506 34.90 -4.77 27.19
CA LYS C 506 36.21 -5.40 27.31
C LYS C 506 37.02 -4.60 28.31
N LYS C 507 38.33 -4.81 28.32
CA LYS C 507 39.23 -4.18 29.28
C LYS C 507 39.82 -2.89 28.72
N GLY C 508 39.89 -1.88 29.57
CA GLY C 508 40.62 -0.67 29.27
C GLY C 508 40.29 0.00 27.94
N ASP C 509 39.07 0.51 27.81
CA ASP C 509 38.65 1.16 26.56
C ASP C 509 37.83 2.39 26.93
N ILE C 510 37.11 2.95 25.97
CA ILE C 510 36.40 4.20 26.21
C ILE C 510 35.28 3.97 27.21
N GLY C 511 35.09 4.94 28.10
CA GLY C 511 33.94 4.95 28.97
C GLY C 511 32.96 6.01 28.52
N ARG C 512 31.87 5.59 27.90
CA ARG C 512 31.05 6.52 27.14
C ARG C 512 29.56 6.27 27.38
N GLU C 513 29.19 5.50 28.39
CA GLU C 513 27.79 5.16 28.56
C GLU C 513 27.56 4.74 30.00
N MET C 514 26.31 4.79 30.44
CA MET C 514 25.91 4.44 31.80
C MET C 514 24.70 3.53 31.71
N TYR C 515 24.94 2.22 31.75
CA TYR C 515 23.89 1.25 31.52
C TYR C 515 22.97 1.12 32.74
N ILE C 516 21.71 0.79 32.48
CA ILE C 516 20.77 0.48 33.54
C ILE C 516 19.92 -0.70 33.09
N ILE C 517 20.24 -1.89 33.58
CA ILE C 517 19.66 -3.12 33.07
C ILE C 517 18.18 -3.21 33.42
N LYS C 518 17.39 -3.77 32.51
CA LYS C 518 15.98 -4.04 32.74
C LYS C 518 15.72 -5.44 32.22
N GLU C 519 15.36 -6.37 33.11
CA GLU C 519 15.06 -7.75 32.73
C GLU C 519 16.23 -8.46 32.07
N GLY C 520 17.30 -8.70 32.80
CA GLY C 520 18.39 -9.51 32.31
C GLY C 520 19.23 -10.02 33.46
N LYS C 521 20.35 -10.65 33.11
CA LYS C 521 21.33 -11.08 34.11
C LYS C 521 22.73 -10.97 33.52
N LEU C 522 23.64 -10.36 34.28
CA LEU C 522 25.01 -10.16 33.82
C LEU C 522 25.97 -10.67 34.88
N ALA C 523 27.19 -10.97 34.43
CA ALA C 523 28.23 -11.41 35.35
C ALA C 523 29.59 -10.99 34.82
N VAL C 524 30.55 -10.87 35.73
CA VAL C 524 31.90 -10.45 35.42
C VAL C 524 32.77 -11.69 35.39
N VAL C 525 33.30 -12.03 34.21
CA VAL C 525 34.15 -13.20 34.04
C VAL C 525 35.53 -12.74 33.60
N ALA C 526 36.56 -13.17 34.31
CA ALA C 526 37.91 -13.01 33.81
C ALA C 526 38.08 -13.88 32.57
N ASP C 527 38.79 -13.36 31.56
CA ASP C 527 38.94 -14.07 30.31
C ASP C 527 39.52 -15.46 30.53
N ASP C 528 40.39 -15.59 31.53
CA ASP C 528 40.99 -16.88 31.83
C ASP C 528 39.95 -17.83 32.39
N GLY C 529 39.52 -18.78 31.57
CA GLY C 529 38.50 -19.73 32.00
C GLY C 529 37.22 -19.02 32.38
N ILE C 530 36.56 -19.53 33.43
CA ILE C 530 35.40 -18.88 34.02
C ILE C 530 35.62 -18.78 35.52
N THR C 531 35.55 -17.57 36.04
CA THR C 531 35.78 -17.32 37.46
C THR C 531 34.79 -16.27 37.95
N GLN C 532 33.52 -16.46 37.58
CA GLN C 532 32.45 -15.49 37.81
C GLN C 532 32.54 -14.83 39.17
N PHE C 533 32.57 -13.50 39.19
CA PHE C 533 32.76 -12.78 40.44
C PHE C 533 31.43 -12.37 41.05
N VAL C 534 30.62 -11.60 40.32
CA VAL C 534 29.34 -11.12 40.81
C VAL C 534 28.33 -11.20 39.67
N VAL C 535 27.08 -11.51 40.01
CA VAL C 535 25.99 -11.55 39.04
C VAL C 535 25.05 -10.40 39.41
N LEU C 536 24.62 -9.63 38.40
CA LEU C 536 23.74 -8.51 38.66
C LEU C 536 22.34 -8.82 38.15
N SER C 537 21.35 -8.56 39.01
CA SER C 537 19.98 -8.94 38.71
C SER C 537 19.23 -7.85 37.95
N ASP C 538 19.11 -6.67 38.54
CA ASP C 538 18.36 -5.57 37.96
C ASP C 538 18.78 -4.26 38.61
N GLY C 539 18.54 -3.16 37.92
CA GLY C 539 18.87 -1.86 38.48
C GLY C 539 20.33 -1.74 38.84
N SER C 540 21.21 -2.16 37.94
CA SER C 540 22.65 -2.14 38.16
C SER C 540 23.25 -0.90 37.51
N TYR C 541 24.11 -0.21 38.25
CA TYR C 541 24.67 1.04 37.77
C TYR C 541 25.72 0.75 36.69
N PHE C 542 26.80 0.08 37.07
CA PHE C 542 27.85 -0.27 36.11
C PHE C 542 28.32 0.94 35.33
N GLY C 543 28.95 1.91 36.00
CA GLY C 543 29.32 3.14 35.32
C GLY C 543 29.29 4.34 36.25
N GLU C 544 28.47 5.33 35.90
CA GLU C 544 28.00 6.42 36.76
C GLU C 544 29.12 7.37 37.18
N ILE C 545 30.37 7.09 36.81
CA ILE C 545 31.47 8.00 37.06
C ILE C 545 32.29 8.32 35.82
N SER C 546 32.33 7.42 34.83
CA SER C 546 33.07 7.72 33.60
C SER C 546 32.45 8.91 32.87
N ILE C 547 31.12 9.00 32.88
CA ILE C 547 30.45 10.15 32.28
C ILE C 547 30.84 11.44 32.99
N LEU C 548 30.82 11.42 34.33
CA LEU C 548 31.01 12.63 35.11
C LEU C 548 32.51 12.90 35.25
N ASN C 549 33.10 13.31 34.13
CA ASN C 549 34.55 13.49 34.08
C ASN C 549 35.01 14.51 35.10
N ILE C 550 36.07 14.16 35.84
CA ILE C 550 36.61 15.02 36.87
C ILE C 550 38.13 14.96 36.79
N LYS C 551 38.77 16.01 37.31
CA LYS C 551 40.21 16.13 37.22
C LYS C 551 40.91 15.04 38.03
N GLY C 552 42.08 14.63 37.55
CA GLY C 552 42.87 13.61 38.22
C GLY C 552 42.23 12.23 38.24
N SER C 553 41.60 11.84 37.14
CA SER C 553 41.02 10.50 37.05
C SER C 553 42.12 9.46 37.24
N LYS C 554 41.80 8.41 38.02
CA LYS C 554 42.77 7.35 38.25
C LYS C 554 43.26 6.76 36.94
N ALA C 555 42.33 6.37 36.07
CA ALA C 555 42.64 5.94 34.70
C ALA C 555 41.51 6.48 33.83
N GLY C 556 41.73 7.65 33.26
CA GLY C 556 40.69 8.34 32.53
C GLY C 556 40.10 7.55 31.38
N ASN C 557 38.86 7.08 31.57
CA ASN C 557 38.11 6.38 30.53
C ASN C 557 38.85 5.12 30.06
N ARG C 558 39.01 4.19 31.00
CA ARG C 558 39.58 2.88 30.68
C ARG C 558 38.57 1.76 30.90
N ARG C 559 38.03 1.63 32.12
CA ARG C 559 36.97 0.67 32.41
C ARG C 559 37.39 -0.76 32.04
N THR C 560 38.39 -1.26 32.78
CA THR C 560 38.84 -2.64 32.63
C THR C 560 37.99 -3.53 33.54
N ALA C 561 36.92 -4.06 32.98
CA ALA C 561 35.95 -4.79 33.79
C ALA C 561 35.66 -6.18 33.28
N ASN C 562 35.56 -6.37 31.96
CA ASN C 562 35.30 -7.69 31.36
C ASN C 562 34.01 -8.30 31.90
N ILE C 563 32.89 -7.66 31.56
CA ILE C 563 31.61 -8.26 31.84
C ILE C 563 31.10 -8.95 30.57
N LYS C 564 30.09 -9.80 30.74
CA LYS C 564 29.55 -10.58 29.62
C LYS C 564 28.14 -11.00 29.97
N SER C 565 27.26 -11.00 28.96
CA SER C 565 25.88 -11.35 29.19
C SER C 565 25.70 -12.86 29.29
N ILE C 566 24.76 -13.28 30.13
CA ILE C 566 24.52 -14.69 30.36
C ILE C 566 23.41 -15.24 29.47
N GLY C 567 22.31 -14.51 29.31
CA GLY C 567 21.37 -14.83 28.25
C GLY C 567 20.25 -13.83 28.08
N TYR C 568 20.09 -13.34 26.86
CA TYR C 568 18.91 -12.58 26.43
C TYR C 568 18.53 -11.48 27.43
N SER C 569 19.42 -10.51 27.57
CA SER C 569 19.17 -9.32 28.38
C SER C 569 18.79 -8.15 27.48
N ASP C 570 17.95 -7.28 28.01
CA ASP C 570 17.39 -6.16 27.23
C ASP C 570 17.59 -4.88 28.02
N LEU C 571 18.65 -4.15 27.71
CA LEU C 571 19.13 -3.06 28.54
C LEU C 571 19.02 -1.72 27.82
N PHE C 572 18.65 -0.70 28.58
CA PHE C 572 18.66 0.68 28.09
C PHE C 572 20.06 1.26 28.29
N CYS C 573 20.21 2.57 28.13
CA CYS C 573 21.52 3.19 28.17
C CYS C 573 21.35 4.70 28.28
N LEU C 574 22.48 5.40 28.39
CA LEU C 574 22.51 6.86 28.40
C LEU C 574 23.90 7.32 27.97
N SER C 575 23.92 8.30 27.07
CA SER C 575 25.18 8.82 26.55
C SER C 575 25.66 9.97 27.43
N LYS C 576 26.65 10.72 26.96
CA LYS C 576 27.26 11.79 27.73
C LYS C 576 27.11 13.16 27.09
N ASP C 577 27.27 13.26 25.77
CA ASP C 577 26.96 14.51 25.09
C ASP C 577 25.53 14.91 25.37
N ASP C 578 24.64 13.93 25.43
CA ASP C 578 23.26 14.22 25.80
C ASP C 578 23.18 14.77 27.21
N LEU C 579 24.01 14.26 28.13
CA LEU C 579 24.00 14.80 29.48
C LEU C 579 24.43 16.26 29.50
N MET C 580 25.48 16.60 28.75
CA MET C 580 25.92 17.98 28.69
C MET C 580 24.83 18.88 28.11
N GLU C 581 24.28 18.47 26.97
CA GLU C 581 23.22 19.24 26.33
C GLU C 581 22.01 19.40 27.25
N ALA C 582 21.72 18.38 28.05
CA ALA C 582 20.59 18.47 28.97
C ALA C 582 20.90 19.43 30.12
N LEU C 583 22.10 19.32 30.69
CA LEU C 583 22.43 20.09 31.87
C LEU C 583 22.70 21.55 31.53
N THR C 584 22.90 21.87 30.24
CA THR C 584 23.17 23.26 29.88
C THR C 584 22.08 24.21 30.35
N GLU C 585 20.86 23.72 30.53
CA GLU C 585 19.77 24.59 30.93
C GLU C 585 19.95 25.11 32.35
N TYR C 586 20.35 24.24 33.28
CA TYR C 586 20.43 24.57 34.69
C TYR C 586 21.90 24.66 35.08
N PRO C 587 22.50 25.80 35.01
CA PRO C 587 23.94 25.91 35.30
C PRO C 587 24.24 26.03 36.79
N ASP C 588 23.54 25.23 37.60
CA ASP C 588 23.73 25.24 39.04
C ASP C 588 24.18 23.88 39.57
N ALA C 589 23.45 22.81 39.26
CA ALA C 589 23.68 21.53 39.93
C ALA C 589 25.03 20.95 39.60
N LYS C 590 25.54 21.21 38.39
CA LYS C 590 26.80 20.66 37.92
C LYS C 590 27.87 20.64 39.01
N GLY C 591 28.02 21.77 39.70
CA GLY C 591 29.03 21.85 40.74
C GLY C 591 28.79 20.85 41.85
N MET C 592 27.56 20.78 42.35
CA MET C 592 27.27 19.88 43.46
C MET C 592 27.37 18.43 43.05
N LEU C 593 26.97 18.11 41.82
CA LEU C 593 27.11 16.75 41.33
C LEU C 593 28.57 16.34 41.29
N GLU C 594 29.42 17.15 40.68
CA GLU C 594 30.83 16.80 40.65
C GLU C 594 31.41 16.77 42.05
N GLU C 595 30.91 17.63 42.94
CA GLU C 595 31.40 17.64 44.32
C GLU C 595 31.11 16.33 45.03
N LYS C 596 29.86 15.88 44.98
CA LYS C 596 29.52 14.64 45.67
C LYS C 596 30.17 13.44 44.99
N GLY C 597 30.33 13.48 43.67
CA GLY C 597 31.08 12.41 43.02
C GLY C 597 32.51 12.35 43.52
N LYS C 598 33.16 13.50 43.64
CA LYS C 598 34.51 13.52 44.16
C LYS C 598 34.55 13.03 45.60
N GLN C 599 33.51 13.30 46.38
CA GLN C 599 33.46 12.72 47.72
C GLN C 599 33.37 11.20 47.67
N ILE C 600 32.51 10.68 46.79
CA ILE C 600 32.38 9.23 46.64
C ILE C 600 33.74 8.62 46.34
N LEU C 601 34.48 9.25 45.44
CA LEU C 601 35.85 8.80 45.18
C LEU C 601 36.71 8.93 46.43
N MET C 602 36.54 10.02 47.17
CA MET C 602 37.34 10.24 48.37
C MET C 602 37.18 9.09 49.35
N LYS C 603 36.02 8.46 49.37
CA LYS C 603 35.88 7.27 50.22
C LYS C 603 36.79 6.12 49.79
N ASP C 604 37.36 6.17 48.57
CA ASP C 604 38.24 5.09 48.14
C ASP C 604 39.18 5.58 47.05
N GLY C 605 40.44 5.76 47.40
CA GLY C 605 41.46 6.12 46.42
C GLY C 605 41.36 7.54 45.94
N LEU C 606 40.22 7.89 45.36
CA LEU C 606 39.85 9.26 44.99
C LEU C 606 40.62 9.83 43.81
N LEU C 607 41.75 9.23 43.46
CA LEU C 607 42.69 9.81 42.51
C LEU C 607 43.79 8.79 42.28
N ASP C 608 44.71 9.16 41.39
CA ASP C 608 46.00 8.49 41.27
C ASP C 608 47.16 9.45 41.43
N ILE C 609 46.88 10.75 41.63
CA ILE C 609 47.88 11.78 41.82
C ILE C 609 47.30 12.80 42.78
N ASN C 610 48.09 13.81 43.15
CA ASN C 610 47.62 14.83 44.07
C ASN C 610 46.51 15.66 43.44
N ILE C 611 45.82 16.43 44.28
CA ILE C 611 44.77 17.31 43.79
C ILE C 611 45.37 18.36 42.88
N ALA C 612 44.74 18.57 41.72
CA ALA C 612 45.12 19.64 40.81
C ALA C 612 44.30 20.87 41.18
N ASN C 613 44.75 21.56 42.22
CA ASN C 613 44.02 22.71 42.75
C ASN C 613 43.92 23.80 41.71
N ALA C 614 42.69 24.25 41.43
CA ALA C 614 42.43 25.30 40.44
C ALA C 614 42.21 26.61 41.17
N GLY C 615 43.30 27.21 41.62
CA GLY C 615 43.25 28.51 42.26
C GLY C 615 43.46 29.66 41.30
N SER C 616 42.70 29.65 40.20
CA SER C 616 42.88 30.67 39.16
C SER C 616 42.52 32.06 39.67
N ASP C 617 41.44 32.18 40.44
CA ASP C 617 40.99 33.48 40.93
C ASP C 617 41.49 33.73 42.36
N TRP D 773 16.68 -19.94 -33.10
CA TRP D 773 16.48 -21.29 -32.60
C TRP D 773 15.09 -21.43 -31.98
N LEU D 774 14.61 -20.36 -31.35
CA LEU D 774 13.36 -20.44 -30.60
C LEU D 774 12.17 -20.72 -31.51
N PHE D 775 12.11 -20.07 -32.67
CA PHE D 775 10.95 -20.24 -33.55
C PHE D 775 10.80 -21.69 -33.97
N PHE D 776 11.87 -22.28 -34.52
CA PHE D 776 11.82 -23.68 -34.94
C PHE D 776 11.63 -24.60 -33.75
N VAL D 777 12.25 -24.28 -32.62
CA VAL D 777 12.15 -25.15 -31.44
C VAL D 777 10.71 -25.22 -30.95
N VAL D 778 10.04 -24.06 -30.84
CA VAL D 778 8.66 -24.05 -30.38
C VAL D 778 7.73 -24.68 -31.40
N LEU D 779 8.00 -24.46 -32.69
CA LEU D 779 7.21 -25.15 -33.72
C LEU D 779 7.31 -26.66 -33.56
N ALA D 780 8.54 -27.16 -33.41
CA ALA D 780 8.76 -28.60 -33.29
C ALA D 780 8.14 -29.15 -32.02
N TRP D 781 8.25 -28.43 -30.91
CA TRP D 781 7.70 -28.94 -29.66
C TRP D 781 6.17 -28.94 -29.68
N ASN D 782 5.56 -27.89 -30.23
CA ASN D 782 4.11 -27.91 -30.40
C ASN D 782 3.69 -29.08 -31.28
N TRP D 783 4.42 -29.31 -32.38
CA TRP D 783 4.08 -30.41 -33.27
C TRP D 783 4.19 -31.75 -32.57
N ASN D 784 5.30 -32.00 -31.87
CA ASN D 784 5.52 -33.32 -31.29
C ASN D 784 4.61 -33.56 -30.09
N CYS D 785 4.17 -32.49 -29.42
CA CYS D 785 3.25 -32.66 -28.30
C CYS D 785 1.81 -32.75 -28.76
N TRP D 786 1.46 -32.19 -29.91
CA TRP D 786 0.06 -32.14 -30.34
C TRP D 786 -0.31 -33.24 -31.33
N LEU D 787 0.59 -33.61 -32.25
CA LEU D 787 0.24 -34.61 -33.26
C LEU D 787 0.20 -36.02 -32.68
N ILE D 788 1.10 -36.33 -31.74
CA ILE D 788 1.17 -37.69 -31.21
C ILE D 788 -0.14 -38.14 -30.58
N PRO D 789 -0.86 -37.32 -29.76
CA PRO D 789 -2.10 -37.80 -29.12
C PRO D 789 -3.07 -38.49 -30.07
N VAL D 790 -3.46 -37.81 -31.15
CA VAL D 790 -4.40 -38.42 -32.08
C VAL D 790 -3.78 -39.60 -32.82
N ARG D 791 -2.46 -39.76 -32.74
CA ARG D 791 -1.74 -40.81 -33.45
C ARG D 791 -1.41 -42.00 -32.56
N TRP D 792 -2.02 -42.10 -31.38
CA TRP D 792 -1.77 -43.24 -30.51
C TRP D 792 -3.05 -43.96 -30.13
N ALA D 793 -4.14 -43.20 -29.99
CA ALA D 793 -5.40 -43.77 -29.54
C ALA D 793 -6.52 -43.64 -30.57
N PHE D 794 -6.66 -42.50 -31.22
CA PHE D 794 -7.67 -42.33 -32.25
C PHE D 794 -7.39 -43.31 -33.38
N PRO D 795 -8.34 -44.16 -33.76
CA PRO D 795 -8.01 -45.32 -34.60
C PRO D 795 -7.47 -44.97 -35.97
N TYR D 796 -8.24 -44.22 -36.77
CA TYR D 796 -7.91 -44.01 -38.16
C TYR D 796 -7.13 -42.71 -38.38
N GLN D 797 -6.05 -42.50 -37.63
CA GLN D 797 -5.20 -41.35 -37.91
C GLN D 797 -3.71 -41.63 -37.89
N THR D 798 -3.23 -42.67 -37.22
CA THR D 798 -1.78 -42.87 -37.21
C THR D 798 -1.22 -43.40 -38.54
N PRO D 799 -1.95 -44.23 -39.33
CA PRO D 799 -1.40 -44.59 -40.64
C PRO D 799 -1.97 -43.77 -41.79
N ASP D 800 -3.02 -42.98 -41.52
CA ASP D 800 -3.75 -42.31 -42.60
C ASP D 800 -2.89 -41.26 -43.29
N ASN D 801 -2.27 -40.38 -42.51
CA ASN D 801 -1.45 -39.30 -43.03
C ASN D 801 -0.09 -39.32 -42.34
N ILE D 802 0.55 -40.48 -42.33
CA ILE D 802 1.82 -40.64 -41.63
C ILE D 802 2.94 -40.15 -42.55
N HIS D 803 3.13 -38.86 -42.58
CA HIS D 803 4.21 -38.14 -43.23
C HIS D 803 4.91 -37.17 -42.28
N LEU D 804 4.14 -36.45 -41.46
CA LEU D 804 4.73 -35.47 -40.56
C LEU D 804 5.58 -36.14 -39.50
N TRP D 805 5.03 -37.15 -38.81
CA TRP D 805 5.80 -37.83 -37.78
C TRP D 805 6.98 -38.59 -38.40
N LEU D 806 6.73 -39.30 -39.50
CA LEU D 806 7.80 -40.08 -40.12
C LEU D 806 8.96 -39.20 -40.56
N LEU D 807 8.66 -38.03 -41.11
CA LEU D 807 9.69 -37.16 -41.65
C LEU D 807 10.17 -36.09 -40.66
N MET D 808 9.62 -36.05 -39.44
CA MET D 808 10.08 -35.08 -38.46
C MET D 808 10.43 -35.69 -37.11
N ASP D 809 10.41 -37.02 -36.99
CA ASP D 809 10.76 -37.66 -35.71
C ASP D 809 12.19 -37.37 -35.27
N TYR D 810 13.05 -36.95 -36.20
CA TYR D 810 14.44 -36.63 -35.85
C TYR D 810 14.51 -35.39 -34.96
N LYS D 882 14.09 -28.83 -18.11
CA LYS D 882 15.09 -27.87 -17.67
C LYS D 882 15.29 -26.77 -18.71
N TYR D 883 14.20 -26.34 -19.34
CA TYR D 883 14.25 -25.35 -20.41
C TYR D 883 13.78 -24.01 -19.89
N MET D 884 14.61 -22.97 -20.08
CA MET D 884 14.27 -21.62 -19.70
C MET D 884 14.62 -20.60 -20.77
N ALA D 885 15.20 -21.03 -21.89
CA ALA D 885 15.52 -20.11 -22.97
C ALA D 885 14.27 -19.49 -23.56
N PHE D 886 13.18 -20.26 -23.64
CA PHE D 886 11.93 -19.71 -24.13
C PHE D 886 11.43 -18.58 -23.23
N PHE D 887 11.52 -18.79 -21.92
CA PHE D 887 11.11 -17.75 -20.98
C PHE D 887 12.01 -16.52 -21.09
N GLU D 888 13.32 -16.73 -21.21
CA GLU D 888 14.25 -15.61 -21.32
C GLU D 888 13.99 -14.81 -22.59
N PHE D 889 13.75 -15.49 -23.72
CA PHE D 889 13.54 -14.76 -24.96
C PHE D 889 12.16 -14.12 -25.00
N ASN D 890 11.17 -14.71 -24.33
CA ASN D 890 9.91 -14.00 -24.13
C ASN D 890 10.14 -12.72 -23.34
N ASN D 891 10.97 -12.79 -22.31
CA ASN D 891 11.32 -11.60 -21.56
C ASN D 891 11.98 -10.56 -22.46
N ARG D 892 12.88 -11.01 -23.33
CA ARG D 892 13.53 -10.10 -24.28
C ARG D 892 12.53 -9.46 -25.22
N LEU D 893 11.61 -10.26 -25.75
CA LEU D 893 10.64 -9.76 -26.72
C LEU D 893 9.69 -8.75 -26.08
N GLU D 894 9.29 -9.01 -24.84
CA GLU D 894 8.50 -8.03 -24.11
C GLU D 894 9.26 -6.72 -23.96
N SER D 895 10.56 -6.82 -23.66
CA SER D 895 11.38 -5.62 -23.54
C SER D 895 11.61 -4.97 -24.90
N ILE D 896 11.96 -5.76 -25.92
CA ILE D 896 12.39 -5.19 -27.18
C ILE D 896 11.22 -4.77 -28.07
N LEU D 897 10.03 -5.32 -27.86
CA LEU D 897 8.87 -4.98 -28.66
C LEU D 897 7.83 -4.30 -27.78
N SER D 898 7.00 -3.46 -28.41
CA SER D 898 6.02 -2.67 -27.68
C SER D 898 5.14 -3.56 -26.80
N LYS D 899 4.65 -4.66 -27.35
CA LYS D 899 3.79 -5.56 -26.60
C LYS D 899 4.57 -6.24 -25.48
N ALA D 900 3.93 -6.37 -24.32
CA ALA D 900 4.47 -7.12 -23.20
C ALA D 900 3.49 -8.16 -22.69
N TYR D 901 2.42 -8.42 -23.43
CA TYR D 901 1.33 -9.27 -22.98
C TYR D 901 0.89 -10.32 -23.98
N VAL D 902 1.09 -10.10 -25.28
CA VAL D 902 0.62 -11.07 -26.28
C VAL D 902 1.37 -12.38 -26.13
N TYR D 903 2.66 -12.33 -25.78
CA TYR D 903 3.46 -13.55 -25.66
C TYR D 903 2.91 -14.44 -24.56
N ARG D 904 2.69 -13.86 -23.37
CA ARG D 904 2.14 -14.64 -22.28
C ARG D 904 0.73 -15.12 -22.61
N VAL D 905 -0.07 -14.27 -23.26
CA VAL D 905 -1.44 -14.66 -23.59
C VAL D 905 -1.43 -15.89 -24.50
N ILE D 906 -0.59 -15.86 -25.54
CA ILE D 906 -0.58 -16.98 -26.48
C ILE D 906 0.01 -18.22 -25.83
N ARG D 907 1.05 -18.06 -25.00
CA ARG D 907 1.60 -19.22 -24.30
C ARG D 907 0.55 -19.87 -23.41
N THR D 908 -0.21 -19.06 -22.68
CA THR D 908 -1.21 -19.59 -21.76
C THR D 908 -2.36 -20.25 -22.52
N THR D 909 -2.87 -19.62 -23.57
CA THR D 909 -3.95 -20.25 -24.30
C THR D 909 -3.48 -21.50 -25.03
N ALA D 910 -2.20 -21.53 -25.44
CA ALA D 910 -1.63 -22.76 -25.98
C ALA D 910 -1.60 -23.84 -24.92
N TYR D 911 -1.25 -23.48 -23.68
CA TYR D 911 -1.30 -24.43 -22.58
C TYR D 911 -2.71 -24.97 -22.39
N LEU D 912 -3.71 -24.07 -22.47
CA LEU D 912 -5.10 -24.48 -22.28
C LEU D 912 -5.52 -25.49 -23.34
N LEU D 913 -5.26 -25.19 -24.61
CA LEU D 913 -5.70 -26.09 -25.67
C LEU D 913 -4.87 -27.37 -25.69
N TYR D 914 -3.59 -27.28 -25.33
CA TYR D 914 -2.78 -28.47 -25.13
C TYR D 914 -3.37 -29.36 -24.06
N SER D 915 -3.81 -28.77 -22.95
CA SER D 915 -4.43 -29.57 -21.88
C SER D 915 -5.72 -30.21 -22.37
N LEU D 916 -6.51 -29.46 -23.14
CA LEU D 916 -7.73 -30.02 -23.72
C LEU D 916 -7.42 -31.27 -24.55
N HIS D 917 -6.45 -31.14 -25.46
CA HIS D 917 -6.08 -32.26 -26.32
C HIS D 917 -5.53 -33.42 -25.51
N LEU D 918 -4.72 -33.13 -24.49
CA LEU D 918 -4.10 -34.17 -23.70
C LEU D 918 -5.15 -34.95 -22.89
N ASN D 919 -6.14 -34.25 -22.35
CA ASN D 919 -7.24 -34.93 -21.67
C ASN D 919 -8.01 -35.81 -22.64
N SER D 920 -8.25 -35.30 -23.86
CA SER D 920 -8.90 -36.11 -24.88
C SER D 920 -8.15 -37.42 -25.10
N CYS D 921 -6.84 -37.30 -25.35
CA CYS D 921 -6.03 -38.48 -25.64
C CYS D 921 -6.00 -39.43 -24.46
N LEU D 922 -5.95 -38.90 -23.24
CA LEU D 922 -5.84 -39.80 -22.09
C LEU D 922 -7.15 -40.54 -21.82
N TYR D 923 -8.31 -39.92 -22.06
CA TYR D 923 -9.52 -40.73 -21.89
C TYR D 923 -9.66 -41.74 -23.02
N TYR D 924 -9.21 -41.38 -24.22
CA TYR D 924 -9.17 -42.35 -25.31
C TYR D 924 -8.31 -43.55 -24.93
N TRP D 925 -7.13 -43.31 -24.37
CA TRP D 925 -6.27 -44.42 -23.99
C TRP D 925 -6.80 -45.17 -22.77
N ALA D 926 -7.53 -44.50 -21.88
CA ALA D 926 -8.18 -45.21 -20.79
C ALA D 926 -9.17 -46.23 -21.35
N SER D 927 -9.98 -45.81 -22.32
CA SER D 927 -10.87 -46.75 -22.99
C SER D 927 -10.09 -47.87 -23.66
N ALA D 928 -9.02 -47.52 -24.39
CA ALA D 928 -8.25 -48.53 -25.11
C ALA D 928 -7.68 -49.57 -24.16
N TYR D 929 -7.12 -49.12 -23.03
CA TYR D 929 -6.61 -50.04 -22.03
C TYR D 929 -7.73 -50.90 -21.45
N GLU D 930 -8.89 -50.30 -21.20
CA GLU D 930 -10.03 -51.08 -20.72
C GLU D 930 -10.83 -51.73 -21.85
N GLY D 931 -10.61 -51.33 -23.09
CA GLY D 931 -11.23 -51.97 -24.22
C GLY D 931 -12.39 -51.21 -24.85
N LEU D 932 -13.24 -50.62 -24.01
CA LEU D 932 -14.44 -49.95 -24.49
C LEU D 932 -14.62 -48.62 -23.78
N GLY D 933 -15.36 -47.72 -24.43
CA GLY D 933 -15.56 -46.38 -23.91
C GLY D 933 -14.95 -45.32 -24.79
N SER D 934 -14.90 -44.08 -24.32
CA SER D 934 -14.28 -42.96 -25.03
C SER D 934 -14.91 -42.76 -26.41
N THR D 935 -16.19 -42.40 -26.41
CA THR D 935 -16.91 -42.04 -27.63
C THR D 935 -16.85 -43.19 -28.64
N HIS D 936 -17.53 -44.27 -28.28
CA HIS D 936 -17.59 -45.42 -29.18
C HIS D 936 -18.22 -45.06 -30.51
N TRP D 937 -18.96 -43.96 -30.57
CA TRP D 937 -19.55 -43.43 -31.81
C TRP D 937 -18.93 -42.06 -32.07
N VAL D 938 -17.87 -42.06 -32.87
CA VAL D 938 -17.17 -40.81 -33.21
C VAL D 938 -17.80 -40.10 -34.40
N TYR D 939 -18.87 -40.67 -34.95
CA TYR D 939 -19.67 -40.13 -36.05
C TYR D 939 -18.98 -40.29 -37.40
N ASP D 940 -18.10 -41.29 -37.50
CA ASP D 940 -17.69 -41.89 -38.78
C ASP D 940 -17.05 -40.86 -39.72
N GLY D 941 -15.87 -40.38 -39.33
CA GLY D 941 -15.06 -39.58 -40.22
C GLY D 941 -14.14 -38.61 -39.50
N VAL D 942 -12.88 -38.54 -39.95
CA VAL D 942 -11.89 -37.71 -39.27
C VAL D 942 -12.26 -36.24 -39.34
N GLY D 943 -12.78 -35.79 -40.49
CA GLY D 943 -13.15 -34.39 -40.64
C GLY D 943 -14.13 -33.92 -39.59
N ASN D 944 -14.97 -34.84 -39.09
CA ASN D 944 -15.79 -34.57 -37.92
C ASN D 944 -15.28 -35.25 -36.66
N SER D 945 -14.41 -36.26 -36.79
CA SER D 945 -13.83 -36.89 -35.60
C SER D 945 -13.05 -35.88 -34.77
N TYR D 946 -12.21 -35.08 -35.43
CA TYR D 946 -11.43 -34.08 -34.70
C TYR D 946 -12.34 -33.08 -33.99
N ILE D 947 -13.34 -32.56 -34.71
CA ILE D 947 -14.17 -31.50 -34.16
C ILE D 947 -15.02 -32.04 -33.02
N ARG D 948 -15.58 -33.24 -33.17
CA ARG D 948 -16.36 -33.83 -32.09
C ARG D 948 -15.47 -34.25 -30.93
N CYS D 949 -14.21 -34.60 -31.18
CA CYS D 949 -13.31 -34.95 -30.10
C CYS D 949 -13.04 -33.75 -29.20
N TYR D 950 -12.63 -32.63 -29.78
CA TYR D 950 -12.39 -31.51 -28.86
C TYR D 950 -13.69 -30.88 -28.38
N TYR D 951 -14.80 -31.07 -29.09
CA TYR D 951 -16.09 -30.67 -28.54
C TYR D 951 -16.43 -31.51 -27.31
N TRP D 952 -16.17 -32.81 -27.36
CA TRP D 952 -16.36 -33.65 -26.19
C TRP D 952 -15.45 -33.21 -25.05
N ALA D 953 -14.21 -32.86 -25.37
CA ALA D 953 -13.29 -32.37 -24.35
C ALA D 953 -13.81 -31.10 -23.69
N VAL D 954 -14.21 -30.12 -24.49
CA VAL D 954 -14.72 -28.87 -23.91
C VAL D 954 -16.01 -29.13 -23.16
N LYS D 955 -16.81 -30.12 -23.58
CA LYS D 955 -18.01 -30.48 -22.83
C LYS D 955 -17.64 -30.98 -21.45
N THR D 956 -16.92 -32.10 -21.37
CA THR D 956 -16.56 -32.69 -20.10
C THR D 956 -15.44 -31.93 -19.38
N LEU D 957 -15.14 -30.71 -19.84
CA LEU D 957 -14.11 -29.88 -19.23
C LEU D 957 -14.07 -29.95 -17.70
N ILE D 958 -15.17 -29.62 -17.01
CA ILE D 958 -15.06 -29.63 -15.56
C ILE D 958 -15.76 -30.82 -14.91
N THR D 959 -17.10 -30.79 -14.83
CA THR D 959 -17.85 -31.96 -14.36
C THR D 959 -19.20 -32.12 -15.01
N ILE D 960 -19.54 -31.35 -16.06
CA ILE D 960 -20.94 -31.23 -16.44
C ILE D 960 -21.54 -32.56 -16.85
N GLY D 961 -20.72 -33.50 -17.32
CA GLY D 961 -21.22 -34.82 -17.67
C GLY D 961 -22.31 -34.77 -18.71
N GLY D 962 -23.55 -34.98 -18.27
CA GLY D 962 -24.68 -34.96 -19.19
C GLY D 962 -25.07 -36.35 -19.64
N LEU D 963 -24.64 -36.71 -20.84
CA LEU D 963 -24.90 -38.06 -21.35
C LEU D 963 -24.33 -39.16 -20.47
N PRO D 964 -23.06 -39.14 -20.07
CA PRO D 964 -22.48 -40.32 -19.39
C PRO D 964 -23.13 -40.61 -18.06
N ASP D 965 -23.16 -41.90 -17.73
CA ASP D 965 -23.72 -42.46 -16.51
C ASP D 965 -22.65 -43.32 -15.87
N PRO D 966 -22.77 -43.61 -14.56
CA PRO D 966 -21.77 -44.47 -13.91
C PRO D 966 -21.66 -45.83 -14.57
N ARG D 967 -20.50 -46.10 -15.19
CA ARG D 967 -20.24 -47.36 -15.86
C ARG D 967 -19.47 -48.33 -14.98
N THR D 968 -18.29 -47.92 -14.50
CA THR D 968 -17.49 -48.75 -13.63
C THR D 968 -16.67 -47.83 -12.72
N LEU D 969 -15.65 -48.40 -12.09
CA LEU D 969 -14.80 -47.67 -11.16
C LEU D 969 -13.96 -46.61 -11.88
N PHE D 970 -13.48 -45.64 -11.08
CA PHE D 970 -12.53 -44.57 -11.40
C PHE D 970 -13.15 -43.42 -12.18
N GLU D 971 -14.42 -43.49 -12.59
CA GLU D 971 -15.02 -42.41 -13.37
C GLU D 971 -15.11 -41.14 -12.55
N ILE D 972 -15.45 -41.26 -11.27
CA ILE D 972 -15.59 -40.09 -10.40
C ILE D 972 -14.25 -39.39 -10.26
N VAL D 973 -13.19 -40.15 -10.02
CA VAL D 973 -11.85 -39.58 -9.90
C VAL D 973 -11.45 -38.90 -11.20
N PHE D 974 -11.76 -39.53 -12.32
CA PHE D 974 -11.45 -38.95 -13.63
C PHE D 974 -12.11 -37.58 -13.80
N GLN D 975 -13.41 -37.53 -13.55
CA GLN D 975 -14.12 -36.26 -13.66
C GLN D 975 -13.53 -35.23 -12.70
N GLY D 976 -13.14 -35.65 -11.51
CA GLY D 976 -12.55 -34.72 -10.56
C GLY D 976 -11.27 -34.11 -11.06
N LEU D 977 -10.38 -34.95 -11.62
CA LEU D 977 -9.10 -34.41 -12.09
C LEU D 977 -9.31 -33.43 -13.23
N ASN D 978 -10.22 -33.76 -14.16
CA ASN D 978 -10.48 -32.84 -15.27
C ASN D 978 -11.05 -31.52 -14.74
N TYR D 979 -11.98 -31.62 -13.80
CA TYR D 979 -12.51 -30.44 -13.13
C TYR D 979 -11.39 -29.56 -12.61
N PHE D 980 -10.46 -30.16 -11.87
CA PHE D 980 -9.44 -29.34 -11.23
C PHE D 980 -8.54 -28.67 -12.26
N THR D 981 -8.15 -29.39 -13.31
CA THR D 981 -7.25 -28.75 -14.27
C THR D 981 -7.92 -27.58 -14.96
N GLY D 982 -9.22 -27.73 -15.28
CA GLY D 982 -9.93 -26.60 -15.85
C GLY D 982 -9.97 -25.41 -14.91
N VAL D 983 -10.28 -25.67 -13.63
CA VAL D 983 -10.37 -24.58 -12.67
C VAL D 983 -9.03 -23.88 -12.53
N PHE D 984 -7.94 -24.66 -12.54
CA PHE D 984 -6.61 -24.08 -12.42
C PHE D 984 -6.33 -23.11 -13.57
N ALA D 985 -6.61 -23.55 -14.80
CA ALA D 985 -6.33 -22.68 -15.95
C ALA D 985 -7.17 -21.40 -15.88
N PHE D 986 -8.45 -21.54 -15.58
CA PHE D 986 -9.32 -20.37 -15.46
C PHE D 986 -8.77 -19.39 -14.42
N SER D 987 -8.44 -19.90 -13.24
CA SER D 987 -8.01 -19.03 -12.16
C SER D 987 -6.73 -18.29 -12.53
N VAL D 988 -5.77 -18.98 -13.14
CA VAL D 988 -4.55 -18.27 -13.51
C VAL D 988 -4.85 -17.19 -14.55
N MET D 989 -5.86 -17.43 -15.40
CA MET D 989 -6.23 -16.38 -16.35
C MET D 989 -6.70 -15.11 -15.63
N ILE D 990 -7.63 -15.27 -14.68
CA ILE D 990 -8.07 -14.08 -13.95
C ILE D 990 -6.91 -13.44 -13.21
N GLY D 991 -6.01 -14.25 -12.66
CA GLY D 991 -4.86 -13.69 -11.97
C GLY D 991 -4.04 -12.79 -12.88
N GLN D 992 -3.74 -13.28 -14.09
CA GLN D 992 -2.98 -12.46 -15.03
C GLN D 992 -3.72 -11.18 -15.39
N MET D 993 -5.04 -11.28 -15.56
CA MET D 993 -5.82 -10.11 -15.95
C MET D 993 -5.74 -9.03 -14.88
N ARG D 994 -5.96 -9.40 -13.61
CA ARG D 994 -5.89 -8.41 -12.54
C ARG D 994 -4.47 -7.87 -12.40
N ASP D 995 -3.47 -8.74 -12.58
CA ASP D 995 -2.09 -8.29 -12.63
C ASP D 995 -1.92 -7.12 -13.60
N VAL D 996 -2.34 -7.33 -14.84
CA VAL D 996 -2.12 -6.31 -15.87
C VAL D 996 -2.90 -5.05 -15.57
N VAL D 997 -4.16 -5.18 -15.15
CA VAL D 997 -4.97 -3.99 -14.89
C VAL D 997 -4.36 -3.15 -13.78
N GLY D 998 -3.97 -3.81 -12.68
CA GLY D 998 -3.38 -3.08 -11.58
C GLY D 998 -2.05 -2.43 -11.94
N ALA D 999 -1.17 -3.19 -12.61
CA ALA D 999 0.11 -2.63 -13.00
C ALA D 999 -0.05 -1.50 -14.00
N ALA D 1000 -1.15 -1.48 -14.75
CA ALA D 1000 -1.38 -0.40 -15.70
C ALA D 1000 -1.84 0.87 -14.99
N THR D 1001 -2.97 0.79 -14.29
CA THR D 1001 -3.54 1.99 -13.67
C THR D 1001 -2.88 2.21 -12.31
N ALA D 1002 -1.64 2.71 -12.35
CA ALA D 1002 -0.87 2.81 -11.12
C ALA D 1002 -0.92 4.18 -10.45
N GLY D 1003 -0.39 5.21 -11.11
CA GLY D 1003 -0.16 6.47 -10.45
C GLY D 1003 -1.38 7.37 -10.36
N GLN D 1004 -2.39 7.10 -11.16
CA GLN D 1004 -3.57 7.96 -11.23
C GLN D 1004 -4.33 7.96 -9.91
N THR D 1005 -4.45 6.78 -9.29
CA THR D 1005 -5.11 6.70 -7.99
C THR D 1005 -4.37 7.55 -6.97
N TYR D 1006 -3.04 7.48 -6.97
CA TYR D 1006 -2.26 8.32 -6.07
C TYR D 1006 -2.48 9.79 -6.38
N TYR D 1007 -2.64 10.10 -7.66
CA TYR D 1007 -2.84 11.48 -8.07
C TYR D 1007 -4.12 12.04 -7.47
N ARG D 1008 -5.25 11.34 -7.66
CA ARG D 1008 -6.45 11.78 -6.95
C ARG D 1008 -6.31 11.73 -5.44
N SER D 1009 -5.54 10.78 -4.91
CA SER D 1009 -5.37 10.75 -3.46
C SER D 1009 -4.78 12.06 -2.98
N CYS D 1010 -3.70 12.50 -3.62
CA CYS D 1010 -3.10 13.78 -3.28
C CYS D 1010 -4.12 14.91 -3.42
N MET D 1011 -4.81 14.95 -4.56
CA MET D 1011 -5.69 16.09 -4.84
C MET D 1011 -6.81 16.19 -3.82
N ASP D 1012 -7.54 15.10 -3.61
CA ASP D 1012 -8.70 15.20 -2.72
C ASP D 1012 -8.26 15.35 -1.27
N SER D 1013 -7.16 14.71 -0.88
CA SER D 1013 -6.63 14.94 0.46
C SER D 1013 -6.38 16.42 0.69
N THR D 1014 -5.63 17.05 -0.21
CA THR D 1014 -5.29 18.45 0.02
C THR D 1014 -6.49 19.36 -0.12
N VAL D 1015 -7.47 19.01 -0.96
CA VAL D 1015 -8.62 19.88 -1.08
C VAL D 1015 -9.48 19.82 0.17
N LYS D 1016 -9.67 18.63 0.75
CA LYS D 1016 -10.40 18.54 2.00
C LYS D 1016 -9.67 19.28 3.11
N TYR D 1017 -8.36 19.10 3.17
CA TYR D 1017 -7.57 19.81 4.17
C TYR D 1017 -7.80 21.30 3.99
N MET D 1018 -7.36 21.86 2.87
CA MET D 1018 -7.52 23.28 2.62
C MET D 1018 -8.94 23.74 2.93
N ASN D 1019 -9.92 22.87 2.72
CA ASN D 1019 -11.29 23.20 3.03
C ASN D 1019 -11.59 23.14 4.52
N PHE D 1020 -10.63 22.68 5.35
CA PHE D 1020 -10.93 22.62 6.78
C PHE D 1020 -11.23 23.99 7.38
N TYR D 1021 -10.84 25.09 6.72
CA TYR D 1021 -10.87 26.39 7.42
C TYR D 1021 -11.44 27.51 6.56
N LYS D 1022 -12.28 27.17 5.58
CA LYS D 1022 -13.12 28.16 4.90
C LYS D 1022 -12.30 29.32 4.32
N ILE D 1023 -11.51 29.00 3.30
CA ILE D 1023 -10.61 29.96 2.66
C ILE D 1023 -11.20 30.44 1.33
N PRO D 1024 -11.12 31.73 1.01
CA PRO D 1024 -11.81 32.26 -0.17
C PRO D 1024 -11.36 31.63 -1.48
N ARG D 1025 -12.28 31.64 -2.45
CA ARG D 1025 -12.25 30.75 -3.61
C ARG D 1025 -11.02 30.95 -4.49
N SER D 1026 -10.46 32.15 -4.50
CA SER D 1026 -9.38 32.46 -5.44
C SER D 1026 -8.26 31.44 -5.35
N VAL D 1027 -7.79 31.17 -4.14
CA VAL D 1027 -6.69 30.24 -3.98
C VAL D 1027 -7.10 28.83 -4.37
N GLN D 1028 -8.38 28.47 -4.21
CA GLN D 1028 -8.83 27.18 -4.71
C GLN D 1028 -8.59 27.08 -6.20
N ASN D 1029 -9.03 28.09 -6.95
CA ASN D 1029 -8.82 28.04 -8.38
C ASN D 1029 -7.34 27.99 -8.73
N ARG D 1030 -6.53 28.78 -8.02
CA ARG D 1030 -5.10 28.81 -8.30
C ARG D 1030 -4.47 27.45 -8.07
N VAL D 1031 -4.74 26.82 -6.93
CA VAL D 1031 -4.13 25.54 -6.63
C VAL D 1031 -4.61 24.48 -7.61
N LYS D 1032 -5.89 24.54 -7.99
CA LYS D 1032 -6.41 23.55 -8.93
C LYS D 1032 -5.69 23.62 -10.26
N THR D 1033 -5.62 24.82 -10.85
CA THR D 1033 -4.94 24.93 -12.13
C THR D 1033 -3.46 24.60 -12.01
N TRP D 1034 -2.84 24.94 -10.87
CA TRP D 1034 -1.44 24.60 -10.68
C TRP D 1034 -1.26 23.10 -10.77
N TYR D 1035 -2.07 22.35 -10.01
CA TYR D 1035 -1.97 20.91 -9.97
C TYR D 1035 -2.17 20.33 -11.36
N GLU D 1036 -3.18 20.82 -12.07
CA GLU D 1036 -3.46 20.28 -13.39
C GLU D 1036 -2.27 20.46 -14.31
N TYR D 1037 -1.73 21.68 -14.36
CA TYR D 1037 -0.62 21.93 -15.27
C TYR D 1037 0.59 21.10 -14.90
N THR D 1038 0.92 21.04 -13.61
CA THR D 1038 2.05 20.22 -13.17
C THR D 1038 1.86 18.78 -13.60
N TRP D 1039 0.70 18.20 -13.29
CA TRP D 1039 0.48 16.80 -13.57
C TRP D 1039 0.59 16.53 -15.07
N HIS D 1040 -0.01 17.39 -15.89
CA HIS D 1040 0.02 17.16 -17.32
C HIS D 1040 1.41 17.47 -17.87
N SER D 1041 1.78 16.74 -18.93
CA SER D 1041 2.98 17.00 -19.72
C SER D 1041 4.26 16.74 -18.93
N GLN D 1042 4.13 16.37 -17.67
CA GLN D 1042 5.29 16.04 -16.85
C GLN D 1042 5.24 14.62 -16.32
N GLY D 1043 4.08 14.16 -15.85
CA GLY D 1043 3.94 12.84 -15.31
C GLY D 1043 4.29 12.79 -13.84
N MET D 1044 5.51 13.19 -13.50
CA MET D 1044 5.99 13.13 -12.13
C MET D 1044 5.54 14.38 -11.37
N LEU D 1045 5.98 14.50 -10.13
CA LEU D 1045 5.73 15.69 -9.33
C LEU D 1045 6.97 16.28 -8.69
N ASP D 1046 8.02 15.50 -8.48
CA ASP D 1046 9.28 16.02 -7.94
C ASP D 1046 10.39 15.08 -8.38
N GLU D 1047 11.16 15.50 -9.40
CA GLU D 1047 12.18 14.63 -9.95
C GLU D 1047 13.33 14.37 -9.00
N SER D 1048 13.42 15.11 -7.89
CA SER D 1048 14.50 14.88 -6.94
C SER D 1048 14.47 13.45 -6.41
N GLU D 1049 13.27 12.96 -6.07
CA GLU D 1049 13.15 11.65 -5.44
C GLU D 1049 13.57 10.52 -6.35
N LEU D 1050 13.63 10.75 -7.66
CA LEU D 1050 14.22 9.77 -8.54
C LEU D 1050 15.74 9.81 -8.47
N MET D 1051 16.30 11.01 -8.31
CA MET D 1051 17.75 11.16 -8.31
C MET D 1051 18.38 10.38 -7.17
N VAL D 1052 17.78 10.44 -5.98
CA VAL D 1052 18.36 9.77 -4.82
C VAL D 1052 18.39 8.26 -5.03
N GLN D 1053 17.29 7.68 -5.52
CA GLN D 1053 17.27 6.24 -5.72
C GLN D 1053 18.28 5.84 -6.78
N LEU D 1054 18.39 6.60 -7.86
CA LEU D 1054 19.36 6.23 -8.87
C LEU D 1054 20.78 6.47 -8.33
N PRO D 1055 21.76 5.75 -8.86
CA PRO D 1055 23.10 5.78 -8.28
C PRO D 1055 23.83 7.09 -8.44
N ASP D 1056 25.09 7.10 -7.98
CA ASP D 1056 25.99 8.21 -8.15
C ASP D 1056 26.84 7.98 -9.40
N LYS D 1057 27.65 8.98 -9.74
CA LYS D 1057 28.67 8.93 -10.78
C LYS D 1057 28.05 8.94 -12.18
N MET D 1058 26.73 8.80 -12.28
CA MET D 1058 26.08 9.12 -13.54
C MET D 1058 25.20 10.36 -13.44
N ARG D 1059 24.73 10.69 -12.24
CA ARG D 1059 24.04 11.96 -12.05
C ARG D 1059 24.94 13.12 -12.46
N LEU D 1060 26.24 13.00 -12.19
CA LEU D 1060 27.19 14.01 -12.65
C LEU D 1060 27.21 14.09 -14.17
N ASP D 1061 27.20 12.94 -14.84
CA ASP D 1061 27.20 12.96 -16.31
C ASP D 1061 25.93 13.61 -16.85
N LEU D 1062 24.79 13.31 -16.23
CA LEU D 1062 23.55 13.95 -16.65
C LEU D 1062 23.62 15.46 -16.48
N ALA D 1063 24.08 15.91 -15.32
CA ALA D 1063 24.13 17.35 -15.07
C ALA D 1063 25.12 18.04 -15.99
N ILE D 1064 26.23 17.38 -16.33
CA ILE D 1064 27.21 17.99 -17.23
C ILE D 1064 26.72 17.96 -18.67
N ASP D 1065 25.84 17.02 -19.03
CA ASP D 1065 25.24 17.06 -20.35
C ASP D 1065 24.07 18.03 -20.43
N VAL D 1066 23.54 18.49 -19.31
CA VAL D 1066 22.41 19.41 -19.35
C VAL D 1066 22.83 20.87 -19.15
N ASN D 1067 23.49 21.16 -18.03
CA ASN D 1067 23.69 22.56 -17.65
C ASN D 1067 25.15 23.00 -17.65
N TYR D 1068 25.89 22.65 -18.70
CA TYR D 1068 27.26 23.11 -18.84
C TYR D 1068 27.35 24.54 -19.36
N SER D 1069 26.56 24.83 -20.39
CA SER D 1069 26.76 26.05 -21.17
C SER D 1069 26.55 27.30 -20.33
N ILE D 1070 25.33 27.50 -19.82
CA ILE D 1070 24.94 28.78 -19.27
C ILE D 1070 25.83 29.16 -18.09
N VAL D 1071 26.21 28.18 -17.28
CA VAL D 1071 27.02 28.47 -16.10
C VAL D 1071 28.49 28.65 -16.49
N SER D 1072 29.06 27.72 -17.26
CA SER D 1072 30.48 27.84 -17.55
C SER D 1072 30.76 28.82 -18.69
N LYS D 1073 30.11 29.98 -18.64
CA LYS D 1073 30.45 31.11 -19.50
C LYS D 1073 30.44 32.45 -18.79
N VAL D 1074 29.74 32.59 -17.66
CA VAL D 1074 29.63 33.88 -17.00
C VAL D 1074 31.00 34.35 -16.54
N ALA D 1075 31.31 35.61 -16.82
CA ALA D 1075 32.63 36.14 -16.50
C ALA D 1075 32.86 36.24 -15.01
N LEU D 1076 31.80 36.39 -14.21
CA LEU D 1076 31.96 36.54 -12.77
C LEU D 1076 32.65 35.32 -12.18
N PHE D 1077 32.20 34.11 -12.56
CA PHE D 1077 32.81 32.86 -12.13
C PHE D 1077 33.71 32.26 -13.21
N GLN D 1078 34.37 33.09 -14.01
CA GLN D 1078 35.10 32.62 -15.17
C GLN D 1078 36.51 32.17 -14.81
N GLY D 1079 36.92 31.03 -15.37
CA GLY D 1079 38.32 30.63 -15.32
C GLY D 1079 38.84 30.21 -13.96
N CYS D 1080 38.39 29.08 -13.45
CA CYS D 1080 38.81 28.63 -12.13
C CYS D 1080 38.86 27.10 -12.12
N ASP D 1081 38.88 26.51 -10.93
CA ASP D 1081 38.94 25.06 -10.80
C ASP D 1081 37.67 24.42 -11.35
N ARG D 1082 37.84 23.61 -12.39
CA ARG D 1082 36.70 22.91 -12.96
C ARG D 1082 36.05 21.96 -11.97
N GLN D 1083 36.85 21.35 -11.10
CA GLN D 1083 36.35 20.36 -10.15
C GLN D 1083 35.66 21.00 -8.95
N MET D 1084 35.41 22.29 -9.00
CA MET D 1084 34.60 22.97 -7.99
C MET D 1084 33.16 23.15 -8.43
N ILE D 1085 32.94 23.53 -9.69
CA ILE D 1085 31.61 23.88 -10.16
C ILE D 1085 30.66 22.70 -10.10
N PHE D 1086 31.18 21.48 -9.97
CA PHE D 1086 30.33 20.31 -10.06
C PHE D 1086 29.34 20.23 -8.91
N ASP D 1087 29.81 20.42 -7.67
CA ASP D 1087 28.88 20.46 -6.53
C ASP D 1087 27.92 21.63 -6.66
N MET D 1088 28.44 22.78 -7.08
CA MET D 1088 27.63 23.97 -7.29
C MET D 1088 26.42 23.60 -8.13
N LEU D 1089 26.67 22.88 -9.23
CA LEU D 1089 25.60 22.37 -10.07
C LEU D 1089 24.73 21.37 -9.32
N LYS D 1090 25.35 20.41 -8.63
CA LYS D 1090 24.58 19.33 -8.03
C LYS D 1090 23.50 19.86 -7.11
N ARG D 1091 23.73 21.01 -6.50
CA ARG D 1091 22.70 21.63 -5.68
C ARG D 1091 22.03 22.75 -6.45
N LEU D 1092 20.93 22.40 -7.12
CA LEU D 1092 20.07 23.32 -7.86
C LEU D 1092 18.64 22.79 -7.77
N ARG D 1093 17.66 23.68 -7.96
CA ARG D 1093 16.28 23.28 -7.76
C ARG D 1093 15.35 24.08 -8.66
N SER D 1094 14.38 23.38 -9.24
CA SER D 1094 13.46 23.96 -10.21
C SER D 1094 12.26 24.59 -9.51
N VAL D 1095 11.52 25.40 -10.27
CA VAL D 1095 10.29 26.02 -9.78
C VAL D 1095 9.52 26.52 -10.99
N VAL D 1096 8.21 26.70 -10.83
CA VAL D 1096 7.33 27.13 -11.90
C VAL D 1096 6.38 28.19 -11.38
N TYR D 1097 6.20 29.26 -12.13
CA TYR D 1097 5.29 30.34 -11.75
C TYR D 1097 4.08 30.35 -12.67
N LEU D 1098 3.17 31.29 -12.41
CA LEU D 1098 1.90 31.35 -13.12
C LEU D 1098 1.65 32.78 -13.61
N PRO D 1099 0.58 33.05 -14.37
CA PRO D 1099 0.37 34.41 -14.87
C PRO D 1099 0.26 35.45 -13.77
N ASN D 1100 0.81 36.65 -14.05
CA ASN D 1100 0.79 37.77 -13.11
C ASN D 1100 1.43 37.39 -11.78
N ASP D 1101 2.70 37.05 -11.84
CA ASP D 1101 3.44 36.57 -10.67
C ASP D 1101 4.56 37.55 -10.36
N TYR D 1102 4.42 38.28 -9.26
CA TYR D 1102 5.57 38.99 -8.71
C TYR D 1102 6.67 37.99 -8.38
N VAL D 1103 7.90 38.35 -8.70
CA VAL D 1103 9.05 37.59 -8.22
C VAL D 1103 10.07 38.46 -7.51
N CYS D 1104 10.14 39.75 -7.78
CA CYS D 1104 11.10 40.65 -7.16
C CYS D 1104 10.42 41.93 -6.73
N LYS D 1105 9.28 41.80 -6.03
CA LYS D 1105 8.55 42.94 -5.52
C LYS D 1105 9.50 43.95 -4.89
N LYS D 1106 9.53 45.16 -5.44
CA LYS D 1106 10.55 46.12 -5.09
C LYS D 1106 10.42 46.56 -3.64
N GLY D 1107 11.56 46.76 -2.98
CA GLY D 1107 11.58 47.06 -1.57
C GLY D 1107 11.77 45.87 -0.66
N GLU D 1108 12.32 44.76 -1.17
CA GLU D 1108 12.58 43.57 -0.38
C GLU D 1108 14.03 43.14 -0.58
N ILE D 1109 14.45 42.11 0.16
CA ILE D 1109 15.87 41.84 0.34
C ILE D 1109 16.42 40.94 -0.75
N GLY D 1110 15.93 39.70 -0.82
CA GLY D 1110 16.37 38.79 -1.86
C GLY D 1110 17.73 38.16 -1.60
N ARG D 1111 17.86 36.87 -1.87
CA ARG D 1111 19.10 36.13 -1.63
C ARG D 1111 19.34 35.11 -2.74
N GLU D 1112 18.96 35.41 -3.97
CA GLU D 1112 18.85 34.36 -4.96
C GLU D 1112 19.21 34.86 -6.35
N MET D 1113 19.80 33.96 -7.14
CA MET D 1113 20.20 34.19 -8.53
C MET D 1113 19.35 33.31 -9.45
N TYR D 1114 18.38 33.90 -10.13
CA TYR D 1114 17.51 33.15 -11.01
C TYR D 1114 18.21 32.81 -12.31
N ILE D 1115 17.61 31.89 -13.06
CA ILE D 1115 18.12 31.47 -14.35
C ILE D 1115 16.99 30.82 -15.13
N ILE D 1116 16.92 31.08 -16.43
CA ILE D 1116 15.77 30.74 -17.25
C ILE D 1116 16.10 29.52 -18.09
N GLN D 1117 15.16 28.58 -18.17
CA GLN D 1117 15.31 27.38 -18.99
C GLN D 1117 14.36 27.34 -20.16
N ALA D 1118 13.08 27.64 -19.96
CA ALA D 1118 12.12 27.66 -21.07
C ALA D 1118 10.95 28.57 -20.67
N GLY D 1119 10.98 29.80 -21.17
CA GLY D 1119 9.93 30.75 -20.84
C GLY D 1119 10.30 32.13 -21.33
N GLN D 1120 9.71 33.14 -20.69
CA GLN D 1120 10.03 34.53 -21.01
C GLN D 1120 9.50 35.46 -19.93
N VAL D 1121 10.33 36.35 -19.43
CA VAL D 1121 9.96 37.24 -18.34
C VAL D 1121 10.35 38.67 -18.70
N GLN D 1122 9.61 39.62 -18.16
CA GLN D 1122 9.76 41.03 -18.51
C GLN D 1122 10.35 41.80 -17.34
N VAL D 1123 11.43 42.53 -17.59
CA VAL D 1123 11.95 43.46 -16.61
C VAL D 1123 11.02 44.67 -16.64
N LEU D 1124 10.09 44.71 -15.70
CA LEU D 1124 9.09 45.76 -15.69
C LEU D 1124 9.66 47.03 -15.06
N GLY D 1125 8.93 48.12 -15.23
CA GLY D 1125 9.34 49.40 -14.66
C GLY D 1125 8.25 50.06 -13.85
N GLY D 1126 7.46 49.26 -13.13
CA GLY D 1126 6.46 49.81 -12.24
C GLY D 1126 5.06 49.38 -12.60
N PRO D 1127 4.11 49.58 -11.68
CA PRO D 1127 2.72 49.22 -11.96
C PRO D 1127 2.09 50.05 -13.06
N ASP D 1128 2.70 51.19 -13.41
CA ASP D 1128 2.15 52.09 -14.40
C ASP D 1128 2.39 51.51 -15.79
N GLY D 1129 2.20 52.33 -16.82
CA GLY D 1129 2.56 51.96 -18.18
C GLY D 1129 3.83 51.16 -18.20
N LYS D 1130 3.78 49.96 -18.78
CA LYS D 1130 4.84 48.99 -18.60
C LYS D 1130 6.15 49.49 -19.20
N SER D 1131 7.08 49.90 -18.34
CA SER D 1131 8.40 50.29 -18.78
C SER D 1131 9.20 49.04 -19.10
N VAL D 1132 8.74 48.27 -20.08
CA VAL D 1132 9.35 46.99 -20.37
C VAL D 1132 10.64 47.24 -21.13
N LEU D 1133 11.73 47.38 -20.38
CA LEU D 1133 13.01 47.67 -21.00
C LEU D 1133 13.46 46.52 -21.87
N VAL D 1134 13.28 45.28 -21.41
CA VAL D 1134 13.65 44.10 -22.18
C VAL D 1134 12.92 42.91 -21.58
N THR D 1135 12.77 41.87 -22.37
CA THR D 1135 12.27 40.58 -21.90
C THR D 1135 13.25 39.50 -22.32
N LEU D 1136 13.91 38.88 -21.34
CA LEU D 1136 14.90 37.87 -21.65
C LEU D 1136 14.23 36.60 -22.14
N LYS D 1137 14.92 35.89 -23.03
CA LYS D 1137 14.32 34.78 -23.77
C LYS D 1137 14.67 33.42 -23.19
N ALA D 1138 15.96 33.08 -23.14
CA ALA D 1138 16.37 31.77 -22.69
C ALA D 1138 17.88 31.77 -22.50
N GLY D 1139 18.35 30.87 -21.65
CA GLY D 1139 19.77 30.79 -21.39
C GLY D 1139 20.36 32.09 -20.87
N SER D 1140 19.64 32.76 -20.00
CA SER D 1140 20.08 34.04 -19.45
C SER D 1140 20.12 33.95 -17.93
N VAL D 1141 20.79 34.92 -17.31
CA VAL D 1141 20.96 34.96 -15.87
C VAL D 1141 20.57 36.34 -15.36
N PHE D 1142 20.28 36.42 -14.07
CA PHE D 1142 19.64 37.60 -13.54
C PHE D 1142 19.88 37.66 -12.04
N GLY D 1143 20.19 38.86 -11.55
CA GLY D 1143 20.40 39.07 -10.12
C GLY D 1143 21.60 38.34 -9.56
N GLU D 1144 22.69 38.30 -10.32
CA GLU D 1144 23.85 37.49 -9.92
C GLU D 1144 24.66 38.16 -8.82
N ILE D 1145 24.75 39.48 -8.83
CA ILE D 1145 25.60 40.17 -7.85
C ILE D 1145 25.12 39.93 -6.43
N SER D 1146 23.83 39.72 -6.24
CA SER D 1146 23.26 39.60 -4.90
C SER D 1146 23.79 38.40 -4.14
N LEU D 1147 24.45 37.47 -4.80
CA LEU D 1147 25.04 36.32 -4.13
C LEU D 1147 26.40 36.61 -3.54
N LEU D 1148 26.91 37.83 -3.67
CA LEU D 1148 28.27 38.15 -3.24
C LEU D 1148 28.20 39.02 -1.98
N ALA D 1149 28.08 38.36 -0.83
CA ALA D 1149 28.28 38.93 0.49
C ALA D 1149 27.17 39.87 0.93
N VAL D 1150 26.27 40.23 0.02
CA VAL D 1150 25.10 41.03 0.34
C VAL D 1150 23.98 40.61 -0.60
N GLY D 1151 22.84 40.24 -0.04
CA GLY D 1151 21.74 39.81 -0.88
C GLY D 1151 20.87 40.94 -1.35
N GLY D 1152 21.12 41.42 -2.57
CA GLY D 1152 20.30 42.46 -3.15
C GLY D 1152 20.35 43.79 -2.44
N GLY D 1153 21.39 44.04 -1.64
CA GLY D 1153 21.58 45.33 -1.01
C GLY D 1153 20.39 45.81 -0.22
N ASN D 1154 19.67 44.89 0.42
CA ASN D 1154 18.50 45.18 1.24
C ASN D 1154 17.38 45.87 0.46
N ARG D 1155 17.50 45.95 -0.86
CA ARG D 1155 16.43 46.47 -1.72
C ARG D 1155 16.75 46.05 -3.14
N ARG D 1156 15.84 45.29 -3.77
CA ARG D 1156 16.13 44.72 -5.07
C ARG D 1156 16.20 45.80 -6.15
N THR D 1157 16.76 45.43 -7.28
CA THR D 1157 17.04 46.35 -8.38
C THR D 1157 15.76 46.95 -8.97
N ALA D 1158 14.91 46.13 -9.57
CA ALA D 1158 13.72 46.62 -10.25
C ALA D 1158 12.64 45.56 -10.24
N ASN D 1159 11.38 46.01 -10.32
CA ASN D 1159 10.24 45.11 -10.26
C ASN D 1159 10.23 44.15 -11.43
N VAL D 1160 9.75 42.94 -11.19
CA VAL D 1160 9.63 41.91 -12.22
C VAL D 1160 8.28 41.23 -12.06
N VAL D 1161 7.64 40.92 -13.20
CA VAL D 1161 6.43 40.09 -13.24
C VAL D 1161 6.57 39.14 -14.41
N ALA D 1162 5.68 38.14 -14.45
CA ALA D 1162 5.75 37.09 -15.45
C ALA D 1162 4.41 36.90 -16.14
N HIS D 1163 4.47 36.46 -17.40
CA HIS D 1163 3.26 36.25 -18.19
C HIS D 1163 2.44 35.08 -17.68
N GLY D 1164 3.08 34.06 -17.13
CA GLY D 1164 2.46 32.76 -17.04
C GLY D 1164 3.42 31.68 -16.58
N PHE D 1165 3.51 30.61 -17.34
CA PHE D 1165 4.31 29.45 -16.96
C PHE D 1165 5.74 29.66 -17.42
N THR D 1166 6.68 29.58 -16.47
CA THR D 1166 8.04 30.07 -16.65
C THR D 1166 9.11 28.98 -16.56
N ASN D 1167 9.11 28.18 -15.49
CA ASN D 1167 10.08 27.10 -15.31
C ASN D 1167 11.52 27.62 -15.32
N LEU D 1168 11.83 28.39 -14.29
CA LEU D 1168 13.18 28.90 -14.07
C LEU D 1168 13.81 28.20 -12.88
N PHE D 1169 15.10 27.93 -12.96
CA PHE D 1169 15.80 27.29 -11.85
C PHE D 1169 16.07 28.33 -10.75
N ILE D 1170 16.62 27.86 -9.63
CA ILE D 1170 16.88 28.69 -8.47
C ILE D 1170 18.21 28.26 -7.88
N LEU D 1171 18.94 29.21 -7.29
CA LEU D 1171 20.21 28.89 -6.66
C LEU D 1171 20.47 29.88 -5.54
N ASP D 1172 20.63 29.39 -4.31
CA ASP D 1172 20.72 30.25 -3.15
C ASP D 1172 22.18 30.55 -2.81
N LYS D 1173 22.42 31.12 -1.63
CA LYS D 1173 23.74 31.59 -1.19
C LYS D 1173 24.44 30.65 -0.23
N LYS D 1174 23.69 30.01 0.67
CA LYS D 1174 24.28 29.04 1.59
C LYS D 1174 25.10 28.01 0.82
N ASP D 1175 24.58 27.56 -0.32
CA ASP D 1175 25.37 26.69 -1.19
C ASP D 1175 26.67 27.36 -1.60
N LEU D 1176 26.62 28.65 -1.91
CA LEU D 1176 27.83 29.32 -2.36
C LEU D 1176 28.88 29.34 -1.27
N ASN D 1177 28.49 29.69 -0.05
CA ASN D 1177 29.47 29.76 1.03
C ASN D 1177 30.01 28.37 1.37
N GLU D 1178 29.13 27.35 1.38
CA GLU D 1178 29.60 26.01 1.71
C GLU D 1178 30.53 25.46 0.64
N ILE D 1179 30.22 25.67 -0.64
CA ILE D 1179 31.11 25.15 -1.67
C ILE D 1179 32.44 25.89 -1.63
N LEU D 1180 32.42 27.18 -1.32
CA LEU D 1180 33.68 27.90 -1.26
C LEU D 1180 34.48 27.56 -0.01
N VAL D 1181 33.83 27.07 1.05
CA VAL D 1181 34.62 26.64 2.20
C VAL D 1181 35.17 25.23 1.99
N HIS D 1182 34.44 24.37 1.27
CA HIS D 1182 35.02 23.09 0.86
C HIS D 1182 36.19 23.30 -0.08
N TYR D 1183 36.05 24.23 -1.02
CA TYR D 1183 37.12 24.55 -1.94
C TYR D 1183 37.56 25.98 -1.70
N PRO D 1184 38.34 26.25 -0.66
CA PRO D 1184 38.83 27.61 -0.40
C PRO D 1184 39.87 28.09 -1.39
N GLU D 1185 40.06 27.33 -2.47
CA GLU D 1185 41.01 27.72 -3.52
C GLU D 1185 40.64 29.06 -4.14
N SER D 1186 39.35 29.25 -4.42
CA SER D 1186 38.86 30.46 -5.08
C SER D 1186 38.07 31.35 -4.14
N GLN D 1187 37.94 30.97 -2.87
CA GLN D 1187 37.22 31.82 -1.93
C GLN D 1187 37.89 33.18 -1.81
N LYS D 1188 39.22 33.20 -1.78
CA LYS D 1188 39.91 34.47 -1.64
C LYS D 1188 39.70 35.36 -2.85
N LEU D 1189 39.65 34.78 -4.05
CA LEU D 1189 39.48 35.64 -5.23
C LEU D 1189 38.06 36.19 -5.31
N LEU D 1190 37.05 35.33 -5.07
CA LEU D 1190 35.68 35.85 -5.01
C LEU D 1190 35.53 36.90 -3.92
N ARG D 1191 36.18 36.67 -2.77
CA ARG D 1191 36.15 37.61 -1.65
C ARG D 1191 36.77 38.95 -2.04
N LYS D 1192 37.93 38.91 -2.69
CA LYS D 1192 38.59 40.12 -3.16
C LYS D 1192 37.69 40.89 -4.12
N LYS D 1193 37.02 40.19 -5.03
CA LYS D 1193 36.05 40.87 -5.89
C LYS D 1193 34.97 41.52 -5.04
N ALA D 1194 34.53 40.84 -3.97
CA ALA D 1194 33.48 41.39 -3.12
C ALA D 1194 33.90 42.69 -2.42
N ARG D 1195 35.09 42.70 -1.81
CA ARG D 1195 35.58 43.97 -1.26
C ARG D 1195 35.80 45.03 -2.33
N ARG D 1196 36.30 44.67 -3.50
CA ARG D 1196 36.48 45.71 -4.50
C ARG D 1196 35.12 46.31 -4.88
N MET D 1197 34.10 45.45 -4.98
CA MET D 1197 32.76 45.94 -5.30
C MET D 1197 32.20 46.82 -4.20
N LEU D 1198 32.37 46.44 -2.94
CA LEU D 1198 31.83 47.29 -1.87
C LEU D 1198 32.60 48.60 -1.77
N ARG D 1199 33.91 48.56 -2.05
CA ARG D 1199 34.72 49.78 -2.00
C ARG D 1199 34.47 50.69 -3.18
N ASN D 1200 34.00 50.16 -4.31
CA ASN D 1200 33.58 50.99 -5.42
C ASN D 1200 32.08 51.26 -5.43
N ASN D 1201 31.34 50.70 -4.48
CA ASN D 1201 29.92 50.97 -4.38
C ASN D 1201 29.61 52.32 -3.75
N ASN D 1202 30.55 52.90 -3.01
CA ASN D 1202 30.30 54.14 -2.28
C ASN D 1202 30.86 55.37 -2.99
N LYS D 1203 32.17 55.40 -3.21
CA LYS D 1203 32.78 56.63 -3.72
C LYS D 1203 32.66 56.80 -5.24
N PRO D 1204 32.90 55.76 -6.09
CA PRO D 1204 32.66 55.96 -7.52
C PRO D 1204 31.32 55.43 -7.98
N LYS D 1205 30.98 55.65 -9.24
CA LYS D 1205 29.81 55.05 -9.86
C LYS D 1205 30.16 53.75 -10.57
N GLU D 1206 31.11 53.80 -11.50
CA GLU D 1206 31.67 52.63 -12.18
C GLU D 1206 30.56 51.85 -12.90
N LYS D 1207 30.03 52.48 -13.95
CA LYS D 1207 29.00 51.82 -14.74
C LYS D 1207 29.54 50.56 -15.41
N SER D 1208 30.43 50.72 -16.41
CA SER D 1208 30.97 49.55 -17.12
C SER D 1208 32.44 49.70 -17.45
N VAL D 1209 33.22 50.39 -16.62
CA VAL D 1209 34.61 50.72 -16.93
C VAL D 1209 35.59 49.92 -16.08
N LEU D 1210 35.29 49.74 -14.79
CA LEU D 1210 36.22 49.11 -13.85
C LEU D 1210 35.59 47.89 -13.19
N ILE D 1211 34.59 47.30 -13.81
CA ILE D 1211 33.86 46.17 -13.24
C ILE D 1211 34.73 44.92 -13.19
N LEU D 1212 35.17 44.45 -14.35
CA LEU D 1212 35.86 43.16 -14.41
C LEU D 1212 37.35 43.23 -14.09
N PRO D 1213 38.15 44.05 -14.78
CA PRO D 1213 39.62 43.89 -14.73
C PRO D 1213 40.16 43.90 -13.31
N PRO D 1214 39.65 44.76 -12.39
CA PRO D 1214 40.11 44.63 -11.01
C PRO D 1214 39.41 43.52 -10.26
N ARG D 1215 38.13 43.28 -10.56
CA ARG D 1215 37.43 42.17 -9.94
C ARG D 1215 37.89 40.84 -10.52
N ALA D 1216 37.65 40.64 -11.82
CA ALA D 1216 38.05 39.40 -12.47
C ALA D 1216 39.56 39.24 -12.54
N GLY D 1217 40.32 40.29 -12.30
CA GLY D 1217 41.76 40.14 -12.19
C GLY D 1217 42.18 39.36 -10.96
N THR D 1218 41.47 39.55 -9.86
CA THR D 1218 41.83 38.88 -8.62
C THR D 1218 41.73 37.34 -8.68
N PRO D 1219 40.87 36.73 -9.49
CA PRO D 1219 40.94 35.28 -9.64
C PRO D 1219 42.31 34.74 -10.00
N LYS D 1220 43.07 35.45 -10.84
CA LYS D 1220 44.32 34.94 -11.38
C LYS D 1220 45.33 34.58 -10.31
N LEU D 1221 45.80 35.57 -9.54
CA LEU D 1221 46.86 35.32 -8.58
C LEU D 1221 46.34 34.62 -7.33
N PHE D 1222 45.07 34.83 -6.96
CA PHE D 1222 44.55 34.34 -5.70
C PHE D 1222 44.60 32.82 -5.61
N ASN D 1223 43.82 32.14 -6.47
CA ASN D 1223 43.85 30.69 -6.43
C ASN D 1223 45.20 30.14 -6.85
N ALA D 1224 46.00 30.92 -7.57
CA ALA D 1224 47.36 30.51 -7.86
C ALA D 1224 48.19 30.34 -6.60
N ALA D 1225 47.74 30.91 -5.49
CA ALA D 1225 48.42 30.77 -4.21
C ALA D 1225 47.97 29.56 -3.42
N LEU D 1226 47.14 28.71 -4.01
CA LEU D 1226 46.72 27.46 -3.36
C LEU D 1226 47.94 26.61 -2.97
#